data_8FFO
#
_entry.id   8FFO
#
_cell.length_a   1.00
_cell.length_b   1.00
_cell.length_c   1.00
_cell.angle_alpha   90.00
_cell.angle_beta   90.00
_cell.angle_gamma   90.00
#
_symmetry.space_group_name_H-M   'P 1'
#
loop_
_entity.id
_entity.type
_entity.pdbx_description
1 polymer 'Transient receptor potential cation channel subfamily V member 5'
2 non-polymer ERGOSTEROL
3 non-polymer 1-PALMITOYL-2-LINOLEOYL-SN-GLYCERO-3-PHOSPHOCHOLINE
4 non-polymer '[(2R)-2-octanoyloxy-3-[oxidanyl-[(1R,2R,3S,4R,5R,6S)-2,3,6-tris(oxidanyl)-4,5-diphosphonooxy-cyclohexyl]oxy-phosphoryl]oxy-propyl] octanoate'
#
_entity_poly.entity_id   1
_entity_poly.type   'polypeptide(L)'
_entity_poly.pdbx_seq_one_letter_code
;MGACPPKAKGPWAQLQKLLISWPVGEQDWEQYRDRVNMLQQERIRDSPLLQAAKENDLRLLKILLLNQSCDFQQRGAVGE
TALHVAALYDNLEAATLLMEAAPELAKEPALCEPFVGQTALHIAVMNQNLNLVRALLARGASVSARATGAAFRRSPHNLI
YYGEHPLSFAACVGSEEIVRLLIEHGADIRAQDSLGNTVLHILILQPNKTFACQMYNLLLSYDEHSDHLQSLELVPNHQG
LTPFKLAGVEGNTVMFQHLMQKRKHVQWTCGPLTSTLYDLTEIDSWGEELSFLELVVSSKKREARQILEQTPVKELVSFK
WKKYGRPYFCVLASLYILYMICFTTCCIYRPLKLRDDNRTDPRDITILQQKLLQEAYVTHQDNIRLVGELVTVTGAVIIL
LLEIPDIFRVGASRYFGQTILGGPFHVIIITYASLVLLTMVMRLTNMNGEVVPLSFALVLGWCSVMYFARGFQMLGPFTI
MIQKMIFGDLMRFCWLMAVVILGFASAFHITFQTEDPNNLGEFSDYPTALFSTFELFLTIIDGPANYSVDLPFMYCITYA
AFAIIATLLMLNLFIAMMGDTHWRVAQERDELWRAQVVATTVMLERKMPRFLWPRSGICGYEYGLGDRWFLRVENHHDQN
PLRVLRYVEAFKCSDKEDGQEQLSEKRPSTVESGMLSRASVAFQTPSLSRTTSQSSNSHRGWEILRRNTLGHLNLGLDLG
EGDGEEVYHFTETSQVAPA
;
_entity_poly.pdbx_strand_id   A,B,C,D
#
# COMPACT_ATOMS: atom_id res chain seq x y z
N TRP A 29 39.01 -6.57 -16.81
CA TRP A 29 39.40 -7.75 -16.06
C TRP A 29 40.04 -7.34 -14.73
N GLU A 30 39.35 -7.69 -13.63
CA GLU A 30 39.79 -7.27 -12.31
C GLU A 30 41.03 -7.99 -11.84
N GLN A 31 41.21 -9.26 -12.21
CA GLN A 31 42.36 -10.03 -11.75
C GLN A 31 43.65 -9.60 -12.40
N TYR A 32 43.58 -8.92 -13.54
CA TYR A 32 44.77 -8.32 -14.14
C TYR A 32 45.08 -6.96 -13.54
N ARG A 33 44.03 -6.18 -13.24
CA ARG A 33 44.23 -4.84 -12.67
C ARG A 33 44.76 -4.93 -11.23
N ASP A 34 44.29 -5.91 -10.47
CA ASP A 34 44.82 -6.13 -9.12
C ASP A 34 46.28 -6.55 -9.17
N ARG A 35 46.65 -7.41 -10.13
CA ARG A 35 48.03 -7.81 -10.30
C ARG A 35 48.91 -6.63 -10.70
N VAL A 36 48.39 -5.76 -11.59
CA VAL A 36 49.11 -4.57 -12.01
C VAL A 36 49.34 -3.62 -10.85
N ASN A 37 48.30 -3.40 -10.03
CA ASN A 37 48.44 -2.51 -8.88
C ASN A 37 49.39 -3.08 -7.82
N MET A 38 49.33 -4.39 -7.57
CA MET A 38 50.24 -4.99 -6.59
C MET A 38 51.68 -4.99 -7.07
N LEU A 39 51.89 -5.23 -8.38
CA LEU A 39 53.24 -5.13 -8.93
C LEU A 39 53.76 -3.70 -8.92
N GLN A 40 52.87 -2.73 -9.14
CA GLN A 40 53.25 -1.32 -9.05
C GLN A 40 53.66 -0.94 -7.64
N GLN A 41 52.91 -1.39 -6.63
CA GLN A 41 53.28 -1.11 -5.25
C GLN A 41 54.55 -1.84 -4.85
N GLU A 42 54.77 -3.06 -5.36
CA GLU A 42 56.02 -3.78 -5.09
C GLU A 42 57.21 -3.08 -5.71
N ARG A 43 57.07 -2.58 -6.94
CA ARG A 43 58.17 -1.86 -7.58
C ARG A 43 58.41 -0.50 -6.93
N ILE A 44 57.36 0.11 -6.37
CA ILE A 44 57.56 1.35 -5.62
C ILE A 44 58.32 1.08 -4.32
N ARG A 45 57.91 0.04 -3.59
CA ARG A 45 58.56 -0.24 -2.31
C ARG A 45 59.92 -0.91 -2.46
N ASP A 46 60.27 -1.41 -3.64
CA ASP A 46 61.58 -2.02 -3.84
C ASP A 46 62.65 -0.95 -4.10
N SER A 47 62.38 -0.03 -5.01
CA SER A 47 63.35 1.02 -5.32
C SER A 47 63.37 2.05 -4.19
N PRO A 48 64.56 2.55 -3.82
CA PRO A 48 64.62 3.55 -2.74
C PRO A 48 64.15 4.92 -3.17
N LEU A 49 64.31 5.24 -4.47
CA LEU A 49 63.89 6.54 -4.99
C LEU A 49 62.37 6.64 -5.03
N LEU A 50 61.69 5.58 -5.47
CA LEU A 50 60.23 5.58 -5.51
C LEU A 50 59.63 5.57 -4.11
N GLN A 51 60.29 4.86 -3.18
CA GLN A 51 59.84 4.87 -1.79
C GLN A 51 60.05 6.22 -1.13
N ALA A 52 61.16 6.91 -1.45
CA ALA A 52 61.39 8.25 -0.93
C ALA A 52 60.41 9.26 -1.53
N ALA A 53 60.04 9.09 -2.80
CA ALA A 53 59.05 9.98 -3.40
C ALA A 53 57.65 9.70 -2.89
N LYS A 54 57.36 8.44 -2.51
CA LYS A 54 56.04 8.09 -2.03
C LYS A 54 55.77 8.67 -0.64
N GLU A 55 56.73 8.52 0.27
CA GLU A 55 56.55 8.92 1.66
C GLU A 55 56.92 10.38 1.92
N ASN A 56 57.26 11.13 0.87
CA ASN A 56 57.77 12.51 0.95
C ASN A 56 59.00 12.60 1.85
N ASP A 57 59.88 11.62 1.74
CA ASP A 57 61.10 11.56 2.52
C ASP A 57 62.12 12.46 1.83
N LEU A 58 62.37 13.63 2.41
CA LEU A 58 63.24 14.61 1.77
C LEU A 58 64.71 14.22 1.90
N ARG A 59 65.09 13.60 3.02
CA ARG A 59 66.50 13.30 3.28
C ARG A 59 67.03 12.22 2.34
N LEU A 60 66.29 11.12 2.20
CA LEU A 60 66.73 10.04 1.31
C LEU A 60 66.67 10.48 -0.15
N LEU A 61 65.69 11.31 -0.51
CA LEU A 61 65.59 11.85 -1.85
C LEU A 61 66.78 12.76 -2.18
N LYS A 62 67.17 13.62 -1.23
CA LYS A 62 68.33 14.50 -1.45
C LYS A 62 69.63 13.71 -1.51
N ILE A 63 69.74 12.65 -0.70
CA ILE A 63 70.92 11.79 -0.73
C ILE A 63 71.02 11.06 -2.07
N LEU A 64 69.90 10.54 -2.57
CA LEU A 64 69.91 9.82 -3.84
C LEU A 64 70.07 10.75 -5.04
N LEU A 65 69.61 11.99 -4.94
CA LEU A 65 69.74 12.93 -6.04
C LEU A 65 71.02 13.75 -5.99
N LEU A 66 71.78 13.69 -4.89
CA LEU A 66 73.09 14.33 -4.88
C LEU A 66 74.07 13.61 -5.80
N ASN A 67 74.14 12.29 -5.68
CA ASN A 67 75.02 11.47 -6.51
C ASN A 67 74.40 10.09 -6.66
N GLN A 68 74.85 9.37 -7.69
CA GLN A 68 74.36 8.01 -7.95
C GLN A 68 74.96 7.02 -6.95
N ASP A 71 69.43 5.70 -10.73
CA ASP A 71 69.07 6.23 -12.04
C ASP A 71 67.90 7.19 -11.96
N PHE A 72 67.96 8.27 -12.74
CA PHE A 72 66.88 9.24 -12.78
C PHE A 72 65.73 8.79 -13.66
N GLN A 73 65.95 7.79 -14.51
CA GLN A 73 64.94 7.33 -15.47
C GLN A 73 64.47 5.90 -15.19
N GLN A 74 64.62 5.44 -13.94
CA GLN A 74 64.11 4.12 -13.60
C GLN A 74 62.59 4.14 -13.54
N ARG A 75 61.97 3.03 -13.93
CA ARG A 75 60.52 2.95 -14.07
C ARG A 75 59.99 1.76 -13.28
N GLY A 76 58.73 1.87 -12.85
CA GLY A 76 58.08 0.84 -12.08
C GLY A 76 57.49 -0.26 -12.94
N ALA A 77 56.49 -0.94 -12.39
CA ALA A 77 55.85 -2.04 -13.11
C ALA A 77 54.98 -1.52 -14.25
N VAL A 78 54.46 -0.31 -14.13
CA VAL A 78 53.63 0.28 -15.17
C VAL A 78 54.40 1.28 -16.02
N GLY A 79 55.72 1.31 -15.89
CA GLY A 79 56.53 2.25 -16.64
C GLY A 79 56.51 3.67 -16.13
N GLU A 80 55.93 3.91 -14.96
CA GLU A 80 55.87 5.26 -14.42
C GLU A 80 57.20 5.66 -13.81
N THR A 81 57.56 6.93 -13.97
CA THR A 81 58.82 7.44 -13.44
C THR A 81 58.65 7.85 -11.98
N ALA A 82 59.70 8.42 -11.41
CA ALA A 82 59.65 8.86 -10.01
C ALA A 82 58.76 10.10 -9.85
N LEU A 83 58.64 10.91 -10.89
CA LEU A 83 57.77 12.09 -10.84
C LEU A 83 56.30 11.68 -10.81
N HIS A 84 55.95 10.58 -11.47
CA HIS A 84 54.59 10.05 -11.39
C HIS A 84 54.26 9.56 -9.99
N VAL A 85 55.24 8.96 -9.31
CA VAL A 85 55.05 8.53 -7.93
C VAL A 85 54.93 9.74 -7.00
N ALA A 86 55.72 10.79 -7.27
CA ALA A 86 55.65 12.00 -6.45
C ALA A 86 54.34 12.74 -6.66
N ALA A 87 53.80 12.71 -7.88
CA ALA A 87 52.52 13.36 -8.16
C ALA A 87 51.33 12.52 -7.75
N LEU A 88 51.50 11.20 -7.61
CA LEU A 88 50.38 10.34 -7.24
C LEU A 88 50.00 10.50 -5.78
N TYR A 89 50.98 10.74 -4.92
CA TYR A 89 50.75 10.87 -3.49
C TYR A 89 50.70 12.32 -3.01
N ASP A 90 50.57 13.27 -3.96
CA ASP A 90 50.41 14.70 -3.70
C ASP A 90 51.57 15.29 -2.90
N ASN A 91 52.78 14.82 -3.15
CA ASN A 91 53.98 15.35 -2.50
C ASN A 91 54.57 16.42 -3.39
N LEU A 92 54.32 17.69 -3.03
CA LEU A 92 54.78 18.80 -3.85
C LEU A 92 56.28 19.01 -3.72
N GLU A 93 56.81 18.91 -2.48
CA GLU A 93 58.22 19.18 -2.24
C GLU A 93 59.11 18.12 -2.87
N ALA A 94 58.71 16.86 -2.78
CA ALA A 94 59.46 15.78 -3.42
C ALA A 94 59.38 15.89 -4.94
N ALA A 95 58.25 16.36 -5.47
CA ALA A 95 58.14 16.56 -6.92
C ALA A 95 59.04 17.70 -7.39
N THR A 96 59.13 18.78 -6.61
CA THR A 96 60.04 19.87 -6.98
C THR A 96 61.50 19.44 -6.87
N LEU A 97 61.83 18.60 -5.88
CA LEU A 97 63.18 18.07 -5.78
C LEU A 97 63.51 17.13 -6.95
N LEU A 98 62.55 16.32 -7.37
CA LEU A 98 62.75 15.46 -8.53
C LEU A 98 62.75 16.21 -9.84
N MET A 99 62.15 17.41 -9.89
CA MET A 99 62.20 18.24 -11.09
C MET A 99 63.37 19.20 -11.11
N GLU A 100 64.08 19.37 -9.99
CA GLU A 100 65.29 20.19 -9.99
C GLU A 100 66.40 19.56 -10.82
N ALA A 101 66.55 18.25 -10.73
CA ALA A 101 67.52 17.50 -11.53
C ALA A 101 66.79 16.64 -12.54
N ALA A 102 67.27 16.64 -13.79
CA ALA A 102 66.70 15.98 -14.96
C ALA A 102 65.23 16.34 -15.17
N PRO A 103 64.93 17.56 -15.66
CA PRO A 103 63.53 17.98 -15.81
C PRO A 103 62.76 17.25 -16.90
N GLU A 104 63.42 16.42 -17.73
CA GLU A 104 62.77 15.67 -18.80
C GLU A 104 61.77 14.65 -18.29
N LEU A 105 61.80 14.31 -17.00
CA LEU A 105 60.77 13.49 -16.38
C LEU A 105 59.39 14.16 -16.41
N ALA A 106 59.33 15.48 -16.60
CA ALA A 106 58.05 16.13 -16.82
C ALA A 106 57.43 15.73 -18.15
N LYS A 107 58.25 15.30 -19.13
CA LYS A 107 57.76 14.88 -20.44
C LYS A 107 57.83 13.38 -20.64
N GLU A 108 58.07 12.60 -19.59
CA GLU A 108 58.18 11.15 -19.73
C GLU A 108 56.83 10.50 -19.46
N PRO A 109 56.25 9.80 -20.43
CA PRO A 109 55.00 9.08 -20.17
C PRO A 109 55.24 7.63 -19.75
N ALA A 110 54.18 7.01 -19.24
CA ALA A 110 54.24 5.61 -18.88
C ALA A 110 54.20 4.73 -20.12
N LEU A 111 54.82 3.56 -20.03
CA LEU A 111 55.03 2.68 -21.18
C LEU A 111 54.51 1.28 -20.88
N CYS A 112 53.29 1.18 -20.38
CA CYS A 112 52.67 -0.12 -20.14
C CYS A 112 51.21 -0.06 -20.53
N GLU A 113 50.60 -1.24 -20.69
CA GLU A 113 49.26 -1.35 -21.26
C GLU A 113 48.13 -0.70 -20.44
N PRO A 114 47.99 -0.89 -19.12
CA PRO A 114 46.84 -0.25 -18.43
C PRO A 114 46.97 1.26 -18.28
N PHE A 115 48.17 1.82 -18.44
CA PHE A 115 48.36 3.27 -18.38
C PHE A 115 49.32 3.65 -19.51
N VAL A 116 48.76 3.97 -20.68
CA VAL A 116 49.54 4.39 -21.84
C VAL A 116 49.52 5.92 -21.90
N GLY A 117 50.71 6.52 -21.88
CA GLY A 117 50.82 7.95 -22.08
C GLY A 117 50.42 8.80 -20.89
N GLN A 118 50.19 8.21 -19.73
CA GLN A 118 49.82 8.99 -18.54
C GLN A 118 51.06 9.71 -18.01
N THR A 119 51.13 11.02 -18.27
CA THR A 119 52.25 11.81 -17.79
C THR A 119 51.99 12.26 -16.35
N ALA A 120 52.92 13.04 -15.80
CA ALA A 120 52.73 13.57 -14.45
C ALA A 120 51.68 14.67 -14.41
N LEU A 121 51.38 15.28 -15.56
CA LEU A 121 50.41 16.36 -15.62
C LEU A 121 49.00 15.85 -15.36
N HIS A 122 48.66 14.66 -15.88
CA HIS A 122 47.33 14.09 -15.66
C HIS A 122 47.10 13.76 -14.19
N ILE A 123 48.11 13.17 -13.54
CA ILE A 123 47.99 12.82 -12.13
C ILE A 123 48.01 14.07 -11.25
N ALA A 124 48.74 15.11 -11.68
CA ALA A 124 48.72 16.37 -10.94
C ALA A 124 47.37 17.08 -11.07
N VAL A 125 46.75 16.99 -12.23
CA VAL A 125 45.43 17.60 -12.43
C VAL A 125 44.36 16.83 -11.65
N MET A 126 44.44 15.49 -11.65
CA MET A 126 43.44 14.67 -10.96
C MET A 126 43.49 14.87 -9.45
N ASN A 127 44.68 15.09 -8.89
CA ASN A 127 44.79 15.39 -7.47
C ASN A 127 44.42 16.82 -7.12
N GLN A 128 44.15 17.66 -8.13
CA GLN A 128 43.72 19.07 -7.98
C GLN A 128 44.74 19.88 -7.20
N ASN A 129 46.02 19.66 -7.49
CA ASN A 129 47.12 20.40 -6.88
C ASN A 129 47.57 21.44 -7.90
N LEU A 130 47.18 22.71 -7.68
CA LEU A 130 47.43 23.77 -8.65
C LEU A 130 48.91 24.12 -8.74
N ASN A 131 49.63 24.06 -7.61
CA ASN A 131 51.05 24.38 -7.59
C ASN A 131 51.87 23.37 -8.38
N LEU A 132 51.51 22.09 -8.28
CA LEU A 132 52.21 21.05 -9.04
C LEU A 132 51.95 21.17 -10.53
N VAL A 133 50.71 21.53 -10.92
CA VAL A 133 50.38 21.75 -12.31
C VAL A 133 51.14 22.95 -12.87
N ARG A 134 51.23 24.03 -12.08
CA ARG A 134 51.98 25.21 -12.50
C ARG A 134 53.47 24.91 -12.62
N ALA A 135 54.02 24.11 -11.69
CA ALA A 135 55.43 23.72 -11.77
C ALA A 135 55.71 22.83 -12.97
N LEU A 136 54.79 21.91 -13.27
CA LEU A 136 54.96 21.03 -14.43
C LEU A 136 54.85 21.80 -15.74
N LEU A 137 53.96 22.79 -15.80
CA LEU A 137 53.86 23.62 -17.00
C LEU A 137 55.05 24.57 -17.13
N ALA A 138 55.64 24.99 -16.00
CA ALA A 138 56.87 25.77 -16.05
C ALA A 138 58.05 24.92 -16.50
N ARG A 139 58.08 23.64 -16.12
CA ARG A 139 59.14 22.75 -16.56
C ARG A 139 59.00 22.32 -18.03
N GLY A 140 57.84 22.54 -18.64
CA GLY A 140 57.64 22.21 -20.03
C GLY A 140 56.95 20.91 -20.31
N ALA A 141 55.98 20.50 -19.49
CA ALA A 141 55.27 19.26 -19.72
C ALA A 141 54.36 19.37 -20.93
N SER A 142 54.09 18.21 -21.55
CA SER A 142 53.25 18.17 -22.75
C SER A 142 51.80 18.40 -22.37
N VAL A 143 51.20 19.48 -22.90
CA VAL A 143 49.81 19.78 -22.61
C VAL A 143 48.86 19.03 -23.53
N SER A 144 49.38 18.40 -24.59
CA SER A 144 48.56 17.65 -25.54
C SER A 144 48.85 16.14 -25.47
N ALA A 145 49.43 15.67 -24.37
CA ALA A 145 49.71 14.25 -24.23
C ALA A 145 48.44 13.47 -23.97
N ARG A 146 48.27 12.37 -24.71
CA ARG A 146 47.06 11.55 -24.64
C ARG A 146 47.28 10.40 -23.67
N ALA A 147 46.32 10.19 -22.78
CA ALA A 147 46.34 9.08 -21.83
C ALA A 147 45.49 7.95 -22.42
N THR A 148 46.08 7.21 -23.35
CA THR A 148 45.38 6.21 -24.13
C THR A 148 45.41 4.82 -23.50
N GLY A 149 45.53 4.74 -22.18
CA GLY A 149 45.54 3.46 -21.52
C GLY A 149 44.16 2.84 -21.40
N ALA A 150 44.13 1.59 -20.93
CA ALA A 150 42.87 0.89 -20.77
C ALA A 150 42.10 1.40 -19.56
N ALA A 151 42.79 2.00 -18.59
CA ALA A 151 42.11 2.53 -17.41
C ALA A 151 41.39 3.85 -17.70
N PHE A 152 41.78 4.56 -18.76
CA PHE A 152 41.17 5.84 -19.08
C PHE A 152 40.04 5.73 -20.09
N ARG A 153 39.78 4.55 -20.64
CA ARG A 153 38.70 4.38 -21.59
C ARG A 153 37.35 4.36 -20.85
N ARG A 154 36.28 4.52 -21.62
CA ARG A 154 34.93 4.46 -21.08
C ARG A 154 34.48 3.00 -21.07
N SER A 155 34.34 2.44 -19.87
CA SER A 155 33.99 1.03 -19.71
C SER A 155 33.33 0.86 -18.35
N PRO A 156 32.51 -0.18 -18.17
CA PRO A 156 32.00 -0.48 -16.82
C PRO A 156 33.06 -0.90 -15.83
N HIS A 157 34.23 -1.36 -16.29
CA HIS A 157 35.34 -1.67 -15.39
C HIS A 157 35.88 -0.41 -14.74
N ASN A 158 36.00 0.68 -15.50
CA ASN A 158 36.52 1.93 -14.97
C ASN A 158 35.41 2.70 -14.26
N LEU A 159 35.70 3.20 -13.06
CA LEU A 159 34.70 3.93 -12.30
C LEU A 159 34.49 5.34 -12.85
N ILE A 160 35.50 5.93 -13.49
CA ILE A 160 35.42 7.29 -14.00
C ILE A 160 35.87 7.32 -15.45
N TYR A 161 35.20 8.14 -16.25
CA TYR A 161 35.61 8.42 -17.62
C TYR A 161 35.92 9.91 -17.69
N TYR A 162 37.19 10.25 -17.50
CA TYR A 162 37.63 11.64 -17.51
C TYR A 162 38.31 12.03 -18.82
N GLY A 163 38.32 11.15 -19.81
CA GLY A 163 38.98 11.44 -21.06
C GLY A 163 40.46 11.15 -21.04
N GLU A 164 41.15 11.73 -22.02
CA GLU A 164 42.57 11.49 -22.20
C GLU A 164 43.43 12.75 -22.11
N HIS A 165 43.00 13.85 -22.72
CA HIS A 165 43.76 15.08 -22.68
C HIS A 165 43.62 15.74 -21.30
N PRO A 166 44.67 16.43 -20.83
CA PRO A 166 44.61 17.04 -19.48
C PRO A 166 43.56 18.12 -19.33
N LEU A 167 43.14 18.77 -20.41
CA LEU A 167 42.03 19.71 -20.34
C LEU A 167 40.72 19.01 -20.01
N SER A 168 40.52 17.79 -20.51
CA SER A 168 39.35 17.01 -20.16
C SER A 168 39.35 16.63 -18.68
N PHE A 169 40.51 16.26 -18.14
CA PHE A 169 40.64 15.98 -16.72
C PHE A 169 40.36 17.22 -15.88
N ALA A 170 40.88 18.38 -16.32
CA ALA A 170 40.69 19.61 -15.57
C ALA A 170 39.24 20.09 -15.61
N ALA A 171 38.55 19.85 -16.74
CA ALA A 171 37.14 20.19 -16.81
C ALA A 171 36.28 19.24 -15.98
N CYS A 172 36.63 17.95 -15.97
CA CYS A 172 35.81 16.98 -15.26
C CYS A 172 36.01 17.01 -13.76
N VAL A 173 37.21 17.35 -13.28
CA VAL A 173 37.46 17.41 -11.84
C VAL A 173 36.70 18.58 -11.22
N GLY A 174 36.79 19.76 -11.82
CA GLY A 174 36.01 20.89 -11.35
C GLY A 174 36.82 22.03 -10.78
N SER A 175 38.03 22.23 -11.30
CA SER A 175 38.90 23.33 -10.88
C SER A 175 39.05 24.28 -12.06
N GLU A 176 38.48 25.48 -11.92
CA GLU A 176 38.52 26.45 -13.03
C GLU A 176 39.91 27.02 -13.23
N GLU A 177 40.69 27.14 -12.14
CA GLU A 177 42.04 27.69 -12.24
C GLU A 177 42.95 26.80 -13.07
N ILE A 178 42.82 25.48 -12.92
CA ILE A 178 43.61 24.55 -13.72
C ILE A 178 43.20 24.61 -15.18
N VAL A 179 41.89 24.81 -15.44
CA VAL A 179 41.40 24.94 -16.82
C VAL A 179 41.98 26.18 -17.48
N ARG A 180 41.95 27.31 -16.76
CA ARG A 180 42.52 28.55 -17.29
C ARG A 180 44.03 28.45 -17.48
N LEU A 181 44.71 27.78 -16.56
CA LEU A 181 46.16 27.61 -16.68
C LEU A 181 46.53 26.71 -17.85
N LEU A 182 45.74 25.67 -18.10
CA LEU A 182 46.03 24.79 -19.23
C LEU A 182 45.70 25.47 -20.56
N ILE A 183 44.60 26.22 -20.62
CA ILE A 183 44.21 26.90 -21.85
C ILE A 183 45.20 28.02 -22.19
N GLU A 184 45.65 28.76 -21.18
CA GLU A 184 46.62 29.84 -21.41
C GLU A 184 47.99 29.29 -21.80
N HIS A 185 48.30 28.04 -21.46
CA HIS A 185 49.56 27.42 -21.84
C HIS A 185 49.49 26.67 -23.16
N GLY A 186 48.33 26.61 -23.80
CA GLY A 186 48.21 26.07 -25.13
C GLY A 186 47.47 24.74 -25.28
N ALA A 187 46.56 24.40 -24.37
CA ALA A 187 45.76 23.20 -24.54
C ALA A 187 44.72 23.40 -25.63
N ASP A 188 44.50 22.35 -26.43
CA ASP A 188 43.53 22.41 -27.52
C ASP A 188 42.17 21.96 -27.00
N ILE A 189 41.18 22.85 -27.11
CA ILE A 189 39.83 22.54 -26.66
C ILE A 189 39.12 21.61 -27.65
N ARG A 190 39.57 21.57 -28.90
CA ARG A 190 38.93 20.78 -29.94
C ARG A 190 39.48 19.36 -30.03
N ALA A 191 40.38 18.98 -29.13
CA ALA A 191 41.00 17.66 -29.19
C ALA A 191 40.01 16.58 -28.79
N GLN A 192 40.11 15.42 -29.43
CA GLN A 192 39.22 14.30 -29.21
C GLN A 192 40.00 13.06 -28.82
N ASP A 193 39.38 12.20 -28.02
CA ASP A 193 40.01 10.98 -27.53
C ASP A 193 39.71 9.84 -28.51
N SER A 194 39.96 8.60 -28.08
CA SER A 194 39.80 7.43 -28.95
C SER A 194 38.33 7.19 -29.32
N LEU A 195 37.40 7.59 -28.46
CA LEU A 195 35.99 7.49 -28.78
C LEU A 195 35.49 8.68 -29.59
N GLY A 196 36.35 9.66 -29.88
CA GLY A 196 35.95 10.85 -30.59
C GLY A 196 35.30 11.93 -29.75
N ASN A 197 35.21 11.73 -28.44
CA ASN A 197 34.55 12.69 -27.56
C ASN A 197 35.43 13.93 -27.37
N THR A 198 34.82 15.11 -27.56
CA THR A 198 35.47 16.36 -27.19
C THR A 198 35.32 16.58 -25.69
N VAL A 199 35.82 17.72 -25.21
CA VAL A 199 35.79 18.00 -23.78
C VAL A 199 34.37 18.25 -23.30
N LEU A 200 33.48 18.74 -24.18
CA LEU A 200 32.08 18.94 -23.82
C LEU A 200 31.37 17.61 -23.64
N HIS A 201 31.70 16.61 -24.47
CA HIS A 201 31.11 15.29 -24.36
C HIS A 201 31.47 14.62 -23.04
N ILE A 202 32.73 14.74 -22.63
CA ILE A 202 33.15 14.16 -21.35
C ILE A 202 32.62 14.99 -20.19
N LEU A 203 32.36 16.28 -20.41
CA LEU A 203 31.74 17.10 -19.37
C LEU A 203 30.28 16.71 -19.14
N ILE A 204 29.57 16.33 -20.21
CA ILE A 204 28.16 15.95 -20.09
C ILE A 204 28.02 14.63 -19.32
N LEU A 205 28.94 13.69 -19.54
CA LEU A 205 28.84 12.35 -18.96
C LEU A 205 29.10 12.32 -17.45
N GLN A 206 29.55 13.42 -16.84
CA GLN A 206 29.86 13.43 -15.43
C GLN A 206 28.59 13.36 -14.59
N PRO A 207 28.64 12.70 -13.42
CA PRO A 207 27.46 12.63 -12.55
C PRO A 207 27.23 13.92 -11.76
N ASN A 208 28.29 14.67 -11.52
CA ASN A 208 28.18 15.96 -10.81
C ASN A 208 27.77 17.03 -11.81
N LYS A 209 26.45 17.09 -12.05
CA LYS A 209 25.89 17.93 -13.09
C LYS A 209 25.63 19.36 -12.65
N THR A 210 25.95 19.71 -11.40
CA THR A 210 25.74 21.08 -10.94
C THR A 210 26.86 22.01 -11.38
N PHE A 211 28.11 21.66 -11.03
CA PHE A 211 29.26 22.47 -11.43
C PHE A 211 29.64 22.23 -12.89
N ALA A 212 29.15 21.15 -13.50
CA ALA A 212 29.47 20.84 -14.88
C ALA A 212 28.85 21.86 -15.84
N CYS A 213 27.71 22.45 -15.48
CA CYS A 213 27.12 23.51 -16.28
C CYS A 213 28.00 24.76 -16.27
N GLN A 214 28.56 25.11 -15.11
CA GLN A 214 29.47 26.26 -15.03
C GLN A 214 30.77 26.00 -15.78
N MET A 215 31.28 24.76 -15.71
CA MET A 215 32.48 24.42 -16.48
C MET A 215 32.19 24.42 -17.98
N TYR A 216 31.00 23.99 -18.38
CA TYR A 216 30.57 24.06 -19.78
C TYR A 216 30.49 25.50 -20.26
N ASN A 217 29.95 26.39 -19.43
CA ASN A 217 29.86 27.80 -19.79
C ASN A 217 31.23 28.44 -19.88
N LEU A 218 32.15 28.05 -18.98
CA LEU A 218 33.52 28.56 -19.04
C LEU A 218 34.24 28.10 -20.30
N LEU A 219 34.08 26.82 -20.67
CA LEU A 219 34.74 26.32 -21.88
C LEU A 219 34.10 26.88 -23.14
N LEU A 220 32.79 27.17 -23.13
CA LEU A 220 32.19 27.84 -24.27
C LEU A 220 32.60 29.30 -24.36
N SER A 221 32.87 29.94 -23.22
CA SER A 221 33.39 31.29 -23.22
C SER A 221 34.82 31.33 -23.76
N TYR A 222 35.62 30.31 -23.44
CA TYR A 222 36.99 30.26 -23.95
C TYR A 222 37.05 29.83 -25.42
N ASP A 223 35.97 29.30 -25.97
CA ASP A 223 35.94 28.87 -27.36
C ASP A 223 35.44 30.01 -28.23
N GLU A 224 36.31 30.52 -29.11
CA GLU A 224 35.93 31.56 -30.05
C GLU A 224 36.38 31.20 -31.47
N LEU A 229 36.32 27.92 -38.29
CA LEU A 229 35.49 26.78 -38.68
C LEU A 229 34.20 26.75 -37.86
N GLN A 230 33.63 25.56 -37.68
CA GLN A 230 32.42 25.41 -36.91
C GLN A 230 32.72 25.56 -35.41
N SER A 231 31.65 25.76 -34.64
CA SER A 231 31.78 25.86 -33.19
C SER A 231 32.01 24.49 -32.58
N LEU A 232 32.39 24.48 -31.30
CA LEU A 232 32.61 23.23 -30.59
C LEU A 232 31.32 22.48 -30.30
N GLU A 233 30.18 23.18 -30.32
CA GLU A 233 28.89 22.55 -30.09
C GLU A 233 28.46 21.65 -31.25
N LEU A 234 29.00 21.86 -32.44
CA LEU A 234 28.61 21.10 -33.62
C LEU A 234 29.61 20.03 -34.01
N VAL A 235 30.55 19.70 -33.12
CA VAL A 235 31.58 18.70 -33.40
C VAL A 235 31.07 17.36 -32.88
N PRO A 236 30.85 16.37 -33.74
CA PRO A 236 30.36 15.06 -33.26
C PRO A 236 31.50 14.10 -32.95
N ASN A 237 31.15 13.06 -32.20
CA ASN A 237 32.09 11.99 -31.85
C ASN A 237 32.08 10.93 -32.95
N HIS A 238 32.69 9.78 -32.65
CA HIS A 238 32.75 8.70 -33.64
C HIS A 238 31.40 8.03 -33.82
N GLN A 239 30.54 8.06 -32.80
CA GLN A 239 29.20 7.51 -32.96
C GLN A 239 28.31 8.41 -33.79
N GLY A 240 28.63 9.70 -33.87
CA GLY A 240 27.85 10.65 -34.64
C GLY A 240 27.02 11.61 -33.83
N LEU A 241 27.24 11.72 -32.52
CA LEU A 241 26.37 12.51 -31.66
C LEU A 241 27.02 13.85 -31.34
N THR A 242 26.24 14.93 -31.49
CA THR A 242 26.63 16.24 -31.01
C THR A 242 26.51 16.27 -29.48
N PRO A 243 27.12 17.27 -28.82
CA PRO A 243 26.87 17.43 -27.37
C PRO A 243 25.42 17.63 -27.00
N PHE A 244 24.61 18.27 -27.85
CA PHE A 244 23.18 18.35 -27.61
C PHE A 244 22.54 16.97 -27.69
N LYS A 245 22.88 16.19 -28.72
CA LYS A 245 22.33 14.84 -28.85
C LYS A 245 22.87 13.90 -27.79
N LEU A 246 24.13 14.07 -27.37
CA LEU A 246 24.66 13.23 -26.30
C LEU A 246 24.05 13.58 -24.95
N ALA A 247 23.75 14.86 -24.72
CA ALA A 247 23.01 15.24 -23.52
C ALA A 247 21.58 14.69 -23.57
N GLY A 248 21.00 14.63 -24.76
CA GLY A 248 19.68 14.03 -24.90
C GLY A 248 19.66 12.53 -24.67
N VAL A 249 20.70 11.83 -25.11
CA VAL A 249 20.73 10.37 -24.99
C VAL A 249 20.97 9.95 -23.55
N GLU A 250 21.96 10.57 -22.89
CA GLU A 250 22.45 10.09 -21.61
C GLU A 250 21.57 10.49 -20.42
N GLY A 251 20.43 11.13 -20.65
CA GLY A 251 19.56 11.47 -19.54
C GLY A 251 19.98 12.68 -18.73
N ASN A 252 20.86 13.52 -19.28
CA ASN A 252 21.38 14.68 -18.56
C ASN A 252 20.40 15.83 -18.76
N THR A 253 19.46 15.96 -17.82
CA THR A 253 18.43 16.99 -17.93
C THR A 253 18.94 18.37 -17.55
N VAL A 254 19.87 18.45 -16.58
CA VAL A 254 20.39 19.74 -16.14
C VAL A 254 21.25 20.38 -17.23
N MET A 255 22.10 19.57 -17.87
CA MET A 255 22.87 20.07 -19.01
C MET A 255 21.98 20.38 -20.20
N PHE A 256 20.86 19.66 -20.34
CA PHE A 256 19.88 19.99 -21.38
C PHE A 256 19.24 21.35 -21.14
N GLN A 257 18.91 21.66 -19.89
CA GLN A 257 18.37 22.98 -19.55
C GLN A 257 19.43 24.07 -19.76
N HIS A 258 20.68 23.78 -19.41
CA HIS A 258 21.76 24.73 -19.61
C HIS A 258 22.04 24.98 -21.09
N LEU A 259 21.86 23.96 -21.93
CA LEU A 259 22.00 24.15 -23.37
C LEU A 259 20.82 24.91 -23.96
N MET A 260 19.60 24.61 -23.51
CA MET A 260 18.43 25.28 -24.05
C MET A 260 18.26 26.71 -23.55
N GLN A 261 18.91 27.07 -22.44
CA GLN A 261 18.89 28.47 -22.02
C GLN A 261 19.80 29.36 -22.86
N LYS A 262 20.65 28.79 -23.71
CA LYS A 262 21.44 29.55 -24.66
C LYS A 262 20.79 29.63 -26.03
N ARG A 263 19.63 29.01 -26.22
CA ARG A 263 18.92 29.02 -27.48
C ARG A 263 17.55 29.67 -27.43
N LYS A 264 16.99 29.90 -26.23
CA LYS A 264 15.72 30.58 -26.12
C LYS A 264 15.88 32.07 -26.40
N HIS A 265 14.76 32.71 -26.67
CA HIS A 265 14.72 34.15 -26.93
C HIS A 265 13.39 34.68 -26.40
N VAL A 266 13.45 35.41 -25.28
CA VAL A 266 12.24 35.93 -24.65
C VAL A 266 11.72 37.09 -25.48
N GLN A 267 10.52 36.91 -26.06
CA GLN A 267 9.93 37.96 -26.88
C GLN A 267 9.40 39.09 -26.01
N TRP A 268 8.50 38.78 -25.07
CA TRP A 268 7.98 39.78 -24.16
C TRP A 268 7.59 39.10 -22.85
N THR A 269 7.83 39.81 -21.75
CA THR A 269 7.41 39.40 -20.42
C THR A 269 6.42 40.45 -19.91
N CYS A 270 5.13 40.14 -19.99
CA CYS A 270 4.07 41.03 -19.56
C CYS A 270 3.41 40.42 -18.33
N GLY A 271 3.65 41.01 -17.17
CA GLY A 271 3.10 40.55 -15.93
C GLY A 271 3.56 39.16 -15.56
N PRO A 272 2.62 38.24 -15.36
CA PRO A 272 2.96 36.83 -15.15
C PRO A 272 3.19 36.03 -16.43
N LEU A 273 2.99 36.63 -17.60
CA LEU A 273 3.11 35.91 -18.87
C LEU A 273 4.49 36.16 -19.47
N THR A 274 5.13 35.09 -19.95
CA THR A 274 6.41 35.19 -20.63
C THR A 274 6.34 34.42 -21.93
N SER A 275 6.72 35.07 -23.03
CA SER A 275 6.66 34.45 -24.35
C SER A 275 8.08 34.15 -24.83
N THR A 276 8.53 32.92 -24.63
CA THR A 276 9.85 32.48 -25.05
C THR A 276 9.78 31.88 -26.45
N LEU A 277 10.87 32.02 -27.20
CA LEU A 277 10.94 31.54 -28.58
C LEU A 277 12.10 30.55 -28.67
N TYR A 278 11.81 29.28 -28.41
CA TYR A 278 12.84 28.25 -28.44
C TYR A 278 13.20 27.90 -29.88
N ASP A 279 14.42 27.40 -30.06
CA ASP A 279 14.94 27.04 -31.36
C ASP A 279 14.86 25.53 -31.56
N LEU A 280 14.33 25.10 -32.70
CA LEU A 280 14.17 23.70 -33.03
C LEU A 280 15.18 23.23 -34.06
N THR A 281 16.35 23.88 -34.12
CA THR A 281 17.38 23.46 -35.07
C THR A 281 18.02 22.15 -34.64
N GLU A 282 18.33 21.99 -33.36
CA GLU A 282 18.97 20.81 -32.84
C GLU A 282 18.02 19.89 -32.08
N ILE A 283 16.72 20.17 -32.13
CA ILE A 283 15.70 19.35 -31.47
C ILE A 283 14.85 18.61 -32.49
N ASP A 284 14.34 19.31 -33.50
CA ASP A 284 13.53 18.66 -34.51
C ASP A 284 14.38 17.81 -35.44
N SER A 285 15.54 18.34 -35.86
CA SER A 285 16.52 17.69 -36.75
C SER A 285 15.88 17.27 -38.08
N TRP A 286 15.32 18.27 -38.77
CA TRP A 286 14.65 18.01 -40.04
C TRP A 286 15.68 17.75 -41.14
N GLY A 287 15.38 16.77 -41.99
CA GLY A 287 16.32 16.40 -43.04
C GLY A 287 17.54 15.65 -42.56
N GLU A 288 17.41 14.86 -41.49
CA GLU A 288 18.51 14.10 -40.94
C GLU A 288 18.17 12.62 -40.93
N GLU A 289 19.22 11.79 -40.94
CA GLU A 289 19.03 10.34 -40.92
C GLU A 289 18.47 9.87 -39.58
N LEU A 290 19.06 10.33 -38.49
CA LEU A 290 18.57 10.04 -37.14
C LEU A 290 18.30 11.35 -36.43
N SER A 291 17.04 11.55 -36.04
CA SER A 291 16.65 12.78 -35.37
C SER A 291 17.04 12.75 -33.90
N PHE A 292 16.83 13.88 -33.22
CA PHE A 292 17.15 13.97 -31.80
C PHE A 292 16.21 13.14 -30.95
N LEU A 293 14.91 13.17 -31.26
CA LEU A 293 13.93 12.47 -30.45
C LEU A 293 14.04 10.95 -30.61
N GLU A 294 14.44 10.49 -31.79
CA GLU A 294 14.67 9.06 -32.00
C GLU A 294 15.87 8.58 -31.20
N LEU A 295 16.90 9.42 -31.07
CA LEU A 295 18.03 9.07 -30.22
C LEU A 295 17.67 9.13 -28.74
N VAL A 296 16.77 10.04 -28.36
CA VAL A 296 16.36 10.16 -26.97
C VAL A 296 15.53 8.93 -26.55
N VAL A 297 14.54 8.55 -27.36
CA VAL A 297 13.64 7.47 -26.98
C VAL A 297 14.34 6.12 -27.06
N SER A 298 15.01 5.85 -28.18
CA SER A 298 15.72 4.58 -28.36
C SER A 298 17.10 4.66 -27.73
N SER A 299 17.11 4.69 -26.40
CA SER A 299 18.32 4.74 -25.61
C SER A 299 18.23 3.73 -24.47
N LYS A 300 19.37 3.13 -24.14
CA LYS A 300 19.41 2.15 -23.05
C LYS A 300 19.30 2.82 -21.69
N LYS A 301 19.63 4.11 -21.59
CA LYS A 301 19.52 4.82 -20.32
C LYS A 301 18.07 5.08 -19.96
N ARG A 302 17.74 4.90 -18.69
CA ARG A 302 16.36 5.10 -18.23
C ARG A 302 16.01 6.58 -18.14
N GLU A 303 16.98 7.43 -17.78
CA GLU A 303 16.73 8.83 -17.47
C GLU A 303 16.40 9.68 -18.70
N ALA A 304 16.65 9.18 -19.91
CA ALA A 304 16.43 9.93 -21.14
C ALA A 304 14.96 10.30 -21.34
N ARG A 305 14.03 9.48 -20.83
CA ARG A 305 12.62 9.81 -20.88
C ARG A 305 12.28 11.09 -20.11
N GLN A 306 13.07 11.45 -19.10
CA GLN A 306 12.90 12.73 -18.43
C GLN A 306 13.12 13.91 -19.37
N ILE A 307 13.96 13.75 -20.39
CA ILE A 307 14.13 14.82 -21.38
C ILE A 307 12.95 14.90 -22.33
N LEU A 308 12.05 13.92 -22.30
CA LEU A 308 10.77 14.09 -22.97
C LEU A 308 9.80 14.93 -22.15
N GLU A 309 10.16 15.30 -20.93
CA GLU A 309 9.32 16.14 -20.08
C GLU A 309 9.86 17.56 -19.93
N GLN A 310 10.83 17.96 -20.76
CA GLN A 310 11.41 19.29 -20.63
C GLN A 310 10.54 20.34 -21.32
N THR A 311 11.04 21.57 -21.38
CA THR A 311 10.19 22.69 -21.79
C THR A 311 9.94 22.74 -23.30
N PRO A 312 10.98 22.68 -24.22
CA PRO A 312 10.60 22.73 -25.64
C PRO A 312 10.18 21.38 -26.21
N VAL A 313 10.73 20.29 -25.67
CA VAL A 313 10.54 18.96 -26.24
C VAL A 313 9.10 18.48 -26.04
N LYS A 314 8.57 18.68 -24.82
CA LYS A 314 7.19 18.25 -24.53
C LYS A 314 6.18 19.02 -25.35
N GLU A 315 6.40 20.33 -25.48
CA GLU A 315 5.55 21.20 -26.33
C GLU A 315 5.60 20.67 -27.78
N LEU A 316 6.80 20.45 -28.29
CA LEU A 316 6.98 20.04 -29.69
C LEU A 316 6.31 18.70 -29.97
N VAL A 317 6.48 17.72 -29.08
CA VAL A 317 5.87 16.42 -29.32
C VAL A 317 4.36 16.47 -29.07
N SER A 318 3.89 17.38 -28.21
CA SER A 318 2.46 17.53 -28.01
C SER A 318 1.80 18.15 -29.23
N PHE A 319 2.45 19.14 -29.85
CA PHE A 319 1.95 19.70 -31.11
C PHE A 319 1.96 18.67 -32.22
N LYS A 320 3.08 17.95 -32.37
CA LYS A 320 3.22 16.95 -33.43
C LYS A 320 2.32 15.75 -33.24
N TRP A 321 1.91 15.47 -32.00
CA TRP A 321 0.99 14.37 -31.75
C TRP A 321 -0.47 14.79 -31.87
N LYS A 322 -0.84 15.94 -31.30
CA LYS A 322 -2.24 16.35 -31.33
C LYS A 322 -2.66 16.83 -32.71
N LYS A 323 -1.75 17.41 -33.49
CA LYS A 323 -2.16 17.88 -34.81
C LYS A 323 -2.07 16.78 -35.86
N TYR A 324 -0.96 16.04 -35.89
CA TYR A 324 -0.70 15.09 -36.97
C TYR A 324 -0.68 13.63 -36.52
N GLY A 325 -0.05 13.32 -35.40
CA GLY A 325 0.18 11.93 -35.04
C GLY A 325 -1.09 11.18 -34.65
N ARG A 326 -1.94 11.82 -33.86
CA ARG A 326 -3.17 11.17 -33.40
C ARG A 326 -4.18 10.85 -34.50
N PRO A 327 -4.54 11.76 -35.44
CA PRO A 327 -5.50 11.33 -36.48
C PRO A 327 -4.94 10.31 -37.46
N TYR A 328 -3.66 10.42 -37.81
CA TYR A 328 -3.05 9.43 -38.69
C TYR A 328 -2.94 8.07 -38.01
N PHE A 329 -2.66 8.06 -36.71
CA PHE A 329 -2.61 6.81 -35.96
C PHE A 329 -3.99 6.19 -35.82
N CYS A 330 -5.03 7.01 -35.64
CA CYS A 330 -6.39 6.49 -35.57
C CYS A 330 -6.86 5.95 -36.93
N VAL A 331 -6.45 6.62 -38.02
CA VAL A 331 -6.77 6.12 -39.36
C VAL A 331 -6.08 4.79 -39.63
N LEU A 332 -4.80 4.66 -39.25
CA LEU A 332 -4.08 3.41 -39.41
C LEU A 332 -4.67 2.30 -38.53
N ALA A 333 -5.12 2.66 -37.32
CA ALA A 333 -5.76 1.68 -36.44
C ALA A 333 -7.08 1.20 -37.01
N SER A 334 -7.88 2.11 -37.57
CA SER A 334 -9.16 1.71 -38.18
C SER A 334 -8.94 0.85 -39.41
N LEU A 335 -7.94 1.19 -40.24
CA LEU A 335 -7.64 0.39 -41.42
C LEU A 335 -7.13 -1.00 -41.04
N TYR A 336 -6.28 -1.09 -40.00
CA TYR A 336 -5.81 -2.40 -39.57
C TYR A 336 -6.91 -3.22 -38.91
N ILE A 337 -7.85 -2.57 -38.21
CA ILE A 337 -8.97 -3.29 -37.61
C ILE A 337 -9.89 -3.84 -38.70
N LEU A 338 -10.15 -3.04 -39.76
CA LEU A 338 -10.94 -3.55 -40.88
C LEU A 338 -10.22 -4.67 -41.63
N TYR A 339 -8.89 -4.56 -41.77
CA TYR A 339 -8.11 -5.63 -42.39
C TYR A 339 -8.16 -6.92 -41.58
N MET A 340 -8.09 -6.80 -40.25
CA MET A 340 -8.18 -7.99 -39.41
C MET A 340 -9.60 -8.57 -39.40
N ILE A 341 -10.61 -7.73 -39.55
CA ILE A 341 -11.99 -8.22 -39.68
C ILE A 341 -12.16 -8.98 -40.98
N CYS A 342 -11.55 -8.49 -42.07
CA CYS A 342 -11.58 -9.22 -43.34
C CYS A 342 -10.82 -10.54 -43.25
N PHE A 343 -9.68 -10.55 -42.55
CA PHE A 343 -8.91 -11.78 -42.35
C PHE A 343 -9.69 -12.80 -41.52
N THR A 344 -10.37 -12.33 -40.45
CA THR A 344 -11.18 -13.21 -39.63
C THR A 344 -12.37 -13.77 -40.42
N THR A 345 -13.00 -12.94 -41.25
CA THR A 345 -14.11 -13.39 -42.08
C THR A 345 -13.66 -14.40 -43.13
N CYS A 346 -12.44 -14.25 -43.66
CA CYS A 346 -11.91 -15.27 -44.56
C CYS A 346 -11.53 -16.54 -43.80
N CYS A 347 -11.17 -16.41 -42.52
CA CYS A 347 -10.84 -17.60 -41.73
C CYS A 347 -12.07 -18.41 -41.35
N ILE A 348 -13.18 -17.73 -41.02
CA ILE A 348 -14.39 -18.44 -40.58
C ILE A 348 -15.03 -19.18 -41.75
N TYR A 349 -15.05 -18.57 -42.93
CA TYR A 349 -15.65 -19.18 -44.12
C TYR A 349 -14.66 -20.03 -44.91
N ARG A 350 -13.68 -20.63 -44.24
CA ARG A 350 -12.68 -21.47 -44.88
C ARG A 350 -13.35 -22.68 -45.52
N PRO A 351 -12.97 -23.03 -46.76
CA PRO A 351 -13.69 -24.09 -47.49
C PRO A 351 -13.44 -25.47 -46.90
N LEU A 352 -14.52 -26.13 -46.49
CA LEU A 352 -14.48 -27.45 -45.88
C LEU A 352 -15.52 -28.34 -46.55
N LYS A 353 -15.18 -29.62 -46.70
CA LYS A 353 -16.08 -30.60 -47.27
C LYS A 353 -16.17 -31.80 -46.33
N LEU A 354 -17.09 -32.71 -46.66
CA LEU A 354 -17.30 -33.91 -45.87
C LEU A 354 -16.09 -34.85 -46.00
N ARG A 355 -15.80 -35.55 -44.91
CA ARG A 355 -14.66 -36.47 -44.90
C ARG A 355 -14.99 -37.72 -45.71
N ASP A 356 -14.10 -38.05 -46.65
CA ASP A 356 -14.33 -39.21 -47.51
C ASP A 356 -14.10 -40.52 -46.76
N ASP A 357 -13.07 -40.57 -45.91
CA ASP A 357 -12.77 -41.77 -45.16
C ASP A 357 -13.74 -41.90 -43.98
N ASN A 358 -14.14 -43.14 -43.70
CA ASN A 358 -15.05 -43.41 -42.60
C ASN A 358 -14.32 -43.34 -41.26
N ARG A 359 -15.06 -42.94 -40.23
CA ARG A 359 -14.51 -42.81 -38.88
C ARG A 359 -14.41 -44.21 -38.27
N THR A 360 -13.27 -44.86 -38.51
CA THR A 360 -13.05 -46.20 -37.99
C THR A 360 -12.80 -46.17 -36.49
N ASP A 361 -11.96 -45.25 -36.03
CA ASP A 361 -11.62 -45.16 -34.61
C ASP A 361 -12.78 -44.52 -33.84
N PRO A 362 -13.19 -45.08 -32.71
CA PRO A 362 -14.31 -44.49 -31.95
C PRO A 362 -13.93 -43.20 -31.23
N ARG A 363 -12.65 -42.90 -31.06
CA ARG A 363 -12.21 -41.68 -30.41
C ARG A 363 -11.86 -40.58 -31.39
N ASP A 364 -12.23 -40.74 -32.65
CA ASP A 364 -11.97 -39.75 -33.70
C ASP A 364 -13.25 -38.97 -33.97
N ILE A 365 -13.12 -37.64 -34.03
CA ILE A 365 -14.26 -36.75 -34.18
C ILE A 365 -14.15 -35.86 -35.41
N THR A 366 -13.20 -36.14 -36.30
CA THR A 366 -13.02 -35.33 -37.50
C THR A 366 -14.10 -35.71 -38.51
N ILE A 367 -15.04 -34.79 -38.75
CA ILE A 367 -16.12 -35.02 -39.69
C ILE A 367 -15.98 -34.20 -40.97
N LEU A 368 -15.10 -33.21 -40.99
CA LEU A 368 -14.88 -32.38 -42.17
C LEU A 368 -13.39 -32.28 -42.45
N GLN A 369 -13.04 -32.14 -43.73
CA GLN A 369 -11.66 -31.93 -44.14
C GLN A 369 -11.59 -30.75 -45.09
N GLN A 370 -10.37 -30.37 -45.45
CA GLN A 370 -10.16 -29.21 -46.30
C GLN A 370 -10.47 -29.53 -47.75
N LYS A 371 -11.12 -28.59 -48.43
CA LYS A 371 -11.37 -28.72 -49.85
C LYS A 371 -10.07 -28.57 -50.64
N LEU A 372 -10.03 -29.21 -51.80
CA LEU A 372 -8.89 -29.04 -52.70
C LEU A 372 -8.97 -27.69 -53.40
N LEU A 373 -7.87 -27.33 -54.07
CA LEU A 373 -7.83 -26.06 -54.80
C LEU A 373 -8.76 -26.08 -56.00
N GLN A 374 -8.91 -27.23 -56.66
CA GLN A 374 -9.85 -27.35 -57.76
C GLN A 374 -11.29 -27.40 -57.27
N GLU A 375 -11.52 -28.02 -56.12
CA GLU A 375 -12.87 -28.11 -55.58
C GLU A 375 -13.35 -26.78 -55.03
N ALA A 376 -12.45 -25.98 -54.46
CA ALA A 376 -12.81 -24.66 -53.96
C ALA A 376 -12.82 -23.66 -55.10
N TYR A 377 -13.26 -22.43 -54.77
CA TYR A 377 -13.37 -21.29 -55.69
C TYR A 377 -14.26 -21.60 -56.90
N VAL A 378 -15.51 -21.97 -56.59
CA VAL A 378 -16.51 -22.29 -57.60
C VAL A 378 -17.71 -21.35 -57.54
N THR A 379 -18.32 -21.23 -56.37
CA THR A 379 -19.49 -20.40 -56.20
C THR A 379 -19.12 -18.93 -56.09
N HIS A 380 -20.15 -18.08 -56.05
CA HIS A 380 -19.94 -16.63 -55.96
C HIS A 380 -19.44 -16.23 -54.58
N GLN A 381 -19.90 -16.91 -53.54
CA GLN A 381 -19.40 -16.67 -52.19
C GLN A 381 -17.93 -17.04 -52.06
N ASP A 382 -17.51 -18.09 -52.77
CA ASP A 382 -16.10 -18.43 -52.84
C ASP A 382 -15.30 -17.38 -53.60
N ASN A 383 -15.93 -16.70 -54.56
CA ASN A 383 -15.24 -15.59 -55.25
C ASN A 383 -15.09 -14.39 -54.33
N ILE A 384 -16.10 -14.12 -53.49
CA ILE A 384 -15.99 -13.05 -52.49
C ILE A 384 -14.89 -13.40 -51.48
N ARG A 385 -14.80 -14.67 -51.08
CA ARG A 385 -13.72 -15.13 -50.22
C ARG A 385 -12.36 -15.01 -50.90
N LEU A 386 -12.30 -15.26 -52.21
CA LEU A 386 -11.05 -15.09 -52.96
C LEU A 386 -10.61 -13.63 -53.00
N VAL A 387 -11.57 -12.71 -53.18
CA VAL A 387 -11.26 -11.27 -53.13
C VAL A 387 -10.75 -10.87 -51.75
N GLY A 388 -11.39 -11.38 -50.69
CA GLY A 388 -10.93 -11.10 -49.34
C GLY A 388 -9.57 -11.69 -49.04
N GLU A 389 -9.28 -12.87 -49.57
CA GLU A 389 -7.97 -13.49 -49.38
C GLU A 389 -6.88 -12.75 -50.14
N LEU A 390 -7.20 -12.22 -51.33
CA LEU A 390 -6.25 -11.37 -52.04
C LEU A 390 -5.97 -10.08 -51.27
N VAL A 391 -7.01 -9.50 -50.66
CA VAL A 391 -6.83 -8.32 -49.80
C VAL A 391 -5.95 -8.67 -48.60
N THR A 392 -6.17 -9.84 -48.01
CA THR A 392 -5.39 -10.29 -46.85
C THR A 392 -3.92 -10.49 -47.20
N VAL A 393 -3.65 -11.15 -48.34
CA VAL A 393 -2.26 -11.44 -48.69
C VAL A 393 -1.54 -10.16 -49.16
N THR A 394 -2.26 -9.22 -49.79
CA THR A 394 -1.63 -7.94 -50.11
C THR A 394 -1.37 -7.12 -48.86
N GLY A 395 -2.24 -7.21 -47.86
CA GLY A 395 -1.96 -6.57 -46.58
C GLY A 395 -0.77 -7.17 -45.87
N ALA A 396 -0.60 -8.49 -45.97
CA ALA A 396 0.57 -9.14 -45.37
C ALA A 396 1.86 -8.74 -46.09
N VAL A 397 1.80 -8.63 -47.42
CA VAL A 397 2.96 -8.17 -48.19
C VAL A 397 3.31 -6.73 -47.85
N ILE A 398 2.29 -5.88 -47.67
CA ILE A 398 2.51 -4.48 -47.27
C ILE A 398 3.12 -4.41 -45.87
N ILE A 399 2.65 -5.28 -44.96
CA ILE A 399 3.18 -5.34 -43.60
C ILE A 399 4.65 -5.76 -43.61
N LEU A 400 4.99 -6.76 -44.42
CA LEU A 400 6.40 -7.19 -44.52
C LEU A 400 7.27 -6.11 -45.14
N LEU A 401 6.78 -5.43 -46.18
CA LEU A 401 7.56 -4.36 -46.81
C LEU A 401 7.68 -3.13 -45.93
N LEU A 402 6.78 -2.94 -44.97
CA LEU A 402 6.93 -1.84 -44.02
C LEU A 402 7.77 -2.20 -42.81
N GLU A 403 7.85 -3.48 -42.44
CA GLU A 403 8.56 -3.86 -41.23
C GLU A 403 9.98 -4.37 -41.46
N ILE A 404 10.26 -5.03 -42.60
CA ILE A 404 11.57 -5.59 -42.88
C ILE A 404 12.70 -4.56 -43.01
N PRO A 405 12.62 -3.47 -43.80
CA PRO A 405 13.80 -2.59 -43.94
C PRO A 405 14.16 -1.79 -42.69
N ASP A 406 13.24 -1.64 -41.74
CA ASP A 406 13.59 -0.96 -40.48
C ASP A 406 14.56 -1.78 -39.65
N ILE A 407 14.50 -3.11 -39.76
CA ILE A 407 15.45 -3.99 -39.09
C ILE A 407 16.85 -3.78 -39.63
N PHE A 408 16.99 -3.66 -40.96
CA PHE A 408 18.29 -3.43 -41.54
C PHE A 408 18.75 -2.00 -41.33
N ARG A 409 17.82 -1.06 -41.16
CA ARG A 409 18.18 0.33 -40.94
C ARG A 409 18.70 0.55 -39.51
N VAL A 410 17.86 0.27 -38.50
CA VAL A 410 18.20 0.63 -37.13
C VAL A 410 18.90 -0.50 -36.38
N GLY A 411 18.94 -1.71 -36.92
CA GLY A 411 19.59 -2.82 -36.25
C GLY A 411 18.59 -3.77 -35.61
N ALA A 412 18.90 -5.08 -35.63
CA ALA A 412 17.97 -6.07 -35.12
C ALA A 412 17.93 -6.07 -33.60
N SER A 413 19.03 -5.67 -32.95
CA SER A 413 19.07 -5.68 -31.49
C SER A 413 18.27 -4.54 -30.88
N ARG A 414 18.14 -3.42 -31.60
CA ARG A 414 17.41 -2.26 -31.09
C ARG A 414 15.96 -2.22 -31.56
N TYR A 415 15.67 -2.79 -32.73
CA TYR A 415 14.30 -2.76 -33.23
C TYR A 415 13.39 -3.70 -32.45
N PHE A 416 13.88 -4.91 -32.18
CA PHE A 416 13.11 -5.91 -31.45
C PHE A 416 13.34 -5.85 -29.94
N GLY A 417 14.23 -4.98 -29.47
CA GLY A 417 14.61 -4.98 -28.07
C GLY A 417 13.86 -3.99 -27.20
N GLN A 418 13.62 -2.79 -27.73
CA GLN A 418 13.03 -1.73 -26.94
C GLN A 418 11.53 -1.97 -26.73
N THR A 419 11.11 -1.88 -25.46
CA THR A 419 9.70 -2.04 -25.13
C THR A 419 8.86 -0.85 -25.59
N ILE A 420 9.41 0.36 -25.51
CA ILE A 420 8.67 1.56 -25.87
C ILE A 420 8.45 1.63 -27.38
N LEU A 421 9.46 1.24 -28.16
CA LEU A 421 9.38 1.32 -29.62
C LEU A 421 8.39 0.30 -30.19
N GLY A 422 8.11 -0.77 -29.47
CA GLY A 422 7.17 -1.76 -29.93
C GLY A 422 7.83 -2.96 -30.57
N GLY A 423 8.92 -3.42 -29.97
CA GLY A 423 9.67 -4.56 -30.45
C GLY A 423 8.93 -5.89 -30.52
N PRO A 424 8.32 -6.31 -29.41
CA PRO A 424 7.46 -7.51 -29.47
C PRO A 424 6.29 -7.38 -30.44
N PHE A 425 5.71 -6.19 -30.59
CA PHE A 425 4.66 -6.00 -31.58
C PHE A 425 5.18 -6.15 -33.00
N HIS A 426 6.41 -5.70 -33.25
CA HIS A 426 7.02 -5.91 -34.56
C HIS A 426 7.32 -7.37 -34.82
N VAL A 427 7.77 -8.10 -33.80
CA VAL A 427 7.99 -9.55 -33.92
C VAL A 427 6.69 -10.27 -34.21
N ILE A 428 5.61 -9.88 -33.51
CA ILE A 428 4.30 -10.48 -33.69
C ILE A 428 3.74 -10.20 -35.08
N ILE A 429 3.88 -8.96 -35.56
CA ILE A 429 3.29 -8.64 -36.86
C ILE A 429 4.12 -9.24 -38.01
N ILE A 430 5.44 -9.39 -37.84
CA ILE A 430 6.26 -10.06 -38.86
C ILE A 430 5.93 -11.55 -38.89
N THR A 431 5.75 -12.16 -37.72
CA THR A 431 5.33 -13.55 -37.64
C THR A 431 3.95 -13.76 -38.25
N TYR A 432 3.04 -12.80 -38.04
CA TYR A 432 1.70 -12.88 -38.61
C TYR A 432 1.74 -12.80 -40.13
N ALA A 433 2.54 -11.89 -40.69
CA ALA A 433 2.67 -11.80 -42.13
C ALA A 433 3.31 -13.05 -42.73
N SER A 434 4.32 -13.60 -42.05
CA SER A 434 4.95 -14.83 -42.51
C SER A 434 3.99 -16.02 -42.43
N LEU A 435 3.13 -16.06 -41.42
CA LEU A 435 2.16 -17.13 -41.31
C LEU A 435 1.05 -17.01 -42.35
N VAL A 436 0.66 -15.79 -42.70
CA VAL A 436 -0.30 -15.61 -43.79
C VAL A 436 0.30 -16.04 -45.12
N LEU A 437 1.58 -15.71 -45.36
CA LEU A 437 2.25 -16.17 -46.58
C LEU A 437 2.42 -17.69 -46.60
N LEU A 438 2.72 -18.29 -45.44
CA LEU A 438 2.81 -19.74 -45.33
C LEU A 438 1.47 -20.42 -45.59
N THR A 439 0.38 -19.80 -45.10
CA THR A 439 -0.96 -20.32 -45.38
C THR A 439 -1.29 -20.20 -46.87
N MET A 440 -0.85 -19.12 -47.53
CA MET A 440 -1.04 -19.00 -48.97
C MET A 440 -0.28 -20.08 -49.73
N VAL A 441 0.96 -20.37 -49.30
CA VAL A 441 1.77 -21.42 -49.93
C VAL A 441 1.13 -22.78 -49.74
N MET A 442 0.62 -23.06 -48.54
CA MET A 442 -0.02 -24.34 -48.28
C MET A 442 -1.38 -24.47 -48.98
N ARG A 443 -2.07 -23.34 -49.18
CA ARG A 443 -3.33 -23.37 -49.92
C ARG A 443 -3.09 -23.62 -51.41
N LEU A 444 -2.03 -23.01 -51.97
CA LEU A 444 -1.77 -23.18 -53.39
C LEU A 444 -1.21 -24.56 -53.72
N THR A 445 -0.58 -25.22 -52.76
CA THR A 445 0.05 -26.51 -52.99
C THR A 445 -0.80 -27.69 -52.52
N ASN A 446 -2.04 -27.43 -52.08
CA ASN A 446 -3.00 -28.44 -51.61
C ASN A 446 -2.43 -29.26 -50.45
N MET A 447 -1.92 -28.57 -49.44
CA MET A 447 -1.33 -29.19 -48.26
C MET A 447 -2.30 -29.13 -47.10
N ASN A 448 -2.59 -30.29 -46.51
CA ASN A 448 -3.49 -30.33 -45.36
C ASN A 448 -2.81 -29.76 -44.13
N GLY A 449 -3.62 -29.21 -43.24
CA GLY A 449 -3.11 -28.70 -41.98
C GLY A 449 -2.98 -27.19 -41.92
N GLU A 450 -3.86 -26.48 -42.62
CA GLU A 450 -3.88 -25.02 -42.57
C GLU A 450 -4.46 -24.48 -41.27
N VAL A 451 -5.03 -25.34 -40.44
CA VAL A 451 -5.63 -24.91 -39.17
C VAL A 451 -4.56 -24.38 -38.22
N VAL A 452 -3.38 -25.00 -38.21
CA VAL A 452 -2.27 -24.58 -37.35
C VAL A 452 -1.75 -23.18 -37.73
N PRO A 453 -1.36 -22.88 -38.99
CA PRO A 453 -0.93 -21.50 -39.25
C PRO A 453 -2.07 -20.51 -39.25
N LEU A 454 -3.31 -20.94 -39.55
CA LEU A 454 -4.43 -20.01 -39.49
C LEU A 454 -4.76 -19.62 -38.06
N SER A 455 -4.67 -20.56 -37.11
CA SER A 455 -4.90 -20.24 -35.71
C SER A 455 -3.76 -19.38 -35.15
N PHE A 456 -2.52 -19.71 -35.52
CA PHE A 456 -1.36 -18.89 -35.13
C PHE A 456 -1.51 -17.46 -35.64
N ALA A 457 -1.88 -17.32 -36.92
CA ALA A 457 -2.02 -16.00 -37.53
C ALA A 457 -3.20 -15.23 -36.95
N LEU A 458 -4.30 -15.91 -36.64
CA LEU A 458 -5.46 -15.26 -36.05
C LEU A 458 -5.14 -14.70 -34.67
N VAL A 459 -4.50 -15.53 -33.82
CA VAL A 459 -4.17 -15.09 -32.46
C VAL A 459 -3.15 -13.96 -32.48
N LEU A 460 -2.10 -14.09 -33.29
CA LEU A 460 -1.06 -13.06 -33.33
C LEU A 460 -1.56 -11.77 -33.99
N GLY A 461 -2.34 -11.89 -35.07
CA GLY A 461 -2.85 -10.70 -35.73
C GLY A 461 -3.86 -9.95 -34.89
N TRP A 462 -4.69 -10.67 -34.13
CA TRP A 462 -5.60 -9.95 -33.26
C TRP A 462 -4.91 -9.41 -32.02
N CYS A 463 -3.89 -10.09 -31.49
CA CYS A 463 -3.14 -9.53 -30.37
C CYS A 463 -2.25 -8.36 -30.78
N SER A 464 -1.98 -8.21 -32.08
CA SER A 464 -1.25 -7.04 -32.56
C SER A 464 -2.12 -5.81 -32.72
N VAL A 465 -3.44 -5.92 -32.51
CA VAL A 465 -4.30 -4.73 -32.48
C VAL A 465 -4.00 -3.89 -31.24
N MET A 466 -3.53 -4.53 -30.17
CA MET A 466 -3.14 -3.83 -28.95
C MET A 466 -1.91 -2.95 -29.11
N TYR A 467 -1.18 -3.07 -30.23
CA TYR A 467 -0.13 -2.10 -30.55
C TYR A 467 -0.71 -0.71 -30.76
N PHE A 468 -1.93 -0.62 -31.29
CA PHE A 468 -2.57 0.66 -31.54
C PHE A 468 -3.24 1.23 -30.29
N ALA A 469 -3.08 0.61 -29.13
CA ALA A 469 -3.58 1.15 -27.88
C ALA A 469 -2.61 2.13 -27.23
N ARG A 470 -1.43 2.33 -27.81
CA ARG A 470 -0.49 3.29 -27.24
C ARG A 470 -0.86 4.73 -27.59
N GLY A 471 -1.76 4.92 -28.55
CA GLY A 471 -2.16 6.25 -28.95
C GLY A 471 -3.17 6.92 -28.04
N PHE A 472 -3.64 6.22 -27.00
CA PHE A 472 -4.62 6.75 -26.08
C PHE A 472 -4.09 6.64 -24.66
N GLN A 473 -4.27 7.71 -23.88
CA GLN A 473 -3.78 7.74 -22.51
C GLN A 473 -4.53 6.77 -21.61
N MET A 474 -5.78 6.48 -21.92
CA MET A 474 -6.58 5.53 -21.16
C MET A 474 -6.24 4.07 -21.48
N LEU A 475 -5.48 3.82 -22.55
CA LEU A 475 -5.09 2.47 -22.92
C LEU A 475 -3.59 2.32 -23.15
N GLY A 476 -2.81 3.37 -22.94
CA GLY A 476 -1.39 3.35 -23.20
C GLY A 476 -0.56 2.46 -22.30
N PRO A 477 -0.49 2.78 -21.00
CA PRO A 477 0.35 1.97 -20.09
C PRO A 477 -0.18 0.57 -19.81
N PHE A 478 -1.39 0.22 -20.25
CA PHE A 478 -1.89 -1.14 -20.03
C PHE A 478 -1.09 -2.17 -20.83
N THR A 479 -0.70 -1.81 -22.05
CA THR A 479 0.13 -2.71 -22.86
C THR A 479 1.51 -2.87 -22.24
N ILE A 480 2.05 -1.80 -21.64
CA ILE A 480 3.32 -1.90 -20.92
C ILE A 480 3.16 -2.75 -19.67
N MET A 481 2.00 -2.68 -19.01
CA MET A 481 1.73 -3.54 -17.86
C MET A 481 1.72 -5.01 -18.25
N ILE A 482 1.05 -5.33 -19.37
CA ILE A 482 1.02 -6.72 -19.83
C ILE A 482 2.41 -7.17 -20.31
N GLN A 483 3.17 -6.26 -20.92
CA GLN A 483 4.52 -6.58 -21.38
C GLN A 483 5.46 -6.86 -20.19
N LYS A 484 5.39 -6.04 -19.15
CA LYS A 484 6.22 -6.27 -17.98
C LYS A 484 5.69 -7.41 -17.10
N MET A 485 4.44 -7.84 -17.31
CA MET A 485 3.99 -9.04 -16.62
C MET A 485 4.28 -10.31 -17.41
N ILE A 486 4.58 -10.19 -18.70
CA ILE A 486 4.91 -11.36 -19.51
C ILE A 486 6.41 -11.59 -19.60
N PHE A 487 7.17 -10.57 -19.98
CA PHE A 487 8.62 -10.68 -20.02
C PHE A 487 9.27 -10.43 -18.68
N GLY A 488 8.47 -10.16 -17.65
CA GLY A 488 8.96 -9.97 -16.30
C GLY A 488 8.62 -11.15 -15.41
N ASP A 489 7.52 -11.03 -14.66
CA ASP A 489 7.17 -12.00 -13.63
C ASP A 489 6.83 -13.38 -14.20
N LEU A 490 6.28 -13.44 -15.42
CA LEU A 490 5.95 -14.73 -16.01
C LEU A 490 7.20 -15.54 -16.33
N MET A 491 8.23 -14.90 -16.90
CA MET A 491 9.47 -15.60 -17.17
C MET A 491 10.29 -15.85 -15.92
N ARG A 492 10.01 -15.14 -14.83
CA ARG A 492 10.66 -15.36 -13.55
C ARG A 492 9.90 -16.32 -12.64
N PHE A 493 8.70 -16.75 -13.05
CA PHE A 493 7.92 -17.70 -12.25
C PHE A 493 7.53 -18.95 -13.02
N CYS A 494 7.70 -18.98 -14.35
CA CYS A 494 7.33 -20.14 -15.13
C CYS A 494 8.23 -21.35 -14.88
N TRP A 495 9.46 -21.13 -14.40
CA TRP A 495 10.33 -22.26 -14.08
C TRP A 495 9.82 -23.00 -12.84
N LEU A 496 9.44 -22.26 -11.80
CA LEU A 496 8.83 -22.87 -10.62
C LEU A 496 7.48 -23.51 -10.96
N MET A 497 6.67 -22.82 -11.79
CA MET A 497 5.39 -23.38 -12.21
C MET A 497 5.56 -24.66 -13.01
N ALA A 498 6.51 -24.69 -13.94
CA ALA A 498 6.76 -25.88 -14.75
C ALA A 498 7.34 -27.01 -13.91
N VAL A 499 8.14 -26.68 -12.91
CA VAL A 499 8.68 -27.69 -12.00
C VAL A 499 7.56 -28.37 -11.21
N VAL A 500 6.61 -27.57 -10.68
CA VAL A 500 5.50 -28.13 -9.92
C VAL A 500 4.56 -28.91 -10.84
N ILE A 501 4.36 -28.40 -12.07
CA ILE A 501 3.50 -29.07 -13.04
C ILE A 501 4.08 -30.42 -13.44
N LEU A 502 5.40 -30.47 -13.68
CA LEU A 502 6.05 -31.73 -14.04
C LEU A 502 5.99 -32.75 -12.91
N GLY A 503 6.25 -32.30 -11.68
CA GLY A 503 6.22 -33.24 -10.55
C GLY A 503 4.82 -33.80 -10.28
N PHE A 504 3.82 -32.93 -10.23
CA PHE A 504 2.48 -33.40 -9.94
C PHE A 504 1.85 -34.11 -11.14
N ALA A 505 2.26 -33.79 -12.36
CA ALA A 505 1.78 -34.54 -13.51
C ALA A 505 2.36 -35.93 -13.55
N SER A 506 3.64 -36.08 -13.17
CA SER A 506 4.24 -37.41 -13.08
C SER A 506 3.57 -38.23 -11.98
N ALA A 507 3.29 -37.60 -10.83
CA ALA A 507 2.59 -38.30 -9.75
C ALA A 507 1.18 -38.70 -10.14
N PHE A 508 0.44 -37.81 -10.81
CA PHE A 508 -0.93 -38.12 -11.20
C PHE A 508 -0.97 -39.13 -12.34
N HIS A 509 0.07 -39.17 -13.17
CA HIS A 509 0.12 -40.19 -14.21
C HIS A 509 0.42 -41.57 -13.63
N ILE A 510 1.38 -41.64 -12.69
CA ILE A 510 1.70 -42.97 -12.14
C ILE A 510 0.67 -43.46 -11.14
N THR A 511 -0.16 -42.57 -10.56
CA THR A 511 -1.24 -43.07 -9.72
C THR A 511 -2.38 -43.64 -10.55
N PHE A 512 -2.61 -43.09 -11.75
CA PHE A 512 -3.67 -43.54 -12.64
C PHE A 512 -3.16 -44.39 -13.79
N GLN A 513 -1.93 -44.90 -13.70
CA GLN A 513 -1.45 -45.83 -14.71
C GLN A 513 -2.11 -47.20 -14.56
N THR A 514 -2.52 -47.56 -13.34
CA THR A 514 -3.13 -48.85 -13.07
C THR A 514 -4.65 -48.76 -13.00
N GLU A 515 -5.24 -47.71 -13.53
CA GLU A 515 -6.68 -47.49 -13.45
C GLU A 515 -7.28 -47.45 -14.84
N ASP A 516 -8.60 -47.60 -14.89
CA ASP A 516 -9.33 -47.58 -16.14
C ASP A 516 -9.40 -46.15 -16.68
N PRO A 517 -8.94 -45.90 -17.91
CA PRO A 517 -9.03 -44.54 -18.46
C PRO A 517 -10.45 -44.07 -18.79
N ASN A 518 -11.43 -44.97 -18.83
CA ASN A 518 -12.79 -44.55 -19.14
C ASN A 518 -13.42 -43.79 -17.98
N ASN A 519 -13.17 -44.23 -16.75
CA ASN A 519 -13.82 -43.62 -15.59
C ASN A 519 -13.18 -42.28 -15.23
N LEU A 520 -11.87 -42.15 -15.39
CA LEU A 520 -11.18 -40.89 -15.12
C LEU A 520 -10.02 -40.79 -16.09
N GLY A 521 -10.24 -40.10 -17.21
CA GLY A 521 -9.25 -40.01 -18.27
C GLY A 521 -8.47 -38.71 -18.27
N GLU A 522 -8.49 -37.99 -17.15
CA GLU A 522 -7.72 -36.74 -17.08
C GLU A 522 -6.22 -37.02 -17.00
N PHE A 523 -5.83 -38.15 -16.40
CA PHE A 523 -4.44 -38.57 -16.35
C PHE A 523 -4.36 -39.98 -16.93
N SER A 524 -4.29 -40.07 -18.25
CA SER A 524 -4.13 -41.34 -18.94
C SER A 524 -2.85 -41.40 -19.75
N ASP A 525 -2.51 -40.33 -20.47
CA ASP A 525 -1.23 -40.19 -21.14
C ASP A 525 -0.47 -39.04 -20.48
N TYR A 526 0.86 -39.13 -20.52
CA TYR A 526 1.70 -38.11 -19.89
C TYR A 526 1.56 -36.71 -20.51
N PRO A 527 1.46 -36.50 -21.84
CA PRO A 527 1.07 -35.15 -22.30
C PRO A 527 -0.30 -34.70 -21.84
N THR A 528 -1.29 -35.61 -21.79
CA THR A 528 -2.60 -35.25 -21.29
C THR A 528 -2.58 -35.01 -19.78
N ALA A 529 -1.72 -35.73 -19.06
CA ALA A 529 -1.54 -35.47 -17.62
C ALA A 529 -0.91 -34.11 -17.39
N LEU A 530 0.08 -33.75 -18.22
CA LEU A 530 0.70 -32.44 -18.12
C LEU A 530 -0.29 -31.32 -18.42
N PHE A 531 -1.13 -31.50 -19.44
CA PHE A 531 -2.11 -30.47 -19.77
C PHE A 531 -3.21 -30.38 -18.71
N SER A 532 -3.63 -31.52 -18.15
CA SER A 532 -4.65 -31.50 -17.11
C SER A 532 -4.12 -30.88 -15.82
N THR A 533 -2.87 -31.14 -15.46
CA THR A 533 -2.29 -30.49 -14.28
C THR A 533 -2.05 -29.00 -14.52
N PHE A 534 -1.69 -28.61 -15.75
CA PHE A 534 -1.55 -27.19 -16.05
C PHE A 534 -2.90 -26.48 -15.99
N GLU A 535 -3.98 -27.16 -16.39
CA GLU A 535 -5.32 -26.60 -16.22
C GLU A 535 -5.69 -26.52 -14.74
N LEU A 536 -5.33 -27.55 -13.96
CA LEU A 536 -5.67 -27.55 -12.54
C LEU A 536 -4.84 -26.56 -11.73
N PHE A 537 -3.70 -26.12 -12.28
CA PHE A 537 -2.89 -25.10 -11.62
C PHE A 537 -3.63 -23.76 -11.60
N LEU A 538 -4.26 -23.40 -12.71
CA LEU A 538 -4.92 -22.10 -12.85
C LEU A 538 -6.40 -22.15 -12.49
N THR A 539 -6.88 -23.29 -11.99
CA THR A 539 -8.27 -23.52 -11.56
C THR A 539 -9.27 -23.23 -12.68
N ILE A 540 -8.93 -23.61 -13.90
CA ILE A 540 -9.83 -23.43 -15.04
C ILE A 540 -10.66 -24.67 -15.33
N ILE A 541 -10.27 -25.83 -14.80
CA ILE A 541 -11.11 -27.03 -14.86
C ILE A 541 -11.33 -27.51 -13.43
N ASP A 542 -12.35 -28.35 -13.27
CA ASP A 542 -12.61 -28.95 -11.97
C ASP A 542 -11.59 -30.04 -11.68
N GLY A 543 -11.46 -30.36 -10.39
CA GLY A 543 -10.70 -31.51 -9.97
C GLY A 543 -11.37 -32.79 -10.45
N PRO A 544 -10.58 -33.74 -10.93
CA PRO A 544 -11.16 -34.99 -11.45
C PRO A 544 -11.73 -35.84 -10.33
N ALA A 545 -13.04 -36.08 -10.39
CA ALA A 545 -13.71 -36.83 -9.34
C ALA A 545 -14.83 -37.65 -9.96
N ASN A 546 -14.83 -38.95 -9.67
CA ASN A 546 -15.87 -39.87 -10.12
C ASN A 546 -16.33 -40.60 -8.86
N TYR A 547 -17.47 -40.19 -8.32
CA TYR A 547 -17.94 -40.67 -7.03
C TYR A 547 -18.70 -41.99 -7.12
N SER A 548 -18.86 -42.53 -8.33
CA SER A 548 -19.46 -43.84 -8.50
C SER A 548 -18.43 -44.97 -8.52
N VAL A 549 -17.14 -44.65 -8.51
CA VAL A 549 -16.07 -45.64 -8.49
C VAL A 549 -15.07 -45.25 -7.41
N ASP A 550 -14.23 -46.23 -7.04
CA ASP A 550 -13.23 -46.04 -5.99
C ASP A 550 -11.93 -45.56 -6.61
N LEU A 551 -11.67 -44.26 -6.47
CA LEU A 551 -10.38 -43.72 -6.86
C LEU A 551 -9.31 -44.14 -5.86
N PRO A 552 -8.04 -44.25 -6.28
CA PRO A 552 -6.97 -44.54 -5.32
C PRO A 552 -6.76 -43.39 -4.35
N PHE A 553 -6.36 -43.75 -3.13
CA PHE A 553 -6.20 -42.76 -2.06
C PHE A 553 -4.99 -41.87 -2.28
N MET A 554 -3.98 -42.37 -3.00
CA MET A 554 -2.80 -41.56 -3.28
C MET A 554 -3.13 -40.39 -4.18
N TYR A 555 -4.11 -40.54 -5.07
CA TYR A 555 -4.63 -39.39 -5.80
C TYR A 555 -5.23 -38.36 -4.86
N CYS A 556 -5.95 -38.82 -3.84
CA CYS A 556 -6.59 -37.89 -2.90
C CYS A 556 -5.55 -37.10 -2.10
N ILE A 557 -4.51 -37.77 -1.60
CA ILE A 557 -3.49 -37.07 -0.82
C ILE A 557 -2.65 -36.17 -1.73
N THR A 558 -2.30 -36.65 -2.93
CA THR A 558 -1.51 -35.85 -3.86
C THR A 558 -2.29 -34.65 -4.39
N TYR A 559 -3.60 -34.79 -4.59
CA TYR A 559 -4.40 -33.66 -5.04
C TYR A 559 -4.68 -32.69 -3.91
N ALA A 560 -4.75 -33.16 -2.66
CA ALA A 560 -4.79 -32.24 -1.53
C ALA A 560 -3.49 -31.42 -1.44
N ALA A 561 -2.36 -32.07 -1.67
CA ALA A 561 -1.07 -31.37 -1.71
C ALA A 561 -1.00 -30.39 -2.88
N PHE A 562 -1.54 -30.77 -4.04
CA PHE A 562 -1.56 -29.87 -5.20
C PHE A 562 -2.51 -28.71 -4.97
N ALA A 563 -3.61 -28.93 -4.25
CA ALA A 563 -4.54 -27.84 -3.96
C ALA A 563 -3.97 -26.88 -2.93
N ILE A 564 -3.17 -27.38 -1.98
CA ILE A 564 -2.54 -26.50 -1.01
C ILE A 564 -1.39 -25.73 -1.65
N ILE A 565 -0.39 -26.45 -2.18
CA ILE A 565 0.87 -25.84 -2.57
C ILE A 565 0.72 -25.06 -3.87
N ALA A 566 0.09 -25.67 -4.88
CA ALA A 566 0.10 -25.09 -6.22
C ALA A 566 -1.10 -24.18 -6.47
N THR A 567 -2.30 -24.64 -6.12
CA THR A 567 -3.51 -23.85 -6.37
C THR A 567 -3.58 -22.64 -5.45
N LEU A 568 -3.36 -22.84 -4.16
CA LEU A 568 -3.59 -21.79 -3.17
C LEU A 568 -2.36 -20.91 -2.95
N LEU A 569 -1.19 -21.51 -2.73
CA LEU A 569 -0.02 -20.76 -2.30
C LEU A 569 0.74 -20.13 -3.47
N MET A 570 1.17 -20.96 -4.43
CA MET A 570 2.06 -20.47 -5.48
C MET A 570 1.33 -19.64 -6.54
N LEU A 571 0.05 -19.89 -6.77
CA LEU A 571 -0.69 -19.11 -7.77
C LEU A 571 -0.94 -17.69 -7.26
N ASN A 572 -1.39 -17.54 -6.02
CA ASN A 572 -1.68 -16.24 -5.45
C ASN A 572 -0.41 -15.47 -5.10
N LEU A 573 0.75 -16.13 -5.08
CA LEU A 573 2.02 -15.42 -5.10
C LEU A 573 2.24 -14.73 -6.45
N PHE A 574 1.89 -15.40 -7.55
CA PHE A 574 2.01 -14.80 -8.86
C PHE A 574 0.98 -13.69 -9.07
N ILE A 575 -0.20 -13.82 -8.45
CA ILE A 575 -1.19 -12.74 -8.48
C ILE A 575 -0.65 -11.51 -7.77
N ALA A 576 0.02 -11.69 -6.63
CA ALA A 576 0.59 -10.57 -5.90
C ALA A 576 1.77 -9.95 -6.63
N MET A 577 2.57 -10.78 -7.31
CA MET A 577 3.66 -10.26 -8.13
C MET A 577 3.14 -9.43 -9.29
N MET A 578 2.06 -9.88 -9.93
CA MET A 578 1.44 -9.09 -10.99
C MET A 578 0.81 -7.82 -10.46
N GLY A 579 0.27 -7.85 -9.24
CA GLY A 579 -0.24 -6.63 -8.63
C GLY A 579 0.86 -5.62 -8.33
N ASP A 580 2.02 -6.11 -7.87
CA ASP A 580 3.15 -5.22 -7.63
C ASP A 580 3.69 -4.64 -8.94
N THR A 581 3.72 -5.44 -10.01
CA THR A 581 4.13 -4.94 -11.32
C THR A 581 3.15 -3.89 -11.84
N HIS A 582 1.85 -4.13 -11.66
CA HIS A 582 0.83 -3.16 -12.06
C HIS A 582 0.96 -1.86 -11.27
N TRP A 583 1.25 -1.95 -9.97
CA TRP A 583 1.47 -0.75 -9.17
C TRP A 583 2.73 -0.01 -9.59
N ARG A 584 3.79 -0.75 -9.93
CA ARG A 584 5.04 -0.13 -10.39
C ARG A 584 4.85 0.64 -11.69
N VAL A 585 4.11 0.06 -12.64
CA VAL A 585 3.84 0.79 -13.88
C VAL A 585 2.86 1.94 -13.63
N ALA A 586 1.86 1.76 -12.77
CA ALA A 586 0.88 2.80 -12.52
C ALA A 586 1.44 3.99 -11.74
N GLN A 587 2.58 3.81 -11.08
CA GLN A 587 3.24 4.97 -10.47
C GLN A 587 3.78 5.92 -11.52
N GLU A 588 4.27 5.39 -12.64
CA GLU A 588 4.89 6.18 -13.70
C GLU A 588 4.17 6.00 -15.03
N ARG A 589 2.83 6.07 -15.01
CA ARG A 589 2.05 5.81 -16.21
C ARG A 589 2.17 6.96 -17.22
N ASP A 590 2.24 8.20 -16.74
CA ASP A 590 2.25 9.35 -17.64
C ASP A 590 3.56 9.47 -18.39
N GLU A 591 4.69 9.19 -17.72
CA GLU A 591 5.99 9.22 -18.37
C GLU A 591 6.10 8.14 -19.45
N LEU A 592 5.61 6.94 -19.15
CA LEU A 592 5.66 5.84 -20.11
C LEU A 592 4.74 6.10 -21.30
N TRP A 593 3.56 6.67 -21.05
CA TRP A 593 2.66 6.99 -22.15
C TRP A 593 3.22 8.13 -23.00
N ARG A 594 3.89 9.10 -22.37
CA ARG A 594 4.53 10.17 -23.14
C ARG A 594 5.67 9.64 -23.99
N ALA A 595 6.44 8.69 -23.46
CA ALA A 595 7.51 8.05 -24.25
C ALA A 595 6.95 7.26 -25.43
N GLN A 596 5.83 6.56 -25.21
CA GLN A 596 5.15 5.88 -26.31
C GLN A 596 4.64 6.85 -27.36
N VAL A 597 4.13 8.00 -26.92
CA VAL A 597 3.65 9.04 -27.84
C VAL A 597 4.79 9.59 -28.69
N VAL A 598 5.95 9.86 -28.07
CA VAL A 598 7.08 10.39 -28.82
C VAL A 598 7.63 9.34 -29.79
N ALA A 599 7.67 8.07 -29.37
CA ALA A 599 8.13 7.00 -30.26
C ALA A 599 7.20 6.81 -31.44
N THR A 600 5.89 6.84 -31.20
CA THR A 600 4.91 6.72 -32.28
C THR A 600 4.96 7.92 -33.22
N THR A 601 5.15 9.12 -32.67
CA THR A 601 5.25 10.32 -33.50
C THR A 601 6.50 10.31 -34.37
N VAL A 602 7.62 9.83 -33.82
CA VAL A 602 8.86 9.71 -34.59
C VAL A 602 8.70 8.66 -35.69
N MET A 603 8.07 7.53 -35.38
CA MET A 603 7.83 6.48 -36.37
C MET A 603 6.92 6.97 -37.50
N LEU A 604 5.85 7.69 -37.15
CA LEU A 604 4.94 8.19 -38.17
C LEU A 604 5.53 9.34 -38.96
N GLU A 605 6.44 10.11 -38.37
CA GLU A 605 7.11 11.15 -39.14
C GLU A 605 8.14 10.56 -40.09
N ARG A 606 8.81 9.47 -39.68
CA ARG A 606 9.80 8.85 -40.53
C ARG A 606 9.17 8.05 -41.68
N LYS A 607 8.12 7.29 -41.40
CA LYS A 607 7.62 6.36 -42.41
C LYS A 607 6.62 6.99 -43.39
N MET A 608 5.72 7.84 -42.91
CA MET A 608 4.74 8.47 -43.78
C MET A 608 5.40 9.51 -44.68
N PRO A 609 4.82 9.81 -45.84
CA PRO A 609 5.43 10.79 -46.76
C PRO A 609 5.42 12.21 -46.19
N ARG A 610 6.23 13.06 -46.82
CA ARG A 610 6.49 14.39 -46.28
C ARG A 610 5.31 15.33 -46.47
N PHE A 611 4.47 15.10 -47.49
CA PHE A 611 3.36 16.00 -47.73
C PHE A 611 2.25 15.85 -46.71
N LEU A 612 2.19 14.72 -45.99
CA LEU A 612 1.27 14.58 -44.88
C LEU A 612 1.84 15.12 -43.58
N TRP A 613 3.15 15.37 -43.52
CA TRP A 613 3.82 15.85 -42.30
C TRP A 613 4.62 17.10 -42.62
N PRO A 614 4.01 18.28 -42.55
CA PRO A 614 4.77 19.53 -42.68
C PRO A 614 5.72 19.72 -41.50
N ARG A 615 6.74 20.54 -41.75
CA ARG A 615 7.75 20.78 -40.72
C ARG A 615 7.16 21.59 -39.58
N SER A 616 7.24 21.06 -38.37
CA SER A 616 6.59 21.64 -37.21
C SER A 616 7.38 22.84 -36.70
N GLY A 617 6.65 23.88 -36.30
CA GLY A 617 7.25 25.10 -35.80
C GLY A 617 6.95 26.28 -36.70
N ILE A 618 7.30 27.46 -36.19
CA ILE A 618 7.14 28.69 -36.96
C ILE A 618 8.21 28.75 -38.05
N CYS A 619 7.87 29.41 -39.16
CA CYS A 619 8.72 29.38 -40.35
C CYS A 619 10.03 30.12 -40.13
N GLY A 620 9.99 31.27 -39.47
CA GLY A 620 11.21 32.02 -39.21
C GLY A 620 11.75 32.89 -40.33
N TYR A 621 11.85 32.33 -41.54
CA TYR A 621 12.34 33.10 -42.68
C TYR A 621 11.35 34.16 -43.12
N GLU A 622 10.05 33.92 -42.92
CA GLU A 622 9.04 34.87 -43.33
C GLU A 622 9.00 36.10 -42.42
N TYR A 623 9.43 35.95 -41.17
CA TYR A 623 9.30 37.01 -40.18
C TYR A 623 10.62 37.77 -39.96
N GLY A 624 11.52 37.74 -40.93
CA GLY A 624 12.74 38.52 -40.87
C GLY A 624 13.89 37.85 -40.15
N LEU A 625 13.68 36.68 -39.56
CA LEU A 625 14.74 35.96 -38.89
C LEU A 625 15.50 35.10 -39.90
N GLY A 626 16.35 34.21 -39.41
CA GLY A 626 17.16 33.36 -40.27
C GLY A 626 16.40 32.16 -40.78
N ASP A 627 17.17 31.15 -41.19
CA ASP A 627 16.60 29.92 -41.74
C ASP A 627 16.15 28.94 -40.67
N ARG A 628 16.37 29.25 -39.39
CA ARG A 628 15.96 28.37 -38.32
C ARG A 628 14.45 28.38 -38.16
N TRP A 629 13.92 27.27 -37.62
CA TRP A 629 12.50 27.13 -37.34
C TRP A 629 12.30 27.15 -35.83
N PHE A 630 11.44 28.04 -35.36
CA PHE A 630 11.27 28.32 -33.94
C PHE A 630 9.96 27.75 -33.43
N LEU A 631 9.84 27.73 -32.10
CA LEU A 631 8.62 27.32 -31.41
C LEU A 631 8.34 28.29 -30.28
N ARG A 632 7.15 28.86 -30.27
CA ARG A 632 6.78 29.85 -29.26
C ARG A 632 6.08 29.17 -28.09
N VAL A 633 6.58 29.41 -26.88
CA VAL A 633 6.02 28.86 -25.66
C VAL A 633 5.66 30.03 -24.75
N GLU A 634 4.38 30.10 -24.37
CA GLU A 634 3.90 31.13 -23.45
C GLU A 634 3.68 30.47 -22.09
N ASN A 635 4.42 30.95 -21.08
CA ASN A 635 4.40 30.34 -19.76
C ASN A 635 3.94 31.35 -18.72
N HIS A 636 3.30 30.82 -17.67
CA HIS A 636 2.74 31.64 -16.59
C HIS A 636 3.65 31.52 -15.37
N HIS A 637 4.68 32.37 -15.34
CA HIS A 637 5.56 32.43 -14.18
C HIS A 637 4.96 33.35 -13.12
N ASP A 638 5.47 33.20 -11.89
CA ASP A 638 5.07 33.98 -10.70
C ASP A 638 3.57 33.94 -10.41
N TRP B 29 14.43 -17.15 36.67
CA TRP B 29 13.17 -17.29 37.39
C TRP B 29 12.85 -15.98 38.12
N GLU B 30 11.77 -15.33 37.69
CA GLU B 30 11.41 -14.02 38.22
C GLU B 30 10.88 -14.08 39.64
N GLN B 31 10.17 -15.16 40.00
CA GLN B 31 9.58 -15.26 41.33
C GLN B 31 10.61 -15.50 42.41
N TYR B 32 11.80 -15.99 42.04
CA TYR B 32 12.89 -16.09 42.99
C TYR B 32 13.66 -14.78 43.11
N ARG B 33 13.83 -14.07 41.99
CA ARG B 33 14.56 -12.80 42.01
C ARG B 33 13.77 -11.72 42.74
N ASP B 34 12.45 -11.71 42.59
CA ASP B 34 11.61 -10.78 43.34
C ASP B 34 11.67 -11.07 44.84
N ARG B 35 11.67 -12.35 45.22
CA ARG B 35 11.80 -12.72 46.62
C ARG B 35 13.16 -12.32 47.17
N VAL B 36 14.23 -12.50 46.37
CA VAL B 36 15.57 -12.10 46.78
C VAL B 36 15.66 -10.59 46.99
N ASN B 37 15.09 -9.82 46.05
CA ASN B 37 15.12 -8.36 46.19
C ASN B 37 14.29 -7.87 47.37
N MET B 38 13.12 -8.47 47.60
CA MET B 38 12.30 -8.06 48.74
C MET B 38 12.94 -8.44 50.07
N LEU B 39 13.58 -9.62 50.13
CA LEU B 39 14.31 -9.99 51.34
C LEU B 39 15.52 -9.10 51.57
N GLN B 40 16.19 -8.68 50.48
CA GLN B 40 17.31 -7.75 50.59
C GLN B 40 16.86 -6.40 51.12
N GLN B 41 15.74 -5.88 50.63
CA GLN B 41 15.21 -4.61 51.14
C GLN B 41 14.73 -4.74 52.57
N GLU B 42 14.15 -5.88 52.94
CA GLU B 42 13.74 -6.11 54.33
C GLU B 42 14.94 -6.17 55.26
N ARG B 43 16.01 -6.84 54.85
CA ARG B 43 17.21 -6.90 55.68
C ARG B 43 17.93 -5.55 55.74
N ILE B 44 17.81 -4.74 54.69
CA ILE B 44 18.37 -3.39 54.75
C ILE B 44 17.57 -2.52 55.73
N ARG B 45 16.24 -2.57 55.64
CA ARG B 45 15.42 -1.74 56.51
C ARG B 45 15.33 -2.26 57.94
N ASP B 46 15.73 -3.50 58.20
CA ASP B 46 15.70 -4.02 59.57
C ASP B 46 16.93 -3.57 60.36
N SER B 47 18.11 -3.73 59.78
CA SER B 47 19.34 -3.32 60.47
C SER B 47 19.47 -1.80 60.46
N PRO B 48 19.92 -1.20 61.57
CA PRO B 48 20.06 0.27 61.59
C PRO B 48 21.26 0.76 60.81
N LEU B 49 22.31 -0.07 60.71
CA LEU B 49 23.51 0.31 59.97
C LEU B 49 23.24 0.34 58.47
N LEU B 50 22.52 -0.66 57.95
CA LEU B 50 22.20 -0.70 56.53
C LEU B 50 21.21 0.40 56.16
N GLN B 51 20.27 0.70 57.07
CA GLN B 51 19.34 1.81 56.84
C GLN B 51 20.04 3.15 56.87
N ALA B 52 21.03 3.32 57.77
CA ALA B 52 21.80 4.56 57.80
C ALA B 52 22.69 4.70 56.57
N ALA B 53 23.23 3.58 56.06
CA ALA B 53 24.03 3.65 54.84
C ALA B 53 23.17 3.87 53.61
N LYS B 54 21.91 3.41 53.64
CA LYS B 54 21.03 3.58 52.48
C LYS B 54 20.58 5.02 52.31
N GLU B 55 20.16 5.66 53.41
CA GLU B 55 19.60 7.00 53.35
C GLU B 55 20.65 8.10 53.47
N ASN B 56 21.94 7.73 53.50
CA ASN B 56 23.07 8.64 53.74
C ASN B 56 22.91 9.42 55.04
N ASP B 57 22.43 8.73 56.07
CA ASP B 57 22.22 9.32 57.38
C ASP B 57 23.57 9.32 58.10
N LEU B 58 24.19 10.50 58.19
CA LEU B 58 25.53 10.59 58.76
C LEU B 58 25.51 10.46 60.28
N ARG B 59 24.46 10.97 60.93
CA ARG B 59 24.42 11.00 62.39
C ARG B 59 24.28 9.60 62.98
N LEU B 60 23.34 8.81 62.46
CA LEU B 60 23.15 7.45 62.96
C LEU B 60 24.34 6.56 62.61
N LEU B 61 24.94 6.79 61.44
CA LEU B 61 26.13 6.05 61.05
C LEU B 61 27.31 6.35 61.97
N LYS B 62 27.50 7.63 62.32
CA LYS B 62 28.59 8.00 63.24
C LYS B 62 28.33 7.47 64.65
N ILE B 63 27.07 7.47 65.08
CA ILE B 63 26.72 6.92 66.39
C ILE B 63 26.98 5.41 66.43
N LEU B 64 26.60 4.69 65.37
CA LEU B 64 26.80 3.25 65.34
C LEU B 64 28.27 2.87 65.15
N LEU B 65 29.05 3.71 64.47
CA LEU B 65 30.46 3.41 64.25
C LEU B 65 31.36 3.96 65.34
N LEU B 66 30.86 4.79 66.25
CA LEU B 66 31.66 5.20 67.40
C LEU B 66 31.89 4.04 68.35
N ASN B 67 30.82 3.33 68.70
CA ASN B 67 30.90 2.17 69.59
C ASN B 67 29.78 1.20 69.24
N GLN B 68 29.95 -0.05 69.66
CA GLN B 68 28.94 -1.08 69.42
C GLN B 68 27.73 -0.90 70.34
N ASP B 71 27.63 -4.72 64.68
CA ASP B 71 28.72 -5.44 64.03
C ASP B 71 29.13 -4.79 62.72
N PHE B 72 30.43 -4.74 62.46
CA PHE B 72 30.94 -4.19 61.22
C PHE B 72 30.83 -5.17 60.05
N GLN B 73 30.62 -6.45 60.34
CA GLN B 73 30.59 -7.49 59.31
C GLN B 73 29.22 -8.14 59.18
N GLN B 74 28.16 -7.45 59.59
CA GLN B 74 26.82 -7.98 59.41
C GLN B 74 26.42 -7.92 57.93
N ARG B 75 25.66 -8.92 57.50
CA ARG B 75 25.33 -9.08 56.08
C ARG B 75 23.82 -9.18 55.91
N GLY B 76 23.34 -8.78 54.74
CA GLY B 76 21.94 -8.80 54.42
C GLY B 76 21.46 -10.16 53.93
N ALA B 77 20.37 -10.15 53.18
CA ALA B 77 19.80 -11.40 52.66
C ALA B 77 20.66 -11.99 51.56
N VAL B 78 21.39 -11.15 50.83
CA VAL B 78 22.26 -11.62 49.76
C VAL B 78 23.72 -11.68 50.19
N GLY B 79 23.99 -11.54 51.49
CA GLY B 79 25.35 -11.57 51.98
C GLY B 79 26.13 -10.29 51.76
N GLU B 80 25.48 -9.21 51.31
CA GLU B 80 26.18 -7.96 51.07
C GLU B 80 26.44 -7.23 52.37
N THR B 81 27.60 -6.58 52.45
CA THR B 81 27.98 -5.85 53.65
C THR B 81 27.39 -4.44 53.62
N ALA B 82 27.74 -3.63 54.61
CA ALA B 82 27.24 -2.26 54.67
C ALA B 82 27.88 -1.38 53.60
N LEU B 83 29.09 -1.71 53.17
CA LEU B 83 29.75 -0.95 52.11
C LEU B 83 29.07 -1.19 50.77
N HIS B 84 28.52 -2.39 50.55
CA HIS B 84 27.74 -2.64 49.34
C HIS B 84 26.46 -1.84 49.32
N VAL B 85 25.83 -1.66 50.48
CA VAL B 85 24.63 -0.83 50.58
C VAL B 85 24.98 0.64 50.37
N ALA B 86 26.14 1.07 50.88
CA ALA B 86 26.56 2.46 50.70
C ALA B 86 26.94 2.74 49.25
N ALA B 87 27.51 1.75 48.57
CA ALA B 87 27.86 1.92 47.16
C ALA B 87 26.68 1.73 46.22
N LEU B 88 25.63 1.04 46.67
CA LEU B 88 24.48 0.80 45.80
C LEU B 88 23.64 2.06 45.61
N TYR B 89 23.56 2.88 46.64
CA TYR B 89 22.74 4.09 46.61
C TYR B 89 23.56 5.35 46.35
N ASP B 90 24.82 5.19 45.89
CA ASP B 90 25.73 6.27 45.49
C ASP B 90 25.99 7.27 46.62
N ASN B 91 26.07 6.78 47.86
CA ASN B 91 26.38 7.62 49.01
C ASN B 91 27.87 7.58 49.24
N LEU B 92 28.57 8.64 48.80
CA LEU B 92 30.02 8.67 48.91
C LEU B 92 30.47 8.91 50.35
N GLU B 93 29.79 9.83 51.06
CA GLU B 93 30.19 10.19 52.41
C GLU B 93 29.97 9.05 53.39
N ALA B 94 28.85 8.35 53.26
CA ALA B 94 28.59 7.18 54.10
C ALA B 94 29.56 6.05 53.79
N ALA B 95 29.95 5.91 52.52
CA ALA B 95 30.94 4.89 52.16
C ALA B 95 32.32 5.22 52.74
N THR B 96 32.71 6.49 52.74
CA THR B 96 33.98 6.87 53.36
C THR B 96 33.94 6.70 54.87
N LEU B 97 32.79 6.98 55.50
CA LEU B 97 32.65 6.74 56.93
C LEU B 97 32.70 5.24 57.26
N LEU B 98 32.10 4.41 56.42
CA LEU B 98 32.17 2.96 56.61
C LEU B 98 33.53 2.38 56.28
N MET B 99 34.34 3.08 55.46
CA MET B 99 35.69 2.63 55.16
C MET B 99 36.73 3.21 56.12
N GLU B 100 36.36 4.20 56.93
CA GLU B 100 37.29 4.71 57.94
C GLU B 100 37.57 3.67 59.02
N ALA B 101 36.54 2.94 59.44
CA ALA B 101 36.68 1.86 60.41
C ALA B 101 36.44 0.53 59.72
N ALA B 102 37.31 -0.46 60.00
CA ALA B 102 37.35 -1.80 59.41
C ALA B 102 37.40 -1.75 57.88
N PRO B 103 38.55 -1.39 57.28
CA PRO B 103 38.62 -1.26 55.82
C PRO B 103 38.52 -2.57 55.05
N GLU B 104 38.54 -3.73 55.74
CA GLU B 104 38.44 -5.04 55.09
C GLU B 104 37.11 -5.27 54.40
N LEU B 105 36.09 -4.46 54.68
CA LEU B 105 34.84 -4.47 53.93
C LEU B 105 35.04 -4.09 52.46
N ALA B 106 36.16 -3.42 52.12
CA ALA B 106 36.48 -3.21 50.72
C ALA B 106 36.81 -4.51 50.00
N LYS B 107 37.25 -5.54 50.74
CA LYS B 107 37.59 -6.83 50.15
C LYS B 107 36.57 -7.92 50.49
N GLU B 108 35.41 -7.56 51.03
CA GLU B 108 34.41 -8.56 51.40
C GLU B 108 33.42 -8.74 50.25
N PRO B 109 33.32 -9.95 49.68
CA PRO B 109 32.31 -10.19 48.65
C PRO B 109 31.01 -10.74 49.23
N ALA B 110 29.98 -10.71 48.39
CA ALA B 110 28.70 -11.29 48.77
C ALA B 110 28.76 -12.81 48.73
N LEU B 111 27.95 -13.45 49.57
CA LEU B 111 28.01 -14.89 49.77
C LEU B 111 26.63 -15.52 49.59
N CYS B 112 25.96 -15.19 48.50
CA CYS B 112 24.67 -15.80 48.18
C CYS B 112 24.60 -16.07 46.69
N GLU B 113 23.64 -16.92 46.31
CA GLU B 113 23.57 -17.45 44.95
C GLU B 113 23.31 -16.40 43.85
N PRO B 114 22.33 -15.48 43.94
CA PRO B 114 22.14 -14.54 42.81
C PRO B 114 23.24 -13.51 42.66
N PHE B 115 24.06 -13.28 43.68
CA PHE B 115 25.18 -12.35 43.60
C PHE B 115 26.37 -13.00 44.29
N VAL B 116 27.18 -13.73 43.52
CA VAL B 116 28.38 -14.39 44.02
C VAL B 116 29.58 -13.51 43.71
N GLY B 117 30.32 -13.12 44.73
CA GLY B 117 31.56 -12.40 44.53
C GLY B 117 31.41 -10.94 44.15
N GLN B 118 30.21 -10.38 44.21
CA GLN B 118 30.02 -8.97 43.88
C GLN B 118 30.56 -8.10 45.00
N THR B 119 31.74 -7.51 44.79
CA THR B 119 32.32 -6.64 45.79
C THR B 119 31.75 -5.23 45.66
N ALA B 120 32.25 -4.31 46.49
CA ALA B 120 31.81 -2.92 46.40
C ALA B 120 32.37 -2.23 45.17
N LEU B 121 33.45 -2.76 44.60
CA LEU B 121 34.07 -2.15 43.44
C LEU B 121 33.19 -2.26 42.20
N HIS B 122 32.50 -3.40 42.03
CA HIS B 122 31.61 -3.58 40.89
C HIS B 122 30.43 -2.62 40.95
N ILE B 123 29.84 -2.47 42.13
CA ILE B 123 28.71 -1.56 42.29
C ILE B 123 29.14 -0.10 42.19
N ALA B 124 30.38 0.20 42.63
CA ALA B 124 30.90 1.55 42.48
C ALA B 124 31.18 1.88 41.02
N VAL B 125 31.66 0.90 40.26
CA VAL B 125 31.92 1.11 38.83
C VAL B 125 30.61 1.26 38.06
N MET B 126 29.60 0.43 38.40
CA MET B 126 28.32 0.47 37.70
C MET B 126 27.59 1.80 37.92
N ASN B 127 27.72 2.38 39.10
CA ASN B 127 27.13 3.68 39.37
C ASN B 127 27.93 4.83 38.77
N GLN B 128 29.11 4.55 38.20
CA GLN B 128 29.99 5.52 37.53
C GLN B 128 30.40 6.64 38.48
N ASN B 129 30.71 6.28 39.72
CA ASN B 129 31.19 7.22 40.73
C ASN B 129 32.70 7.05 40.82
N LEU B 130 33.44 8.00 40.22
CA LEU B 130 34.89 7.88 40.12
C LEU B 130 35.58 8.03 41.47
N ASN B 131 35.03 8.90 42.34
CA ASN B 131 35.62 9.11 43.66
C ASN B 131 35.50 7.87 44.54
N LEU B 132 34.38 7.16 44.46
CA LEU B 132 34.21 5.94 45.23
C LEU B 132 35.12 4.82 44.73
N VAL B 133 35.32 4.73 43.41
CA VAL B 133 36.24 3.76 42.84
C VAL B 133 37.67 4.06 43.26
N ARG B 134 38.06 5.34 43.25
CA ARG B 134 39.39 5.73 43.70
C ARG B 134 39.60 5.46 45.18
N ALA B 135 38.57 5.71 46.00
CA ALA B 135 38.66 5.42 47.43
C ALA B 135 38.75 3.92 47.71
N LEU B 136 38.00 3.12 46.94
CA LEU B 136 38.06 1.67 47.11
C LEU B 136 39.40 1.10 46.67
N LEU B 137 39.98 1.65 45.60
CA LEU B 137 41.30 1.20 45.18
C LEU B 137 42.39 1.69 46.13
N ALA B 138 42.19 2.85 46.77
CA ALA B 138 43.12 3.29 47.81
C ALA B 138 43.02 2.42 49.05
N ARG B 139 41.82 1.94 49.38
CA ARG B 139 41.66 1.05 50.52
C ARG B 139 42.17 -0.37 50.26
N GLY B 140 42.42 -0.73 49.00
CA GLY B 140 42.94 -2.03 48.67
C GLY B 140 41.94 -3.06 48.21
N ALA B 141 40.91 -2.66 47.47
CA ALA B 141 39.92 -3.60 46.99
C ALA B 141 40.50 -4.50 45.91
N SER B 142 39.91 -5.69 45.78
CA SER B 142 40.39 -6.67 44.80
C SER B 142 39.99 -6.24 43.40
N VAL B 143 40.98 -6.00 42.54
CA VAL B 143 40.71 -5.59 41.16
C VAL B 143 40.44 -6.79 40.26
N SER B 144 40.72 -8.01 40.73
CA SER B 144 40.50 -9.22 39.95
C SER B 144 39.38 -10.09 40.53
N ALA B 145 38.51 -9.50 41.35
CA ALA B 145 37.40 -10.26 41.92
C ALA B 145 36.34 -10.54 40.88
N ARG B 146 35.90 -11.79 40.82
CA ARG B 146 34.94 -12.24 39.82
C ARG B 146 33.53 -12.18 40.39
N ALA B 147 32.61 -11.60 39.63
CA ALA B 147 31.19 -11.53 40.01
C ALA B 147 30.47 -12.69 39.32
N THR B 148 30.60 -13.88 39.90
CA THR B 148 30.12 -15.12 39.29
C THR B 148 28.69 -15.46 39.69
N GLY B 149 27.87 -14.47 40.01
CA GLY B 149 26.50 -14.73 40.37
C GLY B 149 25.62 -15.01 39.16
N ALA B 150 24.38 -15.41 39.45
CA ALA B 150 23.44 -15.71 38.38
C ALA B 150 22.92 -14.45 37.71
N ALA B 151 22.97 -13.31 38.41
CA ALA B 151 22.52 -12.06 37.82
C ALA B 151 23.52 -11.48 36.83
N PHE B 152 24.79 -11.89 36.91
CA PHE B 152 25.82 -11.36 36.03
C PHE B 152 26.06 -12.23 34.80
N ARG B 153 25.42 -13.39 34.70
CA ARG B 153 25.58 -14.25 33.55
C ARG B 153 24.80 -13.68 32.35
N ARG B 154 25.13 -14.19 31.16
CA ARG B 154 24.43 -13.81 29.95
C ARG B 154 23.20 -14.70 29.80
N SER B 155 22.02 -14.09 29.94
CA SER B 155 20.76 -14.82 29.90
C SER B 155 19.66 -13.86 29.50
N PRO B 156 18.56 -14.35 28.92
CA PRO B 156 17.40 -13.47 28.68
C PRO B 156 16.75 -12.94 29.94
N HIS B 157 16.96 -13.58 31.10
CA HIS B 157 16.45 -13.05 32.36
C HIS B 157 17.16 -11.76 32.74
N ASN B 158 18.48 -11.70 32.53
CA ASN B 158 19.25 -10.51 32.87
C ASN B 158 19.15 -9.49 31.74
N LEU B 159 18.89 -8.23 32.10
CA LEU B 159 18.76 -7.19 31.10
C LEU B 159 20.12 -6.76 30.54
N ILE B 160 21.18 -6.91 31.32
CA ILE B 160 22.52 -6.47 30.90
C ILE B 160 23.51 -7.61 31.12
N TYR B 161 24.45 -7.74 30.19
CA TYR B 161 25.58 -8.65 30.34
C TYR B 161 26.83 -7.79 30.34
N TYR B 162 27.30 -7.43 31.53
CA TYR B 162 28.48 -6.58 31.69
C TYR B 162 29.72 -7.38 32.08
N GLY B 163 29.63 -8.70 32.12
CA GLY B 163 30.76 -9.51 32.51
C GLY B 163 30.88 -9.67 34.01
N GLU B 164 32.07 -10.08 34.43
CA GLU B 164 32.34 -10.36 35.83
C GLU B 164 33.46 -9.52 36.42
N HIS B 165 34.57 -9.34 35.70
CA HIS B 165 35.67 -8.54 36.21
C HIS B 165 35.32 -7.05 36.15
N PRO B 166 35.83 -6.25 37.10
CA PRO B 166 35.48 -4.81 37.12
C PRO B 166 35.96 -4.04 35.91
N LEU B 167 37.00 -4.50 35.22
CA LEU B 167 37.41 -3.87 33.98
C LEU B 167 36.36 -4.04 32.88
N SER B 168 35.67 -5.18 32.86
CA SER B 168 34.58 -5.39 31.92
C SER B 168 33.42 -4.45 32.21
N PHE B 169 33.09 -4.25 33.49
CA PHE B 169 32.07 -3.29 33.88
C PHE B 169 32.45 -1.87 33.49
N ALA B 170 33.72 -1.51 33.70
CA ALA B 170 34.18 -0.16 33.38
C ALA B 170 34.22 0.09 31.88
N ALA B 171 34.53 -0.95 31.09
CA ALA B 171 34.50 -0.80 29.65
C ALA B 171 33.06 -0.73 29.12
N CYS B 172 32.16 -1.51 29.71
CA CYS B 172 30.79 -1.55 29.21
C CYS B 172 29.97 -0.34 29.62
N VAL B 173 30.24 0.25 30.79
CA VAL B 173 29.49 1.43 31.22
C VAL B 173 29.83 2.63 30.34
N GLY B 174 31.12 2.88 30.12
CA GLY B 174 31.51 3.94 29.21
C GLY B 174 32.25 5.09 29.86
N SER B 175 33.00 4.81 30.91
CA SER B 175 33.81 5.81 31.60
C SER B 175 35.28 5.46 31.40
N GLU B 176 35.98 6.30 30.63
CA GLU B 176 37.38 6.02 30.31
C GLU B 176 38.29 6.21 31.52
N GLU B 177 37.92 7.15 32.42
CA GLU B 177 38.72 7.42 33.60
C GLU B 177 38.76 6.22 34.54
N ILE B 178 37.62 5.53 34.69
CA ILE B 178 37.58 4.34 35.53
C ILE B 178 38.39 3.21 34.90
N VAL B 179 38.38 3.12 33.55
CA VAL B 179 39.18 2.11 32.85
C VAL B 179 40.66 2.35 33.07
N ARG B 180 41.10 3.61 32.94
CA ARG B 180 42.50 3.95 33.16
C ARG B 180 42.90 3.75 34.62
N LEU B 181 42.01 4.06 35.55
CA LEU B 181 42.30 3.88 36.97
C LEU B 181 42.40 2.40 37.34
N LEU B 182 41.56 1.56 36.74
CA LEU B 182 41.62 0.13 37.02
C LEU B 182 42.85 -0.51 36.37
N ILE B 183 43.20 -0.10 35.15
CA ILE B 183 44.35 -0.66 34.47
C ILE B 183 45.66 -0.24 35.15
N GLU B 184 45.73 1.01 35.60
CA GLU B 184 46.93 1.49 36.29
C GLU B 184 47.07 0.85 37.68
N HIS B 185 45.99 0.36 38.27
CA HIS B 185 46.05 -0.31 39.56
C HIS B 185 46.24 -1.82 39.44
N GLY B 186 46.30 -2.36 38.23
CA GLY B 186 46.64 -3.74 38.03
C GLY B 186 45.53 -4.68 37.55
N ALA B 187 44.51 -4.18 36.86
CA ALA B 187 43.49 -5.05 36.30
C ALA B 187 44.03 -5.79 35.10
N ASP B 188 43.66 -7.06 34.97
CA ASP B 188 44.11 -7.90 33.86
C ASP B 188 43.13 -7.76 32.70
N ILE B 189 43.64 -7.31 31.55
CA ILE B 189 42.80 -7.16 30.36
C ILE B 189 42.51 -8.51 29.71
N ARG B 190 43.32 -9.52 29.98
CA ARG B 190 43.18 -10.83 29.36
C ARG B 190 42.28 -11.76 30.16
N ALA B 191 41.67 -11.28 31.24
CA ALA B 191 40.85 -12.13 32.08
C ALA B 191 39.54 -12.48 31.39
N GLN B 192 39.06 -13.70 31.63
CA GLN B 192 37.85 -14.20 31.00
C GLN B 192 36.85 -14.66 32.07
N ASP B 193 35.57 -14.55 31.75
CA ASP B 193 34.49 -14.90 32.66
C ASP B 193 34.13 -16.38 32.45
N SER B 194 32.98 -16.79 33.00
CA SER B 194 32.57 -18.20 32.94
C SER B 194 32.24 -18.65 31.52
N LEU B 195 31.81 -17.72 30.66
CA LEU B 195 31.59 -18.05 29.26
C LEU B 195 32.86 -17.96 28.42
N GLY B 196 33.99 -17.58 29.03
CA GLY B 196 35.23 -17.43 28.30
C GLY B 196 35.40 -16.10 27.59
N ASN B 197 34.45 -15.18 27.74
CA ASN B 197 34.51 -13.91 27.03
C ASN B 197 35.55 -13.00 27.67
N THR B 198 36.42 -12.43 26.83
CA THR B 198 37.32 -11.37 27.26
C THR B 198 36.56 -10.04 27.29
N VAL B 199 37.27 -8.97 27.63
CA VAL B 199 36.62 -7.66 27.75
C VAL B 199 36.19 -7.13 26.39
N LEU B 200 36.87 -7.54 25.31
CA LEU B 200 36.47 -7.14 23.97
C LEU B 200 35.17 -7.81 23.56
N HIS B 201 34.98 -9.07 23.96
CA HIS B 201 33.75 -9.80 23.65
C HIS B 201 32.54 -9.16 24.33
N ILE B 202 32.69 -8.76 25.59
CA ILE B 202 31.60 -8.10 26.29
C ILE B 202 31.41 -6.68 25.78
N LEU B 203 32.47 -6.06 25.24
CA LEU B 203 32.34 -4.74 24.63
C LEU B 203 31.54 -4.81 23.33
N ILE B 204 31.72 -5.89 22.57
CA ILE B 204 31.01 -6.03 21.29
C ILE B 204 29.51 -6.22 21.51
N LEU B 205 29.14 -6.97 22.56
CA LEU B 205 27.75 -7.33 22.81
C LEU B 205 26.89 -6.15 23.29
N GLN B 206 27.48 -5.00 23.60
CA GLN B 206 26.73 -3.87 24.10
C GLN B 206 25.86 -3.26 23.00
N PRO B 207 24.67 -2.74 23.36
CA PRO B 207 23.82 -2.09 22.35
C PRO B 207 24.28 -0.69 21.99
N ASN B 208 24.97 -0.03 22.91
CA ASN B 208 25.51 1.32 22.66
C ASN B 208 26.82 1.18 21.90
N LYS B 209 26.69 1.02 20.58
CA LYS B 209 27.82 0.71 19.71
C LYS B 209 28.59 1.93 19.25
N THR B 210 28.20 3.14 19.67
CA THR B 210 28.92 4.34 19.27
C THR B 210 30.17 4.56 20.11
N PHE B 211 30.00 4.63 21.44
CA PHE B 211 31.13 4.81 22.34
C PHE B 211 31.91 3.51 22.54
N ALA B 212 31.32 2.37 22.19
CA ALA B 212 31.99 1.09 22.36
C ALA B 212 33.19 0.94 21.42
N CYS B 213 33.14 1.59 20.25
CA CYS B 213 34.30 1.61 19.36
C CYS B 213 35.46 2.38 19.97
N GLN B 214 35.17 3.51 20.62
CA GLN B 214 36.23 4.28 21.29
C GLN B 214 36.79 3.53 22.48
N MET B 215 35.92 2.83 23.23
CA MET B 215 36.41 2.02 24.35
C MET B 215 37.24 0.83 23.85
N TYR B 216 36.85 0.25 22.72
CA TYR B 216 37.62 -0.81 22.09
C TYR B 216 39.00 -0.32 21.66
N ASN B 217 39.05 0.89 21.08
CA ASN B 217 40.33 1.46 20.67
C ASN B 217 41.21 1.78 21.86
N LEU B 218 40.60 2.27 22.96
CA LEU B 218 41.36 2.54 24.18
C LEU B 218 41.93 1.25 24.80
N LEU B 219 41.13 0.18 24.82
CA LEU B 219 41.62 -1.08 25.38
C LEU B 219 42.65 -1.73 24.48
N LEU B 220 42.54 -1.56 23.15
CA LEU B 220 43.59 -2.05 22.27
C LEU B 220 44.86 -1.23 22.37
N SER B 221 44.74 0.07 22.67
CA SER B 221 45.91 0.90 22.92
C SER B 221 46.60 0.50 24.21
N TYR B 222 45.82 0.13 25.24
CA TYR B 222 46.42 -0.30 26.50
C TYR B 222 46.98 -1.72 26.43
N ASP B 223 46.63 -2.48 25.40
CA ASP B 223 47.13 -3.85 25.26
C ASP B 223 48.40 -3.85 24.42
N GLU B 224 49.52 -4.23 25.04
CA GLU B 224 50.78 -4.33 24.33
C GLU B 224 51.46 -5.67 24.63
N LEU B 229 52.98 -13.08 24.22
CA LEU B 229 52.14 -14.08 23.58
C LEU B 229 51.32 -13.46 22.45
N GLN B 230 50.16 -14.05 22.16
CA GLN B 230 49.29 -13.53 21.13
C GLN B 230 48.58 -12.26 21.60
N SER B 231 48.03 -11.53 20.65
CA SER B 231 47.27 -10.33 20.96
C SER B 231 45.91 -10.68 21.54
N LEU B 232 45.23 -9.67 22.09
CA LEU B 232 43.92 -9.87 22.66
C LEU B 232 42.85 -10.11 21.59
N GLU B 233 43.12 -9.69 20.34
CA GLU B 233 42.19 -9.90 19.25
C GLU B 233 42.08 -11.37 18.84
N LEU B 234 43.08 -12.18 19.15
CA LEU B 234 43.11 -13.59 18.75
C LEU B 234 42.76 -14.54 19.88
N VAL B 235 42.20 -14.04 20.98
CA VAL B 235 41.85 -14.87 22.13
C VAL B 235 40.39 -15.28 21.97
N PRO B 236 40.09 -16.56 21.82
CA PRO B 236 38.69 -16.99 21.68
C PRO B 236 38.04 -17.32 23.02
N ASN B 237 36.71 -17.37 22.99
CA ASN B 237 35.91 -17.74 24.15
C ASN B 237 35.75 -19.25 24.20
N HIS B 238 34.84 -19.72 25.05
CA HIS B 238 34.61 -21.16 25.18
C HIS B 238 33.88 -21.73 23.97
N GLN B 239 33.09 -20.90 23.29
CA GLN B 239 32.43 -21.37 22.07
C GLN B 239 33.40 -21.48 20.90
N GLY B 240 34.51 -20.75 20.95
CA GLY B 240 35.51 -20.79 19.90
C GLY B 240 35.57 -19.56 19.03
N LEU B 241 34.93 -18.46 19.41
CA LEU B 241 34.81 -17.29 18.54
C LEU B 241 35.81 -16.22 18.95
N THR B 242 36.53 -15.69 17.97
CA THR B 242 37.34 -14.50 18.15
C THR B 242 36.43 -13.27 18.25
N PRO B 243 36.95 -12.14 18.75
CA PRO B 243 36.16 -10.89 18.69
C PRO B 243 35.73 -10.48 17.29
N PHE B 244 36.53 -10.76 16.27
CA PHE B 244 36.11 -10.53 14.89
C PHE B 244 34.94 -11.44 14.53
N LYS B 245 35.04 -12.73 14.86
CA LYS B 245 33.95 -13.66 14.57
C LYS B 245 32.72 -13.39 15.43
N LEU B 246 32.91 -12.96 16.68
CA LEU B 246 31.76 -12.62 17.52
C LEU B 246 31.08 -11.34 17.05
N ALA B 247 31.85 -10.38 16.55
CA ALA B 247 31.25 -9.20 15.93
C ALA B 247 30.51 -9.58 14.64
N GLY B 248 31.03 -10.56 13.92
CA GLY B 248 30.33 -11.04 12.73
C GLY B 248 29.04 -11.78 13.04
N VAL B 249 29.02 -12.55 14.12
CA VAL B 249 27.84 -13.35 14.45
C VAL B 249 26.72 -12.46 14.98
N GLU B 250 27.04 -11.56 15.91
CA GLU B 250 26.03 -10.83 16.66
C GLU B 250 25.41 -9.65 15.91
N GLY B 251 25.76 -9.45 14.65
CA GLY B 251 25.16 -8.37 13.89
C GLY B 251 25.71 -6.99 14.19
N ASN B 252 26.89 -6.91 14.79
CA ASN B 252 27.48 -5.62 15.18
C ASN B 252 28.24 -5.08 13.97
N THR B 253 27.55 -4.27 13.17
CA THR B 253 28.15 -3.72 11.96
C THR B 253 29.11 -2.58 12.24
N VAL B 254 28.83 -1.76 13.27
CA VAL B 254 29.68 -0.62 13.58
C VAL B 254 31.03 -1.09 14.14
N MET B 255 31.00 -2.09 15.02
CA MET B 255 32.24 -2.67 15.50
C MET B 255 32.97 -3.43 14.41
N PHE B 256 32.23 -3.99 13.44
CA PHE B 256 32.86 -4.61 12.28
C PHE B 256 33.61 -3.60 11.43
N GLN B 257 33.02 -2.41 11.22
CA GLN B 257 33.70 -1.34 10.50
C GLN B 257 34.92 -0.84 11.28
N HIS B 258 34.79 -0.73 12.61
CA HIS B 258 35.90 -0.30 13.44
C HIS B 258 37.04 -1.33 13.44
N LEU B 259 36.72 -2.61 13.35
CA LEU B 259 37.75 -3.63 13.24
C LEU B 259 38.39 -3.65 11.86
N MET B 260 37.60 -3.47 10.79
CA MET B 260 38.15 -3.50 9.45
C MET B 260 38.91 -2.23 9.09
N GLN B 261 38.69 -1.13 9.80
CA GLN B 261 39.50 0.06 9.57
C GLN B 261 40.91 -0.06 10.16
N LYS B 262 41.18 -1.07 10.98
CA LYS B 262 42.52 -1.36 11.45
C LYS B 262 43.24 -2.40 10.60
N ARG B 263 42.59 -2.93 9.57
CA ARG B 263 43.18 -3.92 8.70
C ARG B 263 43.31 -3.49 7.25
N LYS B 264 42.64 -2.41 6.84
CA LYS B 264 42.78 -1.90 5.49
C LYS B 264 44.13 -1.23 5.32
N HIS B 265 44.52 -1.04 4.05
CA HIS B 265 45.76 -0.37 3.70
C HIS B 265 45.53 0.37 2.40
N VAL B 266 45.44 1.70 2.47
CA VAL B 266 45.17 2.51 1.29
C VAL B 266 46.43 2.56 0.44
N GLN B 267 46.34 1.99 -0.77
CA GLN B 267 47.49 1.99 -1.67
C GLN B 267 47.71 3.36 -2.28
N TRP B 268 46.70 3.90 -2.95
CA TRP B 268 46.79 5.24 -3.53
C TRP B 268 45.40 5.86 -3.58
N THR B 269 45.35 7.16 -3.33
CA THR B 269 44.14 7.96 -3.46
C THR B 269 44.40 9.00 -4.55
N CYS B 270 43.90 8.74 -5.75
CA CYS B 270 44.08 9.62 -6.89
C CYS B 270 42.71 10.22 -7.23
N GLY B 271 42.54 11.51 -6.95
CA GLY B 271 41.31 12.20 -7.21
C GLY B 271 40.14 11.64 -6.44
N PRO B 272 39.09 11.23 -7.15
CA PRO B 272 37.97 10.54 -6.51
C PRO B 272 38.17 9.04 -6.31
N LEU B 273 39.27 8.48 -6.79
CA LEU B 273 39.51 7.04 -6.72
C LEU B 273 40.39 6.72 -5.52
N THR B 274 40.01 5.69 -4.77
CA THR B 274 40.80 5.22 -3.63
C THR B 274 40.96 3.72 -3.74
N SER B 275 42.20 3.25 -3.66
CA SER B 275 42.50 1.82 -3.79
C SER B 275 42.90 1.27 -2.43
N THR B 276 41.95 0.67 -1.72
CA THR B 276 42.19 0.08 -0.42
C THR B 276 42.54 -1.40 -0.57
N LEU B 277 43.35 -1.90 0.35
CA LEU B 277 43.83 -3.28 0.31
C LEU B 277 43.40 -3.96 1.61
N TYR B 278 42.19 -4.53 1.62
CA TYR B 278 41.68 -5.18 2.81
C TYR B 278 42.35 -6.53 3.02
N ASP B 279 42.37 -6.97 4.28
CA ASP B 279 43.00 -8.22 4.66
C ASP B 279 41.93 -9.30 4.85
N LEU B 280 42.16 -10.47 4.25
CA LEU B 280 41.24 -11.59 4.33
C LEU B 280 41.74 -12.69 5.26
N THR B 281 42.55 -12.33 6.25
CA THR B 281 43.05 -13.33 7.19
C THR B 281 41.94 -13.80 8.13
N GLU B 282 41.14 -12.88 8.64
CA GLU B 282 40.07 -13.18 9.57
C GLU B 282 38.69 -13.15 8.93
N ILE B 283 38.61 -13.02 7.62
CA ILE B 283 37.34 -13.01 6.89
C ILE B 283 37.17 -14.27 6.06
N ASP B 284 38.19 -14.64 5.27
CA ASP B 284 38.10 -15.84 4.47
C ASP B 284 38.20 -17.10 5.33
N SER B 285 39.14 -17.09 6.29
CA SER B 285 39.41 -18.19 7.23
C SER B 285 39.72 -19.50 6.49
N TRP B 286 40.76 -19.45 5.66
CA TRP B 286 41.15 -20.62 4.89
C TRP B 286 41.85 -21.63 5.77
N GLY B 287 41.53 -22.91 5.55
CA GLY B 287 42.11 -23.96 6.36
C GLY B 287 41.54 -24.04 7.77
N GLU B 288 40.27 -23.67 7.96
CA GLU B 288 39.63 -23.70 9.26
C GLU B 288 38.40 -24.60 9.21
N GLU B 289 38.03 -25.11 10.39
CA GLU B 289 36.86 -25.98 10.50
C GLU B 289 35.57 -25.21 10.23
N LEU B 290 35.42 -24.06 10.88
CA LEU B 290 34.27 -23.17 10.66
C LEU B 290 34.79 -21.81 10.24
N SER B 291 34.41 -21.38 9.03
CA SER B 291 34.86 -20.11 8.51
C SER B 291 34.05 -18.96 9.12
N PHE B 292 34.46 -17.73 8.79
CA PHE B 292 33.77 -16.55 9.29
C PHE B 292 32.39 -16.39 8.66
N LEU B 293 32.29 -16.62 7.35
CA LEU B 293 31.03 -16.42 6.65
C LEU B 293 29.99 -17.47 7.03
N GLU B 294 30.43 -18.69 7.33
CA GLU B 294 29.52 -19.72 7.81
C GLU B 294 28.96 -19.38 9.18
N LEU B 295 29.78 -18.75 10.04
CA LEU B 295 29.29 -18.29 11.33
C LEU B 295 28.37 -17.09 11.18
N VAL B 296 28.62 -16.23 10.18
CA VAL B 296 27.78 -15.06 9.96
C VAL B 296 26.39 -15.48 9.47
N VAL B 297 26.34 -16.36 8.46
CA VAL B 297 25.07 -16.72 7.85
C VAL B 297 24.25 -17.62 8.78
N SER B 298 24.88 -18.66 9.32
CA SER B 298 24.18 -19.58 10.23
C SER B 298 24.20 -19.03 11.66
N SER B 299 23.43 -17.96 11.84
CA SER B 299 23.29 -17.29 13.13
C SER B 299 21.83 -17.01 13.39
N LYS B 300 21.44 -17.11 14.67
CA LYS B 300 20.06 -16.85 15.05
C LYS B 300 19.73 -15.36 15.03
N LYS B 301 20.74 -14.49 15.10
CA LYS B 301 20.51 -13.06 15.04
C LYS B 301 20.15 -12.62 13.63
N ARG B 302 19.17 -11.72 13.54
CA ARG B 302 18.71 -11.24 12.23
C ARG B 302 19.71 -10.26 11.61
N GLU B 303 20.38 -9.46 12.44
CA GLU B 303 21.21 -8.36 11.97
C GLU B 303 22.51 -8.81 11.30
N ALA B 304 22.91 -10.08 11.46
CA ALA B 304 24.16 -10.59 10.93
C ALA B 304 24.21 -10.53 9.40
N ARG B 305 23.05 -10.63 8.74
CA ARG B 305 23.00 -10.47 7.29
C ARG B 305 23.43 -9.09 6.82
N GLN B 306 23.30 -8.06 7.67
CA GLN B 306 23.85 -6.74 7.35
C GLN B 306 25.36 -6.76 7.20
N ILE B 307 26.05 -7.67 7.90
CA ILE B 307 27.50 -7.80 7.71
C ILE B 307 27.84 -8.51 6.41
N LEU B 308 26.85 -9.09 5.73
CA LEU B 308 27.07 -9.52 4.36
C LEU B 308 26.99 -8.36 3.38
N GLU B 309 26.63 -7.16 3.83
CA GLU B 309 26.57 -5.98 2.98
C GLU B 309 27.71 -4.99 3.24
N GLN B 310 28.74 -5.40 3.99
CA GLN B 310 29.82 -4.49 4.31
C GLN B 310 30.82 -4.39 3.15
N THR B 311 31.93 -3.68 3.40
CA THR B 311 32.82 -3.33 2.29
C THR B 311 33.70 -4.49 1.83
N PRO B 312 34.45 -5.25 2.71
CA PRO B 312 35.24 -6.35 2.12
C PRO B 312 34.44 -7.63 1.90
N VAL B 313 33.41 -7.87 2.72
CA VAL B 313 32.68 -9.13 2.71
C VAL B 313 31.85 -9.27 1.45
N LYS B 314 31.15 -8.19 1.06
CA LYS B 314 30.31 -8.23 -0.14
C LYS B 314 31.15 -8.41 -1.40
N GLU B 315 32.28 -7.70 -1.46
CA GLU B 315 33.24 -7.85 -2.58
C GLU B 315 33.71 -9.32 -2.64
N LEU B 316 34.14 -9.86 -1.50
CA LEU B 316 34.70 -11.21 -1.45
C LEU B 316 33.67 -12.25 -1.90
N VAL B 317 32.43 -12.14 -1.40
CA VAL B 317 31.44 -13.14 -1.78
C VAL B 317 30.96 -12.92 -3.21
N SER B 318 31.03 -11.68 -3.72
CA SER B 318 30.68 -11.43 -5.11
C SER B 318 31.72 -12.03 -6.04
N PHE B 319 33.00 -11.91 -5.69
CA PHE B 319 34.06 -12.56 -6.47
C PHE B 319 33.93 -14.07 -6.42
N LYS B 320 33.74 -14.63 -5.21
CA LYS B 320 33.64 -16.08 -5.05
C LYS B 320 32.38 -16.66 -5.65
N TRP B 321 31.33 -15.86 -5.82
CA TRP B 321 30.11 -16.34 -6.46
C TRP B 321 30.16 -16.18 -7.97
N LYS B 322 30.61 -15.03 -8.47
CA LYS B 322 30.60 -14.80 -9.92
C LYS B 322 31.69 -15.61 -10.62
N LYS B 323 32.82 -15.86 -9.96
CA LYS B 323 33.86 -16.62 -10.64
C LYS B 323 33.66 -18.13 -10.49
N TYR B 324 33.39 -18.60 -9.28
CA TYR B 324 33.35 -20.03 -9.00
C TYR B 324 31.98 -20.57 -8.63
N GLY B 325 31.22 -19.87 -7.79
CA GLY B 325 30.00 -20.44 -7.24
C GLY B 325 28.89 -20.59 -8.27
N ARG B 326 28.70 -19.57 -9.11
CA ARG B 326 27.63 -19.61 -10.11
C ARG B 326 27.80 -20.69 -11.19
N PRO B 327 28.96 -20.87 -11.85
CA PRO B 327 29.01 -21.96 -12.85
C PRO B 327 28.96 -23.36 -12.25
N TYR B 328 29.55 -23.57 -11.08
CA TYR B 328 29.47 -24.87 -10.42
C TYR B 328 28.05 -25.16 -9.96
N PHE B 329 27.34 -24.13 -9.49
CA PHE B 329 25.94 -24.31 -9.09
C PHE B 329 25.05 -24.58 -10.29
N CYS B 330 25.32 -23.94 -11.43
CA CYS B 330 24.55 -24.20 -12.64
C CYS B 330 24.83 -25.61 -13.18
N VAL B 331 26.08 -26.07 -13.08
CA VAL B 331 26.43 -27.43 -13.48
C VAL B 331 25.73 -28.46 -12.60
N LEU B 332 25.72 -28.22 -11.28
CA LEU B 332 25.02 -29.12 -10.36
C LEU B 332 23.51 -29.10 -10.59
N ALA B 333 22.96 -27.93 -10.91
CA ALA B 333 21.53 -27.83 -11.21
C ALA B 333 21.18 -28.58 -12.49
N SER B 334 22.01 -28.47 -13.52
CA SER B 334 21.76 -29.20 -14.77
C SER B 334 21.88 -30.71 -14.57
N LEU B 335 22.89 -31.15 -13.79
CA LEU B 335 23.04 -32.58 -13.50
C LEU B 335 21.88 -33.12 -12.69
N TYR B 336 21.39 -32.34 -11.71
CA TYR B 336 20.25 -32.80 -10.92
C TYR B 336 18.96 -32.79 -11.75
N ILE B 337 18.82 -31.84 -12.67
CA ILE B 337 17.64 -31.81 -13.54
C ILE B 337 17.64 -33.01 -14.48
N LEU B 338 18.81 -33.37 -15.03
CA LEU B 338 18.90 -34.56 -15.87
C LEU B 338 18.66 -35.84 -15.06
N TYR B 339 19.14 -35.88 -13.81
CA TYR B 339 18.89 -37.02 -12.94
C TYR B 339 17.40 -37.16 -12.62
N MET B 340 16.72 -36.05 -12.37
CA MET B 340 15.29 -36.10 -12.12
C MET B 340 14.49 -36.45 -13.37
N ILE B 341 14.99 -36.06 -14.55
CA ILE B 341 14.35 -36.47 -15.80
C ILE B 341 14.49 -37.97 -16.00
N CYS B 342 15.67 -38.53 -15.67
CA CYS B 342 15.85 -39.98 -15.74
C CYS B 342 14.97 -40.71 -14.73
N PHE B 343 14.83 -40.16 -13.53
CA PHE B 343 13.95 -40.75 -12.51
C PHE B 343 12.48 -40.72 -12.94
N THR B 344 12.05 -39.59 -13.54
CA THR B 344 10.69 -39.49 -14.04
C THR B 344 10.44 -40.46 -15.19
N THR B 345 11.42 -40.61 -16.09
CA THR B 345 11.29 -41.55 -17.19
C THR B 345 11.25 -42.98 -16.72
N CYS B 346 11.97 -43.31 -15.64
CA CYS B 346 11.85 -44.65 -15.06
C CYS B 346 10.52 -44.82 -14.33
N CYS B 347 9.94 -43.72 -13.83
CA CYS B 347 8.65 -43.82 -13.16
C CYS B 347 7.51 -44.03 -14.14
N ILE B 348 7.56 -43.36 -15.30
CA ILE B 348 6.46 -43.45 -16.27
C ILE B 348 6.43 -44.82 -16.92
N TYR B 349 7.59 -45.39 -17.23
CA TYR B 349 7.69 -46.70 -17.86
C TYR B 349 7.75 -47.84 -16.85
N ARG B 350 7.12 -47.67 -15.69
CA ARG B 350 7.10 -48.69 -14.65
C ARG B 350 6.39 -49.94 -15.15
N PRO B 351 6.95 -51.13 -14.90
CA PRO B 351 6.40 -52.36 -15.49
C PRO B 351 5.05 -52.74 -14.90
N LEU B 352 4.04 -52.82 -15.76
CA LEU B 352 2.68 -53.14 -15.37
C LEU B 352 2.13 -54.23 -16.31
N LYS B 353 1.33 -55.13 -15.75
CA LYS B 353 0.69 -56.18 -16.52
C LYS B 353 -0.80 -56.17 -16.23
N LEU B 354 -1.53 -56.99 -17.00
CA LEU B 354 -2.97 -57.11 -16.84
C LEU B 354 -3.32 -57.77 -15.52
N ARG B 355 -4.43 -57.34 -14.93
CA ARG B 355 -4.87 -57.89 -13.65
C ARG B 355 -5.42 -59.30 -13.84
N ASP B 356 -4.91 -60.24 -13.05
CA ASP B 356 -5.34 -61.62 -13.17
C ASP B 356 -6.73 -61.83 -12.59
N ASP B 357 -7.02 -61.19 -11.46
CA ASP B 357 -8.32 -61.32 -10.82
C ASP B 357 -9.36 -60.47 -11.56
N ASN B 358 -10.57 -61.01 -11.66
CA ASN B 358 -11.65 -60.31 -12.34
C ASN B 358 -12.22 -59.21 -11.45
N ARG B 359 -12.70 -58.15 -12.10
CA ARG B 359 -13.27 -57.00 -11.39
C ARG B 359 -14.68 -57.37 -10.93
N THR B 360 -14.76 -57.96 -9.73
CA THR B 360 -16.05 -58.36 -9.18
C THR B 360 -16.86 -57.15 -8.73
N ASP B 361 -16.22 -56.22 -8.03
CA ASP B 361 -16.91 -55.04 -7.51
C ASP B 361 -17.15 -54.05 -8.64
N PRO B 362 -18.36 -53.50 -8.77
CA PRO B 362 -18.63 -52.54 -9.86
C PRO B 362 -17.97 -51.18 -9.64
N ARG B 363 -17.54 -50.86 -8.43
CA ARG B 363 -16.88 -49.60 -8.14
C ARG B 363 -15.36 -49.70 -8.16
N ASP B 364 -14.82 -50.80 -8.68
CA ASP B 364 -13.39 -51.02 -8.78
C ASP B 364 -12.94 -50.76 -10.20
N ILE B 365 -11.85 -49.99 -10.35
CA ILE B 365 -11.36 -49.58 -11.65
C ILE B 365 -9.91 -50.00 -11.89
N THR B 366 -9.37 -50.87 -11.04
CA THR B 366 -7.99 -51.33 -11.21
C THR B 366 -7.94 -52.36 -12.33
N ILE B 367 -7.32 -52.00 -13.45
CA ILE B 367 -7.21 -52.89 -14.59
C ILE B 367 -5.78 -53.40 -14.80
N LEU B 368 -4.80 -52.80 -14.14
CA LEU B 368 -3.41 -53.23 -14.26
C LEU B 368 -2.80 -53.38 -12.87
N GLN B 369 -1.85 -54.31 -12.75
CA GLN B 369 -1.11 -54.50 -11.51
C GLN B 369 0.37 -54.53 -11.82
N GLN B 370 1.17 -54.58 -10.76
CA GLN B 370 2.62 -54.54 -10.90
C GLN B 370 3.16 -55.89 -11.35
N LYS B 371 4.13 -55.85 -12.27
CA LYS B 371 4.81 -57.06 -12.68
C LYS B 371 5.72 -57.58 -11.58
N LEU B 372 5.93 -58.89 -11.57
CA LEU B 372 6.86 -59.49 -10.63
C LEU B 372 8.30 -59.22 -11.08
N LEU B 373 9.24 -59.52 -10.18
CA LEU B 373 10.65 -59.33 -10.50
C LEU B 373 11.13 -60.29 -11.57
N GLN B 374 10.60 -61.52 -11.57
CA GLN B 374 10.94 -62.47 -12.63
C GLN B 374 10.26 -62.11 -13.94
N GLU B 375 9.04 -61.58 -13.88
CA GLU B 375 8.32 -61.21 -15.10
C GLU B 375 8.90 -59.97 -15.74
N ALA B 376 9.39 -59.03 -14.94
CA ALA B 376 10.02 -57.83 -15.47
C ALA B 376 11.46 -58.12 -15.85
N TYR B 377 12.10 -57.11 -16.46
CA TYR B 377 13.49 -57.14 -16.92
C TYR B 377 13.76 -58.29 -17.90
N VAL B 378 12.99 -58.28 -19.00
CA VAL B 378 13.10 -59.28 -20.05
C VAL B 378 13.49 -58.65 -21.39
N THR B 379 12.74 -57.66 -21.83
CA THR B 379 12.99 -57.03 -23.11
C THR B 379 14.14 -56.03 -23.02
N HIS B 380 14.52 -55.48 -24.18
CA HIS B 380 15.63 -54.53 -24.24
C HIS B 380 15.24 -53.19 -23.63
N GLN B 381 13.99 -52.78 -23.80
CA GLN B 381 13.50 -51.56 -23.17
C GLN B 381 13.49 -51.68 -21.65
N ASP B 382 13.20 -52.89 -21.14
CA ASP B 382 13.33 -53.14 -19.71
C ASP B 382 14.78 -53.10 -19.25
N ASN B 383 15.73 -53.45 -20.13
CA ASN B 383 17.15 -53.31 -19.79
C ASN B 383 17.57 -51.85 -19.74
N ILE B 384 17.03 -51.02 -20.65
CA ILE B 384 17.27 -49.58 -20.60
C ILE B 384 16.68 -48.99 -19.32
N ARG B 385 15.49 -49.45 -18.93
CA ARG B 385 14.89 -49.04 -17.67
C ARG B 385 15.71 -49.51 -16.47
N LEU B 386 16.32 -50.70 -16.55
CA LEU B 386 17.19 -51.18 -15.49
C LEU B 386 18.44 -50.31 -15.34
N VAL B 387 19.02 -49.90 -16.47
CA VAL B 387 20.17 -48.98 -16.44
C VAL B 387 19.78 -47.65 -15.83
N GLY B 388 18.61 -47.12 -16.21
CA GLY B 388 18.13 -45.88 -15.62
C GLY B 388 17.83 -45.99 -14.14
N GLU B 389 17.31 -47.14 -13.71
CA GLU B 389 17.04 -47.35 -12.28
C GLU B 389 18.33 -47.50 -11.49
N LEU B 390 19.36 -48.11 -12.07
CA LEU B 390 20.67 -48.16 -11.42
C LEU B 390 21.26 -46.75 -11.29
N VAL B 391 21.09 -45.93 -12.32
CA VAL B 391 21.53 -44.52 -12.25
C VAL B 391 20.77 -43.78 -11.16
N THR B 392 19.46 -44.03 -11.06
CA THR B 392 18.62 -43.38 -10.04
C THR B 392 19.03 -43.78 -8.63
N VAL B 393 19.27 -45.09 -8.40
CA VAL B 393 19.60 -45.53 -7.05
C VAL B 393 21.02 -45.12 -6.67
N THR B 394 21.95 -45.04 -7.64
CA THR B 394 23.27 -44.52 -7.32
C THR B 394 23.23 -43.03 -7.05
N GLY B 395 22.35 -42.29 -7.73
CA GLY B 395 22.15 -40.89 -7.40
C GLY B 395 21.56 -40.68 -6.02
N ALA B 396 20.64 -41.57 -5.62
CA ALA B 396 20.08 -41.49 -4.27
C ALA B 396 21.12 -41.81 -3.20
N VAL B 397 21.98 -42.80 -3.47
CA VAL B 397 23.07 -43.11 -2.55
C VAL B 397 24.06 -41.96 -2.44
N ILE B 398 24.36 -41.31 -3.57
CA ILE B 398 25.25 -40.14 -3.57
C ILE B 398 24.62 -38.98 -2.80
N ILE B 399 23.30 -38.79 -2.94
CA ILE B 399 22.57 -37.75 -2.22
C ILE B 399 22.61 -38.01 -0.71
N LEU B 400 22.41 -39.26 -0.30
CA LEU B 400 22.48 -39.60 1.13
C LEU B 400 23.89 -39.43 1.67
N LEU B 401 24.91 -39.83 0.91
CA LEU B 401 26.29 -39.68 1.37
C LEU B 401 26.75 -38.23 1.38
N LEU B 402 26.10 -37.36 0.61
CA LEU B 402 26.42 -35.93 0.68
C LEU B 402 25.62 -35.19 1.74
N GLU B 403 24.44 -35.68 2.12
CA GLU B 403 23.61 -34.95 3.06
C GLU B 403 23.70 -35.44 4.50
N ILE B 404 23.94 -36.74 4.73
CA ILE B 404 23.99 -37.30 6.07
C ILE B 404 25.13 -36.77 6.95
N PRO B 405 26.42 -36.73 6.54
CA PRO B 405 27.46 -36.30 7.51
C PRO B 405 27.43 -34.82 7.87
N ASP B 406 26.75 -33.97 7.09
CA ASP B 406 26.61 -32.56 7.48
C ASP B 406 25.72 -32.41 8.70
N ILE B 407 24.75 -33.31 8.88
CA ILE B 407 23.91 -33.30 10.07
C ILE B 407 24.73 -33.60 11.32
N PHE B 408 25.64 -34.58 11.23
CA PHE B 408 26.49 -34.90 12.37
C PHE B 408 27.58 -33.85 12.57
N ARG B 409 27.96 -33.14 11.50
CA ARG B 409 28.99 -32.12 11.62
C ARG B 409 28.43 -30.85 12.28
N VAL B 410 27.41 -30.23 11.67
CA VAL B 410 26.95 -28.92 12.13
C VAL B 410 25.81 -29.02 13.14
N GLY B 411 25.22 -30.18 13.33
CA GLY B 411 24.13 -30.32 14.27
C GLY B 411 22.78 -30.40 13.59
N ALA B 412 21.86 -31.22 14.14
CA ALA B 412 20.57 -31.43 13.50
C ALA B 412 19.66 -30.22 13.69
N SER B 413 19.84 -29.46 14.77
CA SER B 413 18.98 -28.31 15.02
C SER B 413 19.30 -27.14 14.11
N ARG B 414 20.55 -27.02 13.66
CA ARG B 414 20.96 -25.91 12.81
C ARG B 414 20.92 -26.26 11.32
N TYR B 415 21.11 -27.54 10.98
CA TYR B 415 21.10 -27.92 9.57
C TYR B 415 19.68 -27.89 9.00
N PHE B 416 18.72 -28.41 9.74
CA PHE B 416 17.33 -28.44 9.29
C PHE B 416 16.53 -27.22 9.72
N GLY B 417 17.14 -26.31 10.49
CA GLY B 417 16.40 -25.20 11.06
C GLY B 417 16.46 -23.91 10.27
N GLN B 418 17.64 -23.59 9.72
CA GLN B 418 17.84 -22.32 9.06
C GLN B 418 17.16 -22.31 7.68
N THR B 419 16.38 -21.26 7.44
CA THR B 419 15.72 -21.09 6.15
C THR B 419 16.70 -20.73 5.04
N ILE B 420 17.72 -19.93 5.35
CA ILE B 420 18.67 -19.48 4.34
C ILE B 420 19.57 -20.63 3.90
N LEU B 421 19.97 -21.49 4.84
CA LEU B 421 20.88 -22.59 4.53
C LEU B 421 20.20 -23.67 3.69
N GLY B 422 18.88 -23.75 3.73
CA GLY B 422 18.16 -24.73 2.94
C GLY B 422 17.79 -25.96 3.73
N GLY B 423 17.34 -25.77 4.96
CA GLY B 423 16.94 -26.84 5.84
C GLY B 423 15.78 -27.71 5.37
N PRO B 424 14.64 -27.09 5.02
CA PRO B 424 13.56 -27.88 4.41
C PRO B 424 13.94 -28.57 3.11
N PHE B 425 14.81 -27.96 2.29
CA PHE B 425 15.29 -28.64 1.09
C PHE B 425 16.14 -29.85 1.42
N HIS B 426 16.93 -29.77 2.49
CA HIS B 426 17.70 -30.93 2.92
C HIS B 426 16.81 -32.03 3.47
N VAL B 427 15.75 -31.66 4.20
CA VAL B 427 14.77 -32.64 4.68
C VAL B 427 14.07 -33.32 3.51
N ILE B 428 13.69 -32.53 2.50
CA ILE B 428 13.01 -33.05 1.31
C ILE B 428 13.92 -33.98 0.51
N ILE B 429 15.19 -33.61 0.34
CA ILE B 429 16.07 -34.44 -0.49
C ILE B 429 16.49 -35.71 0.26
N ILE B 430 16.60 -35.66 1.60
CA ILE B 430 16.89 -36.87 2.37
C ILE B 430 15.68 -37.81 2.35
N THR B 431 14.47 -37.25 2.45
CA THR B 431 13.26 -38.04 2.34
C THR B 431 13.12 -38.66 0.95
N TYR B 432 13.51 -37.92 -0.09
CA TYR B 432 13.47 -38.42 -1.46
C TYR B 432 14.44 -39.57 -1.66
N ALA B 433 15.66 -39.45 -1.14
CA ALA B 433 16.62 -40.54 -1.24
C ALA B 433 16.17 -41.78 -0.47
N SER B 434 15.59 -41.57 0.72
CA SER B 434 15.08 -42.69 1.50
C SER B 434 13.88 -43.35 0.82
N LEU B 435 13.04 -42.58 0.14
CA LEU B 435 11.92 -43.15 -0.58
C LEU B 435 12.35 -43.91 -1.83
N VAL B 436 13.41 -43.44 -2.51
CA VAL B 436 13.96 -44.20 -3.63
C VAL B 436 14.57 -45.52 -3.15
N LEU B 437 15.27 -45.49 -2.01
CA LEU B 437 15.81 -46.73 -1.45
C LEU B 437 14.70 -47.68 -0.98
N LEU B 438 13.62 -47.12 -0.41
CA LEU B 438 12.47 -47.93 -0.02
C LEU B 438 11.78 -48.55 -1.23
N THR B 439 11.69 -47.79 -2.34
CA THR B 439 11.14 -48.34 -3.57
C THR B 439 12.03 -49.44 -4.14
N MET B 440 13.35 -49.30 -4.01
CA MET B 440 14.25 -50.37 -4.43
C MET B 440 14.06 -51.63 -3.60
N VAL B 441 13.89 -51.46 -2.28
CA VAL B 441 13.66 -52.60 -1.38
C VAL B 441 12.34 -53.28 -1.71
N MET B 442 11.29 -52.51 -1.97
CA MET B 442 9.99 -53.08 -2.30
C MET B 442 9.99 -53.72 -3.70
N ARG B 443 10.80 -53.20 -4.62
CA ARG B 443 10.91 -53.81 -5.94
C ARG B 443 11.67 -55.14 -5.87
N LEU B 444 12.72 -55.20 -5.05
CA LEU B 444 13.50 -56.43 -4.97
C LEU B 444 12.78 -57.53 -4.21
N THR B 445 11.85 -57.17 -3.33
CA THR B 445 11.15 -58.14 -2.50
C THR B 445 9.76 -58.49 -3.03
N ASN B 446 9.40 -57.99 -4.22
CA ASN B 446 8.11 -58.24 -4.87
C ASN B 446 6.92 -57.82 -3.99
N MET B 447 6.99 -56.60 -3.49
CA MET B 447 5.95 -56.05 -2.62
C MET B 447 5.07 -55.09 -3.42
N ASN B 448 3.76 -55.33 -3.38
CA ASN B 448 2.83 -54.45 -4.08
C ASN B 448 2.70 -53.13 -3.35
N GLY B 449 2.39 -52.09 -4.12
CA GLY B 449 2.16 -50.78 -3.54
C GLY B 449 3.32 -49.81 -3.69
N GLU B 450 4.06 -49.94 -4.79
CA GLU B 450 5.15 -49.00 -5.09
C GLU B 450 4.65 -47.64 -5.56
N VAL B 451 3.35 -47.51 -5.83
CA VAL B 451 2.79 -46.25 -6.31
C VAL B 451 2.89 -45.17 -5.23
N VAL B 452 2.69 -45.53 -3.97
CA VAL B 452 2.78 -44.60 -2.85
C VAL B 452 4.20 -44.03 -2.67
N PRO B 453 5.28 -44.84 -2.54
CA PRO B 453 6.60 -44.21 -2.42
C PRO B 453 7.08 -43.61 -3.73
N LEU B 454 6.63 -44.11 -4.88
CA LEU B 454 7.03 -43.50 -6.15
C LEU B 454 6.40 -42.13 -6.33
N SER B 455 5.14 -41.96 -5.92
CA SER B 455 4.49 -40.65 -6.00
C SER B 455 5.09 -39.68 -4.99
N PHE B 456 5.36 -40.16 -3.77
CA PHE B 456 6.05 -39.35 -2.76
C PHE B 456 7.41 -38.88 -3.25
N ALA B 457 8.18 -39.81 -3.82
CA ALA B 457 9.53 -39.49 -4.30
C ALA B 457 9.49 -38.57 -5.51
N LEU B 458 8.51 -38.74 -6.40
CA LEU B 458 8.38 -37.88 -7.57
C LEU B 458 8.06 -36.44 -7.16
N VAL B 459 7.09 -36.28 -6.26
CA VAL B 459 6.69 -34.93 -5.83
C VAL B 459 7.82 -34.25 -5.06
N LEU B 460 8.45 -34.97 -4.13
CA LEU B 460 9.52 -34.36 -3.34
C LEU B 460 10.77 -34.10 -4.17
N GLY B 461 11.14 -35.03 -5.04
CA GLY B 461 12.31 -34.83 -5.88
C GLY B 461 12.16 -33.71 -6.89
N TRP B 462 10.95 -33.55 -7.43
CA TRP B 462 10.76 -32.42 -8.34
C TRP B 462 10.61 -31.11 -7.59
N CYS B 463 10.01 -31.10 -6.39
CA CYS B 463 9.97 -29.87 -5.61
C CYS B 463 11.32 -29.48 -5.03
N SER B 464 12.27 -30.41 -4.98
CA SER B 464 13.63 -30.08 -4.58
C SER B 464 14.46 -29.45 -5.70
N VAL B 465 13.94 -29.36 -6.91
CA VAL B 465 14.61 -28.61 -7.98
C VAL B 465 14.59 -27.11 -7.66
N MET B 466 13.58 -26.66 -6.93
CA MET B 466 13.49 -25.26 -6.51
C MET B 466 14.56 -24.84 -5.51
N TYR B 467 15.31 -25.80 -4.95
CA TYR B 467 16.50 -25.46 -4.16
C TYR B 467 17.55 -24.78 -5.03
N PHE B 468 17.64 -25.15 -6.30
CA PHE B 468 18.61 -24.56 -7.21
C PHE B 468 18.15 -23.23 -7.80
N ALA B 469 17.02 -22.69 -7.34
CA ALA B 469 16.57 -21.37 -7.76
C ALA B 469 17.17 -20.25 -6.92
N ARG B 470 17.95 -20.58 -5.89
CA ARG B 470 18.58 -19.55 -5.07
C ARG B 470 19.80 -18.94 -5.77
N GLY B 471 20.30 -19.59 -6.82
CA GLY B 471 21.46 -19.09 -7.52
C GLY B 471 21.19 -17.97 -8.50
N PHE B 472 19.92 -17.58 -8.67
CA PHE B 472 19.54 -16.53 -9.59
C PHE B 472 18.74 -15.47 -8.85
N GLN B 473 19.06 -14.20 -9.11
CA GLN B 473 18.38 -13.10 -8.45
C GLN B 473 16.92 -12.98 -8.86
N MET B 474 16.58 -13.40 -10.06
CA MET B 474 15.21 -13.39 -10.54
C MET B 474 14.36 -14.53 -9.97
N LEU B 475 14.99 -15.53 -9.34
CA LEU B 475 14.27 -16.65 -8.75
C LEU B 475 14.65 -16.92 -7.30
N GLY B 476 15.52 -16.10 -6.72
CA GLY B 476 16.01 -16.31 -5.37
C GLY B 476 14.99 -16.14 -4.27
N PRO B 477 14.48 -14.93 -4.07
CA PRO B 477 13.53 -14.69 -2.97
C PRO B 477 12.16 -15.33 -3.17
N PHE B 478 11.85 -15.89 -4.34
CA PHE B 478 10.56 -16.55 -4.52
C PHE B 478 10.44 -17.81 -3.67
N THR B 479 11.54 -18.56 -3.54
CA THR B 479 11.53 -19.74 -2.68
C THR B 479 11.38 -19.35 -1.21
N ILE B 480 11.97 -18.22 -0.81
CA ILE B 480 11.78 -17.71 0.54
C ILE B 480 10.34 -17.23 0.74
N MET B 481 9.72 -16.67 -0.31
CA MET B 481 8.31 -16.29 -0.24
C MET B 481 7.42 -17.50 -0.01
N ILE B 482 7.67 -18.59 -0.75
CA ILE B 482 6.87 -19.80 -0.59
C ILE B 482 7.15 -20.44 0.78
N GLN B 483 8.40 -20.37 1.25
CA GLN B 483 8.75 -20.92 2.56
C GLN B 483 8.06 -20.15 3.70
N LYS B 484 8.05 -18.82 3.62
CA LYS B 484 7.38 -18.03 4.64
C LYS B 484 5.86 -18.04 4.47
N MET B 485 5.35 -18.47 3.32
CA MET B 485 3.90 -18.66 3.21
C MET B 485 3.48 -20.06 3.63
N ILE B 486 4.41 -21.01 3.71
CA ILE B 486 4.07 -22.37 4.13
C ILE B 486 4.31 -22.57 5.62
N PHE B 487 5.50 -22.24 6.11
CA PHE B 487 5.79 -22.34 7.53
C PHE B 487 5.34 -21.12 8.31
N GLY B 488 4.74 -20.14 7.63
CA GLY B 488 4.21 -18.96 8.26
C GLY B 488 2.69 -18.98 8.29
N ASP B 489 2.08 -18.31 7.30
CA ASP B 489 0.63 -18.09 7.31
C ASP B 489 -0.17 -19.39 7.17
N LEU B 490 0.38 -20.39 6.47
CA LEU B 490 -0.34 -21.65 6.31
C LEU B 490 -0.47 -22.40 7.63
N MET B 491 0.61 -22.45 8.42
CA MET B 491 0.53 -23.09 9.73
C MET B 491 -0.20 -22.24 10.75
N ARG B 492 -0.37 -20.95 10.50
CA ARG B 492 -1.14 -20.07 11.36
C ARG B 492 -2.60 -19.94 10.94
N PHE B 493 -2.98 -20.54 9.80
CA PHE B 493 -4.37 -20.49 9.35
C PHE B 493 -4.97 -21.86 9.11
N CYS B 494 -4.17 -22.93 9.08
CA CYS B 494 -4.68 -24.26 8.83
C CYS B 494 -5.53 -24.80 9.98
N TRP B 495 -5.35 -24.27 11.19
CA TRP B 495 -6.20 -24.70 12.30
C TRP B 495 -7.62 -24.18 12.14
N LEU B 496 -7.77 -22.90 11.77
CA LEU B 496 -9.08 -22.35 11.47
C LEU B 496 -9.70 -23.01 10.24
N MET B 497 -8.88 -23.26 9.20
CA MET B 497 -9.37 -23.94 8.01
C MET B 497 -9.83 -25.35 8.31
N ALA B 498 -9.07 -26.10 9.10
CA ALA B 498 -9.45 -27.46 9.45
C ALA B 498 -10.67 -27.50 10.36
N VAL B 499 -10.82 -26.49 11.22
CA VAL B 499 -12.00 -26.39 12.07
C VAL B 499 -13.26 -26.18 11.23
N VAL B 500 -13.20 -25.28 10.23
CA VAL B 500 -14.35 -25.03 9.37
C VAL B 500 -14.62 -26.24 8.48
N ILE B 501 -13.56 -26.89 8.01
CA ILE B 501 -13.70 -28.08 7.16
C ILE B 501 -14.35 -29.22 7.92
N LEU B 502 -13.93 -29.43 9.19
CA LEU B 502 -14.52 -30.49 10.01
C LEU B 502 -15.99 -30.22 10.31
N GLY B 503 -16.32 -28.97 10.66
CA GLY B 503 -17.72 -28.65 10.97
C GLY B 503 -18.64 -28.78 9.77
N PHE B 504 -18.25 -28.21 8.64
CA PHE B 504 -19.12 -28.28 7.47
C PHE B 504 -19.10 -29.66 6.81
N ALA B 505 -18.02 -30.43 6.97
CA ALA B 505 -18.03 -31.80 6.49
C ALA B 505 -18.94 -32.69 7.33
N SER B 506 -18.97 -32.47 8.65
CA SER B 506 -19.89 -33.21 9.50
C SER B 506 -21.34 -32.84 9.17
N ALA B 507 -21.61 -31.54 8.94
CA ALA B 507 -22.96 -31.12 8.56
C ALA B 507 -23.37 -31.69 7.21
N PHE B 508 -22.47 -31.67 6.22
CA PHE B 508 -22.81 -32.17 4.90
C PHE B 508 -22.91 -33.69 4.88
N HIS B 509 -22.20 -34.37 5.78
CA HIS B 509 -22.36 -35.82 5.88
C HIS B 509 -23.68 -36.20 6.53
N ILE B 510 -24.07 -35.49 7.60
CA ILE B 510 -25.33 -35.87 8.25
C ILE B 510 -26.55 -35.38 7.49
N THR B 511 -26.41 -34.38 6.60
CA THR B 511 -27.56 -34.03 5.77
C THR B 511 -27.78 -35.04 4.66
N PHE B 512 -26.70 -35.65 4.15
CA PHE B 512 -26.78 -36.64 3.08
C PHE B 512 -26.63 -38.07 3.57
N GLN B 513 -26.77 -38.29 4.88
CA GLN B 513 -26.76 -39.67 5.38
C GLN B 513 -28.07 -40.39 5.03
N THR B 514 -29.16 -39.65 4.88
CA THR B 514 -30.46 -40.22 4.58
C THR B 514 -30.81 -40.12 3.10
N GLU B 515 -29.83 -39.90 2.24
CA GLU B 515 -30.07 -39.71 0.81
C GLU B 515 -29.35 -40.78 0.02
N ASP B 516 -29.76 -40.92 -1.24
CA ASP B 516 -29.17 -41.90 -2.13
C ASP B 516 -27.77 -41.45 -2.55
N PRO B 517 -26.74 -42.27 -2.34
CA PRO B 517 -25.39 -41.88 -2.77
C PRO B 517 -25.18 -41.86 -4.28
N ASN B 518 -26.09 -42.44 -5.07
CA ASN B 518 -25.91 -42.44 -6.51
C ASN B 518 -26.17 -41.06 -7.11
N ASN B 519 -27.18 -40.35 -6.60
CA ASN B 519 -27.56 -39.07 -7.17
C ASN B 519 -26.58 -37.96 -6.76
N LEU B 520 -26.07 -38.00 -5.54
CA LEU B 520 -25.10 -37.01 -5.09
C LEU B 520 -24.16 -37.71 -4.11
N GLY B 521 -23.02 -38.18 -4.63
CA GLY B 521 -22.08 -38.95 -3.83
C GLY B 521 -20.90 -38.16 -3.34
N GLU B 522 -21.01 -36.83 -3.33
CA GLU B 522 -19.91 -36.01 -2.81
C GLU B 522 -19.81 -36.11 -1.30
N PHE B 523 -20.94 -36.32 -0.61
CA PHE B 523 -20.95 -36.54 0.83
C PHE B 523 -21.67 -37.86 1.09
N SER B 524 -20.94 -38.96 0.99
CA SER B 524 -21.46 -40.29 1.29
C SER B 524 -20.72 -40.95 2.43
N ASP B 525 -19.39 -40.86 2.44
CA ASP B 525 -18.57 -41.30 3.56
C ASP B 525 -17.89 -40.08 4.18
N TYR B 526 -17.62 -40.16 5.48
CA TYR B 526 -17.00 -39.04 6.17
C TYR B 526 -15.60 -38.67 5.68
N PRO B 527 -14.67 -39.59 5.34
CA PRO B 527 -13.46 -39.14 4.64
C PRO B 527 -13.72 -38.50 3.29
N THR B 528 -14.68 -39.02 2.52
CA THR B 528 -15.02 -38.40 1.25
C THR B 528 -15.73 -37.07 1.44
N ALA B 529 -16.51 -36.94 2.52
CA ALA B 529 -17.11 -35.64 2.85
C ALA B 529 -16.05 -34.62 3.24
N LEU B 530 -15.05 -35.05 4.00
CA LEU B 530 -13.95 -34.17 4.37
C LEU B 530 -13.16 -33.73 3.14
N PHE B 531 -12.89 -34.65 2.21
CA PHE B 531 -12.15 -34.28 1.01
C PHE B 531 -12.97 -33.39 0.08
N SER B 532 -14.28 -33.65 -0.02
CA SER B 532 -15.13 -32.82 -0.86
C SER B 532 -15.29 -31.41 -0.29
N THR B 533 -15.40 -31.29 1.03
CA THR B 533 -15.46 -29.95 1.63
C THR B 533 -14.12 -29.23 1.54
N PHE B 534 -13.00 -29.96 1.64
CA PHE B 534 -11.70 -29.33 1.45
C PHE B 534 -11.52 -28.85 0.02
N GLU B 535 -12.06 -29.59 -0.95
CA GLU B 535 -12.07 -29.12 -2.34
C GLU B 535 -12.97 -27.91 -2.50
N LEU B 536 -14.13 -27.91 -1.83
CA LEU B 536 -15.06 -26.79 -1.96
C LEU B 536 -14.58 -25.54 -1.23
N PHE B 537 -13.64 -25.70 -0.28
CA PHE B 537 -13.05 -24.55 0.39
C PHE B 537 -12.21 -23.72 -0.58
N LEU B 538 -11.44 -24.39 -1.42
CA LEU B 538 -10.51 -23.71 -2.33
C LEU B 538 -11.12 -23.46 -3.71
N THR B 539 -12.42 -23.76 -3.88
CA THR B 539 -13.18 -23.56 -5.13
C THR B 539 -12.54 -24.27 -6.31
N ILE B 540 -12.02 -25.48 -6.09
CA ILE B 540 -11.42 -26.27 -7.16
C ILE B 540 -12.41 -27.25 -7.77
N ILE B 541 -13.52 -27.55 -7.09
CA ILE B 541 -14.61 -28.33 -7.67
C ILE B 541 -15.88 -27.49 -7.58
N ASP B 542 -16.87 -27.88 -8.39
CA ASP B 542 -18.16 -27.23 -8.33
C ASP B 542 -18.93 -27.66 -7.09
N GLY B 543 -19.89 -26.83 -6.71
CA GLY B 543 -20.85 -27.20 -5.69
C GLY B 543 -21.70 -28.36 -6.17
N PRO B 544 -21.96 -29.33 -5.28
CA PRO B 544 -22.75 -30.50 -5.67
C PRO B 544 -24.21 -30.14 -5.90
N ALA B 545 -24.66 -30.33 -7.14
CA ALA B 545 -26.03 -29.96 -7.49
C ALA B 545 -26.57 -30.96 -8.50
N ASN B 546 -27.74 -31.53 -8.20
CA ASN B 546 -28.43 -32.45 -9.10
C ASN B 546 -29.85 -31.90 -9.22
N TYR B 547 -30.13 -31.22 -10.33
CA TYR B 547 -31.38 -30.51 -10.50
C TYR B 547 -32.52 -31.39 -10.99
N SER B 548 -32.26 -32.67 -11.22
CA SER B 548 -33.30 -33.61 -11.58
C SER B 548 -33.91 -34.31 -10.36
N VAL B 549 -33.36 -34.10 -9.17
CA VAL B 549 -33.87 -34.69 -7.93
C VAL B 549 -33.97 -33.59 -6.88
N ASP B 550 -34.73 -33.89 -5.83
CA ASP B 550 -34.97 -32.94 -4.74
C ASP B 550 -33.91 -33.14 -3.66
N LEU B 551 -32.94 -32.23 -3.64
CA LEU B 551 -31.98 -32.21 -2.55
C LEU B 551 -32.64 -31.66 -1.29
N PRO B 552 -32.16 -32.06 -0.10
CA PRO B 552 -32.69 -31.47 1.14
C PRO B 552 -32.34 -30.00 1.26
N PHE B 553 -33.25 -29.25 1.90
CA PHE B 553 -33.08 -27.80 2.01
C PHE B 553 -31.97 -27.42 2.98
N MET B 554 -31.68 -28.30 3.95
CA MET B 554 -30.61 -28.02 4.90
C MET B 554 -29.25 -28.02 4.22
N TYR B 555 -29.08 -28.82 3.17
CA TYR B 555 -27.89 -28.70 2.34
C TYR B 555 -27.81 -27.32 1.69
N CYS B 556 -28.94 -26.79 1.23
CA CYS B 556 -28.94 -25.49 0.57
C CYS B 556 -28.56 -24.37 1.54
N ILE B 557 -29.12 -24.38 2.75
CA ILE B 557 -28.79 -23.33 3.72
C ILE B 557 -27.36 -23.49 4.22
N THR B 558 -26.93 -24.74 4.48
CA THR B 558 -25.57 -24.98 4.95
C THR B 558 -24.53 -24.67 3.89
N TYR B 559 -24.83 -24.92 2.61
CA TYR B 559 -23.89 -24.58 1.55
C TYR B 559 -23.89 -23.10 1.26
N ALA B 560 -25.01 -22.40 1.47
CA ALA B 560 -24.98 -20.94 1.41
C ALA B 560 -24.09 -20.37 2.52
N ALA B 561 -24.18 -20.95 3.72
CA ALA B 561 -23.30 -20.54 4.82
C ALA B 561 -21.84 -20.86 4.53
N PHE B 562 -21.58 -22.02 3.92
CA PHE B 562 -20.20 -22.39 3.55
C PHE B 562 -19.67 -21.50 2.44
N ALA B 563 -20.54 -21.06 1.51
CA ALA B 563 -20.11 -20.18 0.45
C ALA B 563 -19.83 -18.77 0.96
N ILE B 564 -20.59 -18.32 1.97
CA ILE B 564 -20.34 -17.01 2.55
C ILE B 564 -19.09 -17.04 3.42
N ILE B 565 -19.09 -17.90 4.45
CA ILE B 565 -18.08 -17.83 5.49
C ILE B 565 -16.75 -18.38 5.01
N ALA B 566 -16.77 -19.56 4.38
CA ALA B 566 -15.52 -20.26 4.08
C ALA B 566 -14.97 -19.91 2.70
N THR B 567 -15.83 -19.92 1.68
CA THR B 567 -15.36 -19.64 0.32
C THR B 567 -15.00 -18.17 0.14
N LEU B 568 -15.86 -17.27 0.59
CA LEU B 568 -15.70 -15.85 0.31
C LEU B 568 -14.86 -15.13 1.35
N LEU B 569 -15.16 -15.32 2.64
CA LEU B 569 -14.56 -14.51 3.69
C LEU B 569 -13.20 -15.05 4.14
N MET B 570 -13.15 -16.32 4.57
CA MET B 570 -11.94 -16.84 5.19
C MET B 570 -10.85 -17.17 4.17
N LEU B 571 -11.22 -17.52 2.94
CA LEU B 571 -10.21 -17.83 1.93
C LEU B 571 -9.48 -16.56 1.48
N ASN B 572 -10.22 -15.50 1.19
CA ASN B 572 -9.62 -14.25 0.75
C ASN B 572 -8.94 -13.49 1.88
N LEU B 573 -9.17 -13.88 3.13
CA LEU B 573 -8.31 -13.46 4.22
C LEU B 573 -6.92 -14.10 4.11
N PHE B 574 -6.87 -15.38 3.73
CA PHE B 574 -5.60 -16.05 3.54
C PHE B 574 -4.88 -15.54 2.30
N ILE B 575 -5.63 -15.14 1.27
CA ILE B 575 -5.03 -14.50 0.09
C ILE B 575 -4.37 -13.19 0.48
N ALA B 576 -5.02 -12.40 1.33
CA ALA B 576 -4.46 -11.12 1.77
C ALA B 576 -3.27 -11.32 2.69
N MET B 577 -3.30 -12.36 3.53
CA MET B 577 -2.15 -12.70 4.37
C MET B 577 -0.95 -13.11 3.53
N MET B 578 -1.18 -13.89 2.48
CA MET B 578 -0.09 -14.25 1.57
C MET B 578 0.41 -13.05 0.79
N GLY B 579 -0.46 -12.11 0.44
CA GLY B 579 -0.02 -10.88 -0.20
C GLY B 579 0.84 -10.02 0.72
N ASP B 580 0.48 -9.95 2.01
CA ASP B 580 1.29 -9.22 2.96
C ASP B 580 2.64 -9.90 3.19
N THR B 581 2.67 -11.23 3.21
CA THR B 581 3.94 -11.96 3.33
C THR B 581 4.82 -11.74 2.10
N HIS B 582 4.21 -11.74 0.90
CA HIS B 582 4.94 -11.47 -0.33
C HIS B 582 5.50 -10.05 -0.34
N TRP B 583 4.73 -9.07 0.14
CA TRP B 583 5.22 -7.71 0.24
C TRP B 583 6.36 -7.58 1.25
N ARG B 584 6.25 -8.30 2.38
CA ARG B 584 7.30 -8.28 3.40
C ARG B 584 8.61 -8.84 2.87
N VAL B 585 8.55 -9.95 2.13
CA VAL B 585 9.78 -10.48 1.55
C VAL B 585 10.28 -9.59 0.41
N ALA B 586 9.38 -9.02 -0.40
CA ALA B 586 9.80 -8.19 -1.52
C ALA B 586 10.38 -6.85 -1.09
N GLN B 587 10.13 -6.42 0.15
CA GLN B 587 10.82 -5.23 0.66
C GLN B 587 12.30 -5.48 0.84
N GLU B 588 12.68 -6.69 1.26
CA GLU B 588 14.07 -7.04 1.55
C GLU B 588 14.54 -8.21 0.69
N ARG B 589 14.26 -8.15 -0.62
CA ARG B 589 14.58 -9.27 -1.50
C ARG B 589 16.09 -9.36 -1.76
N ASP B 590 16.77 -8.22 -1.86
CA ASP B 590 18.19 -8.23 -2.21
C ASP B 590 19.05 -8.74 -1.06
N GLU B 591 18.71 -8.38 0.17
CA GLU B 591 19.44 -8.87 1.35
C GLU B 591 19.28 -10.38 1.50
N LEU B 592 18.06 -10.89 1.31
CA LEU B 592 17.80 -12.32 1.43
C LEU B 592 18.48 -13.11 0.31
N TRP B 593 18.48 -12.56 -0.91
CA TRP B 593 19.16 -13.24 -2.00
C TRP B 593 20.68 -13.22 -1.81
N ARG B 594 21.21 -12.12 -1.25
CA ARG B 594 22.64 -12.07 -0.95
C ARG B 594 23.02 -13.07 0.13
N ALA B 595 22.16 -13.23 1.15
CA ALA B 595 22.40 -14.24 2.19
C ALA B 595 22.36 -15.65 1.63
N GLN B 596 21.42 -15.91 0.71
CA GLN B 596 21.38 -17.20 0.02
C GLN B 596 22.63 -17.44 -0.82
N VAL B 597 23.13 -16.39 -1.47
CA VAL B 597 24.36 -16.49 -2.27
C VAL B 597 25.56 -16.82 -1.40
N VAL B 598 25.68 -16.15 -0.24
CA VAL B 598 26.80 -16.43 0.66
C VAL B 598 26.71 -17.83 1.25
N ALA B 599 25.49 -18.27 1.60
CA ALA B 599 25.31 -19.63 2.12
C ALA B 599 25.64 -20.69 1.08
N THR B 600 25.21 -20.48 -0.16
CA THR B 600 25.52 -21.42 -1.24
C THR B 600 27.01 -21.42 -1.56
N THR B 601 27.65 -20.26 -1.53
CA THR B 601 29.08 -20.18 -1.79
C THR B 601 29.90 -20.86 -0.70
N VAL B 602 29.48 -20.72 0.56
CA VAL B 602 30.15 -21.40 1.67
C VAL B 602 29.96 -22.91 1.56
N MET B 603 28.74 -23.36 1.21
CA MET B 603 28.48 -24.79 1.04
C MET B 603 29.30 -25.38 -0.10
N LEU B 604 29.38 -24.67 -1.23
CA LEU B 604 30.15 -25.17 -2.36
C LEU B 604 31.65 -25.10 -2.13
N GLU B 605 32.11 -24.15 -1.30
CA GLU B 605 33.53 -24.12 -0.97
C GLU B 605 33.89 -25.23 0.01
N ARG B 606 32.97 -25.57 0.92
CA ARG B 606 33.24 -26.63 1.89
C ARG B 606 33.15 -28.02 1.27
N LYS B 607 32.15 -28.27 0.43
CA LYS B 607 31.92 -29.64 -0.03
C LYS B 607 32.74 -30.03 -1.25
N MET B 608 32.88 -29.14 -2.22
CA MET B 608 33.65 -29.44 -3.43
C MET B 608 35.14 -29.52 -3.11
N PRO B 609 35.92 -30.26 -3.90
CA PRO B 609 37.36 -30.38 -3.64
C PRO B 609 38.11 -29.06 -3.84
N ARG B 610 39.33 -29.03 -3.31
CA ARG B 610 40.10 -27.80 -3.24
C ARG B 610 40.64 -27.37 -4.60
N PHE B 611 40.87 -28.33 -5.51
CA PHE B 611 41.44 -27.97 -6.81
C PHE B 611 40.44 -27.26 -7.70
N LEU B 612 39.14 -27.38 -7.43
CA LEU B 612 38.15 -26.59 -8.14
C LEU B 612 37.92 -25.23 -7.50
N TRP B 613 38.40 -25.03 -6.27
CA TRP B 613 38.20 -23.77 -5.53
C TRP B 613 39.55 -23.25 -5.06
N PRO B 614 40.26 -22.47 -5.87
CA PRO B 614 41.48 -21.81 -5.39
C PRO B 614 41.16 -20.76 -4.33
N ARG B 615 42.18 -20.45 -3.53
CA ARG B 615 42.01 -19.48 -2.46
C ARG B 615 41.81 -18.08 -3.02
N SER B 616 40.70 -17.46 -2.66
CA SER B 616 40.29 -16.18 -3.23
C SER B 616 41.11 -15.05 -2.63
N GLY B 617 41.50 -14.10 -3.48
CA GLY B 617 42.27 -12.95 -3.06
C GLY B 617 43.64 -12.94 -3.72
N ILE B 618 44.33 -11.81 -3.54
CA ILE B 618 45.69 -11.67 -4.04
C ILE B 618 46.64 -12.50 -3.17
N CYS B 619 47.73 -12.97 -3.79
CA CYS B 619 48.61 -13.93 -3.14
C CYS B 619 49.37 -13.30 -1.98
N GLY B 620 49.85 -12.07 -2.15
CA GLY B 620 50.56 -11.40 -1.06
C GLY B 620 52.03 -11.75 -0.87
N TYR B 621 52.35 -13.05 -0.85
CA TYR B 621 53.73 -13.48 -0.68
C TYR B 621 54.57 -13.19 -1.91
N GLU B 622 53.95 -13.18 -3.10
CA GLU B 622 54.68 -12.93 -4.33
C GLU B 622 55.07 -11.46 -4.47
N TYR B 623 54.31 -10.56 -3.84
CA TYR B 623 54.50 -9.13 -4.02
C TYR B 623 55.28 -8.48 -2.87
N GLY B 624 56.06 -9.26 -2.14
CA GLY B 624 56.91 -8.74 -1.09
C GLY B 624 56.25 -8.57 0.26
N LEU B 625 54.95 -8.82 0.37
CA LEU B 625 54.26 -8.73 1.64
C LEU B 625 54.39 -10.05 2.40
N GLY B 626 53.62 -10.20 3.47
CA GLY B 626 53.68 -11.40 4.29
C GLY B 626 52.87 -12.54 3.71
N ASP B 627 52.53 -13.48 4.59
CA ASP B 627 51.78 -14.67 4.20
C ASP B 627 50.27 -14.42 4.12
N ARG B 628 49.81 -13.22 4.45
CA ARG B 628 48.39 -12.91 4.38
C ARG B 628 47.94 -12.78 2.93
N TRP B 629 46.64 -13.04 2.72
CA TRP B 629 46.02 -12.90 1.41
C TRP B 629 45.09 -11.70 1.43
N PHE B 630 45.29 -10.79 0.48
CA PHE B 630 44.62 -9.49 0.48
C PHE B 630 43.56 -9.44 -0.61
N LEU B 631 42.72 -8.41 -0.53
CA LEU B 631 41.70 -8.12 -1.53
C LEU B 631 41.71 -6.63 -1.82
N ARG B 632 41.85 -6.27 -3.09
CA ARG B 632 41.91 -4.88 -3.50
C ARG B 632 40.53 -4.38 -3.86
N VAL B 633 40.12 -3.26 -3.26
CA VAL B 633 38.84 -2.63 -3.52
C VAL B 633 39.10 -1.20 -3.96
N GLU B 634 38.63 -0.86 -5.17
CA GLU B 634 38.75 0.49 -5.69
C GLU B 634 37.39 1.17 -5.58
N ASN B 635 37.33 2.26 -4.81
CA ASN B 635 36.07 2.93 -4.51
C ASN B 635 36.12 4.37 -5.01
N HIS B 636 34.94 4.88 -5.38
CA HIS B 636 34.78 6.23 -5.92
C HIS B 636 34.19 7.12 -4.84
N HIS B 637 35.08 7.68 -4.01
CA HIS B 637 34.65 8.63 -2.99
C HIS B 637 34.58 10.03 -3.59
N ASP B 638 33.85 10.91 -2.89
CA ASP B 638 33.65 12.33 -3.25
C ASP B 638 33.08 12.53 -4.66
N TRP C 29 -31.43 18.59 22.67
CA TRP C 29 -32.26 19.08 21.58
C TRP C 29 -31.78 20.45 21.12
N GLU C 30 -31.28 20.50 19.88
CA GLU C 30 -30.68 21.72 19.36
C GLU C 30 -31.70 22.80 19.06
N GLN C 31 -32.91 22.43 18.63
CA GLN C 31 -33.92 23.42 18.28
C GLN C 31 -34.49 24.12 19.48
N TYR C 32 -34.36 23.54 20.67
CA TYR C 32 -34.74 24.23 21.90
C TYR C 32 -33.62 25.13 22.41
N ARG C 33 -32.36 24.68 22.26
CA ARG C 33 -31.23 25.47 22.72
C ARG C 33 -31.02 26.71 21.86
N ASP C 34 -31.25 26.59 20.55
CA ASP C 34 -31.18 27.75 19.67
C ASP C 34 -32.28 28.76 20.00
N ARG C 35 -33.49 28.27 20.30
CA ARG C 35 -34.57 29.15 20.71
C ARG C 35 -34.26 29.85 22.03
N VAL C 36 -33.67 29.11 22.98
CA VAL C 36 -33.28 29.69 24.26
C VAL C 36 -32.22 30.77 24.09
N ASN C 37 -31.21 30.50 23.25
CA ASN C 37 -30.16 31.50 23.01
C ASN C 37 -30.69 32.73 22.29
N MET C 38 -31.58 32.54 21.30
CA MET C 38 -32.14 33.69 20.59
C MET C 38 -33.06 34.52 21.48
N LEU C 39 -33.84 33.84 22.34
CA LEU C 39 -34.67 34.58 23.30
C LEU C 39 -33.83 35.31 24.33
N GLN C 40 -32.71 34.71 24.74
CA GLN C 40 -31.78 35.36 25.66
C GLN C 40 -31.17 36.61 25.04
N GLN C 41 -30.76 36.53 23.78
CA GLN C 41 -30.21 37.71 23.10
C GLN C 41 -31.27 38.76 22.86
N GLU C 42 -32.51 38.35 22.58
CA GLU C 42 -33.61 39.31 22.42
C GLU C 42 -33.92 40.02 23.73
N ARG C 43 -33.92 39.29 24.84
CA ARG C 43 -34.17 39.91 26.14
C ARG C 43 -33.01 40.79 26.58
N ILE C 44 -31.78 40.45 26.16
CA ILE C 44 -30.65 41.33 26.44
C ILE C 44 -30.76 42.63 25.65
N ARG C 45 -31.07 42.52 24.35
CA ARG C 45 -31.14 43.72 23.51
C ARG C 45 -32.42 44.53 23.74
N ASP C 46 -33.43 43.98 24.41
CA ASP C 46 -34.64 44.74 24.67
C ASP C 46 -34.47 45.65 25.90
N SER C 47 -33.96 45.10 26.99
CA SER C 47 -33.76 45.90 28.20
C SER C 47 -32.55 46.82 28.03
N PRO C 48 -32.64 48.07 28.51
CA PRO C 48 -31.50 48.98 28.36
C PRO C 48 -30.36 48.67 29.32
N LEU C 49 -30.69 48.09 30.48
CA LEU C 49 -29.66 47.74 31.46
C LEU C 49 -28.81 46.57 30.99
N LEU C 50 -29.45 45.54 30.41
CA LEU C 50 -28.72 44.40 29.89
C LEU C 50 -27.89 44.77 28.66
N GLN C 51 -28.43 45.67 27.83
CA GLN C 51 -27.66 46.16 26.68
C GLN C 51 -26.49 47.01 27.10
N ALA C 52 -26.65 47.83 28.15
CA ALA C 52 -25.53 48.61 28.67
C ALA C 52 -24.48 47.73 29.32
N ALA C 53 -24.90 46.65 29.98
CA ALA C 53 -23.93 45.73 30.58
C ALA C 53 -23.23 44.88 29.52
N LYS C 54 -23.91 44.62 28.39
CA LYS C 54 -23.31 43.79 27.34
C LYS C 54 -22.21 44.55 26.60
N GLU C 55 -22.48 45.81 26.23
CA GLU C 55 -21.55 46.58 25.41
C GLU C 55 -20.52 47.34 26.23
N ASN C 56 -20.51 47.15 27.57
CA ASN C 56 -19.68 47.90 28.52
C ASN C 56 -19.90 49.40 28.39
N ASP C 57 -21.15 49.79 28.22
CA ASP C 57 -21.53 51.19 28.09
C ASP C 57 -21.62 51.77 29.50
N LEU C 58 -20.63 52.56 29.88
CA LEU C 58 -20.57 53.07 31.25
C LEU C 58 -21.57 54.20 31.47
N ARG C 59 -21.82 55.02 30.46
CA ARG C 59 -22.68 56.20 30.62
C ARG C 59 -24.14 55.80 30.84
N LEU C 60 -24.66 54.91 30.01
CA LEU C 60 -26.05 54.47 30.16
C LEU C 60 -26.23 53.65 31.44
N LEU C 61 -25.22 52.87 31.81
CA LEU C 61 -25.26 52.11 33.05
C LEU C 61 -25.30 53.03 34.27
N LYS C 62 -24.47 54.10 34.26
CA LYS C 62 -24.47 55.05 35.36
C LYS C 62 -25.78 55.84 35.43
N ILE C 63 -26.34 56.18 34.27
CA ILE C 63 -27.63 56.88 34.23
C ILE C 63 -28.74 55.98 34.78
N LEU C 64 -28.76 54.71 34.40
CA LEU C 64 -29.80 53.80 34.87
C LEU C 64 -29.62 53.42 36.34
N LEU C 65 -28.38 53.40 36.83
CA LEU C 65 -28.14 53.05 38.23
C LEU C 65 -28.15 54.25 39.16
N LEU C 66 -28.17 55.48 38.63
CA LEU C 66 -28.34 56.64 39.50
C LEU C 66 -29.75 56.69 40.09
N ASN C 67 -30.76 56.52 39.24
CA ASN C 67 -32.15 56.52 39.67
C ASN C 67 -32.96 55.64 38.72
N GLN C 68 -34.13 55.22 39.19
CA GLN C 68 -35.02 54.38 38.38
C GLN C 68 -35.72 55.22 37.31
N ASP C 71 -35.32 48.41 37.13
CA ASP C 71 -35.22 47.46 38.23
C ASP C 71 -33.84 46.82 38.31
N PHE C 72 -33.33 46.65 39.53
CA PHE C 72 -32.05 46.01 39.73
C PHE C 72 -32.13 44.49 39.65
N GLN C 73 -33.34 43.93 39.74
CA GLN C 73 -33.54 42.48 39.76
C GLN C 73 -34.29 41.97 38.54
N GLN C 74 -34.25 42.72 37.43
CA GLN C 74 -34.88 42.24 36.21
C GLN C 74 -34.06 41.10 35.61
N ARG C 75 -34.75 40.15 35.00
CA ARG C 75 -34.12 38.93 34.50
C ARG C 75 -34.46 38.73 33.03
N GLY C 76 -33.57 38.03 32.33
CA GLY C 76 -33.74 37.77 30.90
C GLY C 76 -34.61 36.55 30.65
N ALA C 77 -34.42 35.96 29.47
CA ALA C 77 -35.20 34.79 29.09
C ALA C 77 -34.79 33.55 29.88
N VAL C 78 -33.53 33.49 30.32
CA VAL C 78 -33.05 32.36 31.09
C VAL C 78 -32.99 32.67 32.59
N GLY C 79 -33.60 33.78 33.00
CA GLY C 79 -33.58 34.17 34.40
C GLY C 79 -32.28 34.77 34.88
N GLU C 80 -31.34 35.07 33.98
CA GLU C 80 -30.07 35.65 34.38
C GLU C 80 -30.22 37.13 34.68
N THR C 81 -29.49 37.59 35.69
CA THR C 81 -29.54 38.99 36.09
C THR C 81 -28.59 39.82 35.23
N ALA C 82 -28.47 41.11 35.56
CA ALA C 82 -27.58 41.99 34.82
C ALA C 82 -26.11 41.68 35.11
N LEU C 83 -25.82 41.15 36.29
CA LEU C 83 -24.44 40.77 36.63
C LEU C 83 -24.00 39.57 35.81
N HIS C 84 -24.92 38.66 35.49
CA HIS C 84 -24.58 37.54 34.60
C HIS C 84 -24.27 38.01 33.20
N VAL C 85 -24.98 39.04 32.72
CA VAL C 85 -24.69 39.62 31.42
C VAL C 85 -23.35 40.35 31.44
N ALA C 86 -23.05 41.02 32.55
CA ALA C 86 -21.77 41.73 32.66
C ALA C 86 -20.60 40.76 32.76
N ALA C 87 -20.81 39.62 33.41
CA ALA C 87 -19.76 38.61 33.51
C ALA C 87 -19.64 37.75 32.26
N LEU C 88 -20.69 37.67 31.45
CA LEU C 88 -20.64 36.83 30.25
C LEU C 88 -19.76 37.44 29.17
N TYR C 89 -19.76 38.77 29.08
CA TYR C 89 -19.01 39.47 28.05
C TYR C 89 -17.69 40.04 28.55
N ASP C 90 -17.24 39.59 29.74
CA ASP C 90 -15.96 39.94 30.35
C ASP C 90 -15.79 41.44 30.57
N ASN C 91 -16.88 42.12 30.93
CA ASN C 91 -16.85 43.55 31.23
C ASN C 91 -16.65 43.71 32.72
N LEU C 92 -15.41 44.02 33.13
CA LEU C 92 -15.10 44.13 34.55
C LEU C 92 -15.66 45.42 35.15
N GLU C 93 -15.54 46.54 34.41
CA GLU C 93 -15.97 47.83 34.93
C GLU C 93 -17.48 47.90 35.08
N ALA C 94 -18.21 47.37 34.11
CA ALA C 94 -19.67 47.32 34.20
C ALA C 94 -20.12 46.38 35.32
N ALA C 95 -19.38 45.29 35.55
CA ALA C 95 -19.70 44.40 36.65
C ALA C 95 -19.47 45.06 38.00
N THR C 96 -18.39 45.84 38.13
CA THR C 96 -18.16 46.57 39.37
C THR C 96 -19.20 47.65 39.60
N LEU C 97 -19.64 48.32 38.52
CA LEU C 97 -20.70 49.30 38.64
C LEU C 97 -22.04 48.64 39.03
N LEU C 98 -22.32 47.47 38.48
CA LEU C 98 -23.53 46.74 38.86
C LEU C 98 -23.44 46.12 40.25
N MET C 99 -22.23 45.91 40.77
CA MET C 99 -22.06 45.41 42.13
C MET C 99 -21.94 46.51 43.17
N GLU C 100 -21.75 47.77 42.73
CA GLU C 100 -21.73 48.88 43.69
C GLU C 100 -23.11 49.10 44.31
N ALA C 101 -24.16 48.98 43.52
CA ALA C 101 -25.53 49.09 44.01
C ALA C 101 -26.20 47.73 43.93
N ALA C 102 -26.92 47.35 45.01
CA ALA C 102 -27.58 46.06 45.22
C ALA C 102 -26.62 44.88 45.04
N PRO C 103 -25.71 44.63 46.00
CA PRO C 103 -24.73 43.56 45.83
C PRO C 103 -25.30 42.15 45.87
N GLU C 104 -26.59 41.99 46.22
CA GLU C 104 -27.24 40.67 46.29
C GLU C 104 -27.32 39.98 44.94
N LEU C 105 -27.12 40.70 43.83
CA LEU C 105 -26.99 40.09 42.52
C LEU C 105 -25.77 39.15 42.42
N ALA C 106 -24.79 39.30 43.32
CA ALA C 106 -23.71 38.32 43.38
C ALA C 106 -24.21 36.96 43.85
N LYS C 107 -25.32 36.92 44.59
CA LYS C 107 -25.89 35.66 45.09
C LYS C 107 -27.16 35.26 44.36
N GLU C 108 -27.49 35.90 43.24
CA GLU C 108 -28.72 35.58 42.52
C GLU C 108 -28.42 34.55 41.44
N PRO C 109 -29.03 33.37 41.48
CA PRO C 109 -28.85 32.40 40.40
C PRO C 109 -29.93 32.51 39.34
N ALA C 110 -29.67 31.86 38.20
CA ALA C 110 -30.65 31.81 37.13
C ALA C 110 -31.77 30.85 37.48
N LEU C 111 -32.96 31.11 36.94
CA LEU C 111 -34.17 30.39 37.31
C LEU C 111 -34.88 29.86 36.07
N CYS C 112 -34.14 29.19 35.20
CA CYS C 112 -34.73 28.57 34.02
C CYS C 112 -34.08 27.22 33.78
N GLU C 113 -34.73 26.40 32.96
CA GLU C 113 -34.35 24.99 32.80
C GLU C 113 -32.96 24.76 32.18
N PRO C 114 -32.54 25.40 31.06
CA PRO C 114 -31.19 25.07 30.53
C PRO C 114 -30.05 25.60 31.38
N PHE C 115 -30.28 26.55 32.28
CA PHE C 115 -29.24 27.05 33.17
C PHE C 115 -29.86 27.20 34.56
N VAL C 116 -29.77 26.15 35.37
CA VAL C 116 -30.28 26.15 36.74
C VAL C 116 -29.13 26.44 37.68
N GLY C 117 -29.26 27.50 38.47
CA GLY C 117 -28.28 27.78 39.51
C GLY C 117 -26.98 28.37 39.02
N GLN C 118 -26.88 28.76 37.76
CA GLN C 118 -25.65 29.36 37.25
C GLN C 118 -25.51 30.78 37.77
N THR C 119 -24.65 30.99 38.76
CA THR C 119 -24.43 32.31 39.31
C THR C 119 -23.41 33.06 38.45
N ALA C 120 -23.08 34.28 38.88
CA ALA C 120 -22.07 35.06 38.18
C ALA C 120 -20.66 34.52 38.41
N LEU C 121 -20.47 33.74 39.48
CA LEU C 121 -19.16 33.20 39.79
C LEU C 121 -18.73 32.15 38.77
N HIS C 122 -19.67 31.32 38.30
CA HIS C 122 -19.35 30.29 37.31
C HIS C 122 -18.93 30.92 35.99
N ILE C 123 -19.66 31.95 35.55
CA ILE C 123 -19.34 32.62 34.30
C ILE C 123 -18.05 33.44 34.43
N ALA C 124 -17.78 33.98 35.63
CA ALA C 124 -16.53 34.69 35.85
C ALA C 124 -15.34 33.73 35.85
N VAL C 125 -15.52 32.53 36.39
CA VAL C 125 -14.45 31.54 36.40
C VAL C 125 -14.20 31.01 34.98
N MET C 126 -15.28 30.77 34.22
CA MET C 126 -15.14 30.23 32.86
C MET C 126 -14.43 31.21 31.93
N ASN C 127 -14.66 32.51 32.11
CA ASN C 127 -13.96 33.51 31.33
C ASN C 127 -12.53 33.75 31.79
N GLN C 128 -12.12 33.13 32.90
CA GLN C 128 -10.77 33.20 33.47
C GLN C 128 -10.37 34.63 33.79
N ASN C 129 -11.31 35.39 34.34
CA ASN C 129 -11.07 36.77 34.77
C ASN C 129 -10.88 36.75 36.29
N LEU C 130 -9.62 36.86 36.73
CA LEU C 130 -9.30 36.71 38.15
C LEU C 130 -9.82 37.87 38.98
N ASN C 131 -9.81 39.09 38.41
CA ASN C 131 -10.28 40.27 39.12
C ASN C 131 -11.78 40.20 39.39
N LEU C 132 -12.55 39.70 38.42
CA LEU C 132 -13.99 39.56 38.60
C LEU C 132 -14.33 38.49 39.64
N VAL C 133 -13.57 37.39 39.65
CA VAL C 133 -13.75 36.35 40.65
C VAL C 133 -13.42 36.87 42.05
N ARG C 134 -12.33 37.65 42.17
CA ARG C 134 -11.98 38.24 43.45
C ARG C 134 -13.01 39.25 43.92
N ALA C 135 -13.56 40.05 42.99
CA ALA C 135 -14.62 41.01 43.34
C ALA C 135 -15.90 40.31 43.76
N LEU C 136 -16.25 39.21 43.09
CA LEU C 136 -17.45 38.46 43.44
C LEU C 136 -17.29 37.77 44.79
N LEU C 137 -16.09 37.26 45.10
CA LEU C 137 -15.87 36.66 46.40
C LEU C 137 -15.79 37.71 47.50
N ALA C 138 -15.33 38.92 47.18
CA ALA C 138 -15.39 40.02 48.14
C ALA C 138 -16.82 40.46 48.40
N ARG C 139 -17.68 40.43 47.38
CA ARG C 139 -19.08 40.79 47.56
C ARG C 139 -19.88 39.71 48.29
N GLY C 140 -19.35 38.50 48.41
CA GLY C 140 -20.02 37.45 49.13
C GLY C 140 -20.78 36.45 48.29
N ALA C 141 -20.29 36.11 47.11
CA ALA C 141 -20.97 35.15 46.26
C ALA C 141 -20.87 33.74 46.84
N SER C 142 -21.85 32.91 46.48
CA SER C 142 -21.90 31.54 47.00
C SER C 142 -20.84 30.69 46.32
N VAL C 143 -19.91 30.16 47.11
CA VAL C 143 -18.84 29.32 46.58
C VAL C 143 -19.28 27.87 46.41
N SER C 144 -20.44 27.50 46.98
CA SER C 144 -20.95 26.14 46.90
C SER C 144 -22.23 26.07 46.06
N ALA C 145 -22.48 27.07 45.22
CA ALA C 145 -23.67 27.05 44.38
C ALA C 145 -23.52 26.05 43.25
N ARG C 146 -24.56 25.24 43.06
CA ARG C 146 -24.54 24.16 42.07
C ARG C 146 -25.18 24.65 40.77
N ALA C 147 -24.51 24.40 39.65
CA ALA C 147 -25.02 24.73 38.32
C ALA C 147 -25.67 23.48 37.75
N THR C 148 -26.91 23.21 38.19
CA THR C 148 -27.61 21.97 37.88
C THR C 148 -28.45 22.07 36.62
N GLY C 149 -28.08 22.93 35.67
CA GLY C 149 -28.83 23.05 34.45
C GLY C 149 -28.55 21.92 33.47
N ALA C 150 -29.32 21.90 32.39
CA ALA C 150 -29.15 20.87 31.37
C ALA C 150 -27.91 21.10 30.54
N ALA C 151 -27.44 22.35 30.47
CA ALA C 151 -26.24 22.65 29.70
C ALA C 151 -24.96 22.22 30.41
N PHE C 152 -25.01 22.04 31.74
CA PHE C 152 -23.83 21.67 32.50
C PHE C 152 -23.71 20.17 32.72
N ARG C 153 -24.70 19.38 32.31
CA ARG C 153 -24.63 17.94 32.47
C ARG C 153 -23.68 17.33 31.43
N ARG C 154 -23.28 16.09 31.67
CA ARG C 154 -22.44 15.35 30.74
C ARG C 154 -23.33 14.69 29.70
N SER C 155 -23.23 15.17 28.46
CA SER C 155 -24.08 14.68 27.38
C SER C 155 -23.36 14.95 26.06
N PRO C 156 -23.67 14.19 25.00
CA PRO C 156 -23.13 14.53 23.67
C PRO C 156 -23.64 15.85 23.12
N HIS C 157 -24.77 16.37 23.62
CA HIS C 157 -25.23 17.70 23.21
C HIS C 157 -24.29 18.78 23.70
N ASN C 158 -23.80 18.66 24.93
CA ASN C 158 -22.90 19.66 25.50
C ASN C 158 -21.47 19.40 25.04
N LEU C 159 -20.79 20.44 24.60
CA LEU C 159 -19.42 20.29 24.12
C LEU C 159 -18.43 20.11 25.27
N ILE C 160 -18.74 20.64 26.45
CA ILE C 160 -17.84 20.59 27.60
C ILE C 160 -18.60 20.07 28.81
N TYR C 161 -17.92 19.26 29.61
CA TYR C 161 -18.43 18.82 30.91
C TYR C 161 -17.47 19.35 31.96
N TYR C 162 -17.79 20.52 32.51
CA TYR C 162 -16.95 21.17 33.51
C TYR C 162 -17.48 20.99 34.93
N GLY C 163 -18.54 20.22 35.11
CA GLY C 163 -19.13 20.04 36.42
C GLY C 163 -20.11 21.13 36.78
N GLU C 164 -20.38 21.21 38.08
CA GLU C 164 -21.36 22.15 38.60
C GLU C 164 -20.80 23.14 39.61
N HIS C 165 -19.96 22.68 40.54
CA HIS C 165 -19.38 23.57 41.54
C HIS C 165 -18.29 24.44 40.90
N PRO C 166 -18.12 25.68 41.37
CA PRO C 166 -17.11 26.58 40.75
C PRO C 166 -15.68 26.09 40.89
N LEU C 167 -15.37 25.27 41.89
CA LEU C 167 -14.05 24.67 42.00
C LEU C 167 -13.79 23.70 40.84
N SER C 168 -14.82 22.98 40.39
CA SER C 168 -14.68 22.10 39.24
C SER C 168 -14.42 22.90 37.97
N PHE C 169 -15.10 24.04 37.80
CA PHE C 169 -14.85 24.93 36.67
C PHE C 169 -13.43 25.49 36.71
N ALA C 170 -12.97 25.88 37.91
CA ALA C 170 -11.64 26.46 38.04
C ALA C 170 -10.54 25.42 37.81
N ALA C 171 -10.80 24.16 38.20
CA ALA C 171 -9.84 23.11 37.93
C ALA C 171 -9.82 22.73 36.45
N CYS C 172 -10.99 22.72 35.81
CA CYS C 172 -11.05 22.29 34.42
C CYS C 172 -10.56 23.35 33.44
N VAL C 173 -10.74 24.64 33.76
CA VAL C 173 -10.28 25.70 32.87
C VAL C 173 -8.75 25.74 32.83
N GLY C 174 -8.12 25.72 34.00
CA GLY C 174 -6.66 25.65 34.05
C GLY C 174 -5.99 26.87 34.63
N SER C 175 -6.65 27.54 35.57
CA SER C 175 -6.09 28.70 36.26
C SER C 175 -5.88 28.33 37.72
N GLU C 176 -4.61 28.24 38.13
CA GLU C 176 -4.30 27.82 39.50
C GLU C 176 -4.64 28.90 40.50
N GLU C 177 -4.55 30.18 40.10
CA GLU C 177 -4.85 31.28 41.00
C GLU C 177 -6.32 31.30 41.41
N ILE C 178 -7.21 30.99 40.46
CA ILE C 178 -8.64 30.92 40.77
C ILE C 178 -8.93 29.73 41.69
N VAL C 179 -8.21 28.62 41.50
CA VAL C 179 -8.37 27.45 42.37
C VAL C 179 -7.96 27.77 43.80
N ARG C 180 -6.80 28.44 43.96
CA ARG C 180 -6.34 28.83 45.28
C ARG C 180 -7.26 29.86 45.93
N LEU C 181 -7.79 30.79 45.13
CA LEU C 181 -8.70 31.80 45.66
C LEU C 181 -10.03 31.19 46.09
N LEU C 182 -10.52 30.19 45.35
CA LEU C 182 -11.77 29.54 45.73
C LEU C 182 -11.58 28.64 46.95
N ILE C 183 -10.45 27.93 47.04
CA ILE C 183 -10.20 27.05 48.17
C ILE C 183 -9.96 27.86 49.45
N GLU C 184 -9.25 28.98 49.34
CA GLU C 184 -9.00 29.82 50.51
C GLU C 184 -10.28 30.53 50.98
N HIS C 185 -11.27 30.69 50.11
CA HIS C 185 -12.54 31.30 50.48
C HIS C 185 -13.58 30.29 50.95
N GLY C 186 -13.26 29.00 50.93
CA GLY C 186 -14.12 27.99 51.50
C GLY C 186 -14.82 27.04 50.54
N ALA C 187 -14.27 26.80 49.35
CA ALA C 187 -14.86 25.81 48.45
C ALA C 187 -14.58 24.41 48.96
N ASP C 188 -15.57 23.53 48.81
CA ASP C 188 -15.44 22.15 49.25
C ASP C 188 -14.89 21.31 48.11
N ILE C 189 -13.74 20.67 48.34
CA ILE C 189 -13.12 19.83 47.33
C ILE C 189 -13.84 18.48 47.21
N ARG C 190 -14.57 18.07 48.25
CA ARG C 190 -15.25 16.79 48.27
C ARG C 190 -16.66 16.85 47.69
N ALA C 191 -17.07 17.99 47.16
CA ALA C 191 -18.42 18.13 46.65
C ALA C 191 -18.60 17.37 45.35
N GLN C 192 -19.79 16.81 45.15
CA GLN C 192 -20.11 16.00 43.99
C GLN C 192 -21.33 16.57 43.27
N ASP C 193 -21.37 16.37 41.96
CA ASP C 193 -22.44 16.87 41.11
C ASP C 193 -23.53 15.81 41.02
N SER C 194 -24.46 15.98 40.07
CA SER C 194 -25.61 15.07 39.93
C SER C 194 -25.19 13.68 39.49
N LEU C 195 -24.07 13.55 38.77
CA LEU C 195 -23.54 12.25 38.41
C LEU C 195 -22.67 11.65 39.51
N GLY C 196 -22.46 12.36 40.62
CA GLY C 196 -21.61 11.89 41.69
C GLY C 196 -20.13 12.14 41.49
N ASN C 197 -19.74 12.80 40.41
CA ASN C 197 -18.33 13.03 40.11
C ASN C 197 -17.76 14.09 41.04
N THR C 198 -16.61 13.78 41.65
CA THR C 198 -15.84 14.78 42.38
C THR C 198 -15.03 15.61 41.39
N VAL C 199 -14.23 16.53 41.92
CA VAL C 199 -13.46 17.42 41.05
C VAL C 199 -12.35 16.67 40.33
N LEU C 200 -11.85 15.57 40.92
CA LEU C 200 -10.84 14.75 40.25
C LEU C 200 -11.43 14.01 39.06
N HIS C 201 -12.68 13.55 39.18
CA HIS C 201 -13.36 12.86 38.09
C HIS C 201 -13.56 13.78 36.89
N ILE C 202 -13.97 15.02 37.14
CA ILE C 202 -14.15 15.98 36.05
C ILE C 202 -12.80 16.45 35.52
N LEU C 203 -11.75 16.40 36.35
CA LEU C 203 -10.41 16.72 35.87
C LEU C 203 -9.88 15.65 34.93
N ILE C 204 -10.21 14.39 35.19
CA ILE C 204 -9.73 13.28 34.35
C ILE C 204 -10.37 13.34 32.96
N LEU C 205 -11.66 13.71 32.91
CA LEU C 205 -12.42 13.68 31.66
C LEU C 205 -12.01 14.78 30.67
N GLN C 206 -11.17 15.73 31.06
CA GLN C 206 -10.79 16.81 30.18
C GLN C 206 -9.87 16.32 29.07
N PRO C 207 -9.97 16.91 27.86
CA PRO C 207 -9.09 16.50 26.76
C PRO C 207 -7.68 17.08 26.88
N ASN C 208 -7.56 18.22 27.56
CA ASN C 208 -6.24 18.84 27.77
C ASN C 208 -5.58 18.16 28.97
N LYS C 209 -4.95 17.02 28.68
CA LYS C 209 -4.40 16.15 29.71
C LYS C 209 -3.00 16.53 30.16
N THR C 210 -2.42 17.60 29.60
CA THR C 210 -1.08 18.02 30.01
C THR C 210 -1.12 18.83 31.30
N PHE C 211 -1.89 19.92 31.31
CA PHE C 211 -2.01 20.74 32.51
C PHE C 211 -2.93 20.12 33.55
N ALA C 212 -3.75 19.14 33.15
CA ALA C 212 -4.67 18.48 34.08
C ALA C 212 -3.93 17.66 35.12
N CYS C 213 -2.75 17.13 34.78
CA CYS C 213 -1.93 16.44 35.77
C CYS C 213 -1.42 17.40 36.84
N GLN C 214 -1.00 18.60 36.43
CA GLN C 214 -0.56 19.61 37.40
C GLN C 214 -1.70 20.10 38.27
N MET C 215 -2.89 20.26 37.67
CA MET C 215 -4.06 20.65 38.47
C MET C 215 -4.48 19.54 39.43
N TYR C 216 -4.34 18.28 39.00
CA TYR C 216 -4.60 17.14 39.87
C TYR C 216 -3.63 17.10 41.04
N ASN C 217 -2.35 17.39 40.78
CA ASN C 217 -1.35 17.41 41.84
C ASN C 217 -1.60 18.56 42.81
N LEU C 218 -2.03 19.72 42.29
CA LEU C 218 -2.36 20.85 43.15
C LEU C 218 -3.57 20.56 44.04
N LEU C 219 -4.60 19.92 43.47
CA LEU C 219 -5.78 19.60 44.28
C LEU C 219 -5.50 18.48 45.27
N LEU C 220 -4.60 17.54 44.94
CA LEU C 220 -4.20 16.55 45.92
C LEU C 220 -3.33 17.14 47.01
N SER C 221 -2.53 18.17 46.67
CA SER C 221 -1.76 18.87 47.69
C SER C 221 -2.67 19.65 48.63
N TYR C 222 -3.75 20.24 48.09
CA TYR C 222 -4.68 20.97 48.95
C TYR C 222 -5.60 20.06 49.74
N ASP C 223 -5.66 18.77 49.42
CA ASP C 223 -6.50 17.83 50.14
C ASP C 223 -5.69 17.17 51.25
N GLU C 224 -6.08 17.43 52.50
CA GLU C 224 -5.43 16.81 53.65
C GLU C 224 -6.47 16.23 54.60
N LEU C 229 -11.54 11.38 57.46
CA LEU C 229 -12.13 10.27 56.75
C LEU C 229 -11.18 9.75 55.67
N GLN C 230 -11.74 9.15 54.62
CA GLN C 230 -10.95 8.65 53.52
C GLN C 230 -10.42 9.80 52.65
N SER C 231 -9.43 9.48 51.84
CA SER C 231 -8.88 10.47 50.92
C SER C 231 -9.82 10.70 49.75
N LEU C 232 -9.54 11.76 48.97
CA LEU C 232 -10.35 12.08 47.82
C LEU C 232 -10.16 11.08 46.67
N GLU C 233 -9.03 10.35 46.67
CA GLU C 233 -8.77 9.35 45.66
C GLU C 233 -9.68 8.13 45.77
N LEU C 234 -10.25 7.88 46.96
CA LEU C 234 -11.07 6.70 47.19
C LEU C 234 -12.57 7.01 47.20
N VAL C 235 -12.97 8.19 46.72
CA VAL C 235 -14.37 8.59 46.71
C VAL C 235 -14.95 8.21 45.35
N PRO C 236 -15.92 7.31 45.28
CA PRO C 236 -16.50 6.93 43.99
C PRO C 236 -17.71 7.78 43.62
N ASN C 237 -18.05 7.73 42.34
CA ASN C 237 -19.22 8.41 41.80
C ASN C 237 -20.45 7.52 41.95
N HIS C 238 -21.54 7.91 41.28
CA HIS C 238 -22.77 7.12 41.36
C HIS C 238 -22.67 5.83 40.58
N GLN C 239 -21.82 5.78 39.55
CA GLN C 239 -21.61 4.53 38.83
C GLN C 239 -20.77 3.54 39.62
N GLY C 240 -19.97 4.03 40.56
CA GLY C 240 -19.13 3.18 41.39
C GLY C 240 -17.66 3.24 41.08
N LEU C 241 -17.19 4.21 40.30
CA LEU C 241 -15.81 4.24 39.83
C LEU C 241 -14.99 5.22 40.65
N THR C 242 -13.82 4.78 41.11
CA THR C 242 -12.82 5.65 41.69
C THR C 242 -12.16 6.48 40.58
N PRO C 243 -11.46 7.57 40.93
CA PRO C 243 -10.66 8.28 39.91
C PRO C 243 -9.62 7.42 39.22
N PHE C 244 -9.03 6.44 39.90
CA PHE C 244 -8.14 5.49 39.25
C PHE C 244 -8.91 4.64 38.23
N LYS C 245 -10.07 4.12 38.63
CA LYS C 245 -10.88 3.31 37.71
C LYS C 245 -11.48 4.16 36.59
N LEU C 246 -11.84 5.41 36.88
CA LEU C 246 -12.37 6.28 35.81
C LEU C 246 -11.27 6.69 34.84
N ALA C 247 -10.04 6.88 35.32
CA ALA C 247 -8.92 7.10 34.43
C ALA C 247 -8.63 5.86 33.59
N GLY C 248 -8.82 4.68 34.18
CA GLY C 248 -8.66 3.45 33.43
C GLY C 248 -9.72 3.23 32.36
N VAL C 249 -10.96 3.62 32.65
CA VAL C 249 -12.06 3.39 31.71
C VAL C 249 -11.96 4.34 30.52
N GLU C 250 -11.74 5.63 30.79
CA GLU C 250 -11.88 6.67 29.78
C GLU C 250 -10.68 6.79 28.85
N GLY C 251 -9.68 5.92 28.96
CA GLY C 251 -8.55 5.98 28.05
C GLY C 251 -7.54 7.06 28.36
N ASN C 252 -7.55 7.59 29.58
CA ASN C 252 -6.65 8.68 29.96
C ASN C 252 -5.33 8.07 30.41
N THR C 253 -4.40 7.92 29.47
CA THR C 253 -3.11 7.30 29.76
C THR C 253 -2.17 8.23 30.52
N VAL C 254 -2.22 9.54 30.24
CA VAL C 254 -1.33 10.49 30.89
C VAL C 254 -1.69 10.65 32.36
N MET C 255 -2.99 10.74 32.66
CA MET C 255 -3.42 10.77 34.05
C MET C 255 -3.17 9.44 34.75
N PHE C 256 -3.21 8.33 34.00
CA PHE C 256 -2.84 7.03 34.56
C PHE C 256 -1.38 6.98 34.97
N GLN C 257 -0.49 7.54 34.13
CA GLN C 257 0.92 7.63 34.48
C GLN C 257 1.14 8.56 35.67
N HIS C 258 0.41 9.67 35.72
CA HIS C 258 0.52 10.59 36.84
C HIS C 258 0.00 9.98 38.14
N LEU C 259 -1.01 9.11 38.07
CA LEU C 259 -1.47 8.41 39.25
C LEU C 259 -0.51 7.31 39.68
N MET C 260 0.07 6.57 38.71
CA MET C 260 0.98 5.50 39.06
C MET C 260 2.35 5.99 39.50
N GLN C 261 2.72 7.22 39.17
CA GLN C 261 3.97 7.78 39.70
C GLN C 261 3.87 8.17 41.17
N LYS C 262 2.67 8.20 41.75
CA LYS C 262 2.49 8.41 43.17
C LYS C 262 2.38 7.10 43.95
N ARG C 263 2.42 5.96 43.27
CA ARG C 263 2.32 4.66 43.92
C ARG C 263 3.55 3.78 43.75
N LYS C 264 4.45 4.12 42.82
CA LYS C 264 5.68 3.36 42.67
C LYS C 264 6.63 3.64 43.82
N HIS C 265 7.62 2.75 43.97
CA HIS C 265 8.64 2.89 45.00
C HIS C 265 9.93 2.31 44.44
N VAL C 266 10.88 3.18 44.11
CA VAL C 266 12.14 2.74 43.51
C VAL C 266 12.99 2.10 44.60
N GLN C 267 13.25 0.80 44.45
CA GLN C 267 14.06 0.08 45.44
C GLN C 267 15.53 0.44 45.29
N TRP C 268 16.10 0.24 44.11
CA TRP C 268 17.49 0.60 43.85
C TRP C 268 17.66 0.93 42.38
N THR C 269 18.49 1.93 42.11
CA THR C 269 18.89 2.31 40.76
C THR C 269 20.40 2.09 40.66
N CYS C 270 20.79 0.98 40.05
CA CYS C 270 22.19 0.61 39.88
C CYS C 270 22.52 0.70 38.39
N GLY C 271 23.29 1.71 38.01
CA GLY C 271 23.68 1.92 36.65
C GLY C 271 22.51 2.19 35.73
N PRO C 272 22.36 1.37 34.69
CA PRO C 272 21.18 1.45 33.83
C PRO C 272 19.96 0.69 34.34
N LEU C 273 20.08 -0.03 35.46
CA LEU C 273 18.99 -0.85 35.97
C LEU C 273 18.25 -0.10 37.07
N THR C 274 16.92 -0.13 37.00
CA THR C 274 16.08 0.48 38.03
C THR C 274 15.04 -0.52 38.46
N SER C 275 14.92 -0.74 39.77
CA SER C 275 13.98 -1.72 40.32
C SER C 275 12.85 -0.97 41.01
N THR C 276 11.73 -0.78 40.31
CA THR C 276 10.56 -0.11 40.84
C THR C 276 9.61 -1.13 41.45
N LEU C 277 8.87 -0.71 42.47
CA LEU C 277 7.95 -1.58 43.20
C LEU C 277 6.56 -0.97 43.11
N TYR C 278 5.82 -1.32 42.05
CA TYR C 278 4.49 -0.77 41.85
C TYR C 278 3.50 -1.43 42.79
N ASP C 279 2.41 -0.70 43.08
CA ASP C 279 1.38 -1.16 43.99
C ASP C 279 0.18 -1.68 43.19
N LEU C 280 -0.30 -2.87 43.55
CA LEU C 280 -1.43 -3.49 42.89
C LEU C 280 -2.71 -3.43 43.72
N THR C 281 -2.82 -2.42 44.58
CA THR C 281 -4.03 -2.29 45.40
C THR C 281 -5.21 -1.83 44.55
N GLU C 282 -5.01 -0.87 43.67
CA GLU C 282 -6.06 -0.32 42.83
C GLU C 282 -5.99 -0.81 41.39
N ILE C 283 -5.13 -1.78 41.10
CA ILE C 283 -4.99 -2.35 39.76
C ILE C 283 -5.50 -3.78 39.72
N ASP C 284 -5.08 -4.62 40.66
CA ASP C 284 -5.54 -6.00 40.69
C ASP C 284 -6.99 -6.08 41.17
N SER C 285 -7.33 -5.32 42.22
CA SER C 285 -8.67 -5.24 42.82
C SER C 285 -9.15 -6.63 43.27
N TRP C 286 -8.37 -7.24 44.15
CA TRP C 286 -8.71 -8.57 44.64
C TRP C 286 -9.85 -8.49 45.65
N GLY C 287 -10.77 -9.45 45.56
CA GLY C 287 -11.92 -9.44 46.44
C GLY C 287 -12.95 -8.38 46.11
N GLU C 288 -13.09 -8.01 44.84
CA GLU C 288 -14.04 -7.00 44.40
C GLU C 288 -15.00 -7.60 43.38
N GLU C 289 -16.18 -6.97 43.29
CA GLU C 289 -17.20 -7.43 42.34
C GLU C 289 -16.77 -7.17 40.91
N LEU C 290 -16.30 -5.96 40.62
CA LEU C 290 -15.77 -5.60 39.30
C LEU C 290 -14.35 -5.10 39.48
N SER C 291 -13.40 -5.78 38.85
CA SER C 291 -12.01 -5.41 38.97
C SER C 291 -11.68 -4.24 38.05
N PHE C 292 -10.44 -3.74 38.16
CA PHE C 292 -10.01 -2.63 37.33
C PHE C 292 -9.84 -3.03 35.87
N LEU C 293 -9.26 -4.21 35.63
CA LEU C 293 -9.00 -4.65 34.27
C LEU C 293 -10.29 -4.99 33.52
N GLU C 294 -11.29 -5.50 34.23
CA GLU C 294 -12.59 -5.76 33.61
C GLU C 294 -13.27 -4.46 33.20
N LEU C 295 -13.11 -3.40 34.00
CA LEU C 295 -13.64 -2.10 33.62
C LEU C 295 -12.85 -1.49 32.48
N VAL C 296 -11.54 -1.75 32.41
CA VAL C 296 -10.72 -1.21 31.33
C VAL C 296 -11.08 -1.87 29.99
N VAL C 297 -11.17 -3.21 29.98
CA VAL C 297 -11.40 -3.91 28.72
C VAL C 297 -12.83 -3.73 28.23
N SER C 298 -13.80 -3.93 29.12
CA SER C 298 -15.22 -3.78 28.75
C SER C 298 -15.63 -2.31 28.87
N SER C 299 -15.11 -1.51 27.95
CA SER C 299 -15.40 -0.09 27.87
C SER C 299 -15.69 0.29 26.43
N LYS C 300 -16.62 1.24 26.27
CA LYS C 300 -16.98 1.69 24.93
C LYS C 300 -15.91 2.58 24.32
N LYS C 301 -15.03 3.18 25.14
CA LYS C 301 -13.96 4.00 24.63
C LYS C 301 -12.87 3.16 23.98
N ARG C 302 -12.37 3.62 22.85
CA ARG C 302 -11.33 2.88 22.12
C ARG C 302 -9.98 2.99 22.81
N GLU C 303 -9.68 4.14 23.42
CA GLU C 303 -8.36 4.45 23.94
C GLU C 303 -7.99 3.65 25.20
N ALA C 304 -8.97 3.00 25.85
CA ALA C 304 -8.74 2.27 27.08
C ALA C 304 -7.77 1.10 26.90
N ARG C 305 -7.73 0.51 25.70
CA ARG C 305 -6.77 -0.54 25.41
C ARG C 305 -5.33 -0.06 25.49
N GLN C 306 -5.07 1.23 25.29
CA GLN C 306 -3.74 1.79 25.51
C GLN C 306 -3.30 1.66 26.96
N ILE C 307 -4.24 1.66 27.92
CA ILE C 307 -3.88 1.45 29.31
C ILE C 307 -3.57 -0.01 29.59
N LEU C 308 -3.85 -0.91 28.65
CA LEU C 308 -3.31 -2.26 28.75
C LEU C 308 -1.85 -2.33 28.30
N GLU C 309 -1.29 -1.24 27.79
CA GLU C 309 0.11 -1.19 27.37
C GLU C 309 0.98 -0.38 28.32
N GLN C 310 0.48 -0.03 29.51
CA GLN C 310 1.25 0.79 30.44
C GLN C 310 2.25 -0.06 31.21
N THR C 311 2.92 0.57 32.18
CA THR C 311 4.06 -0.09 32.82
C THR C 311 3.66 -1.16 33.83
N PRO C 312 2.74 -0.93 34.83
CA PRO C 312 2.44 -2.06 35.72
C PRO C 312 1.39 -3.02 35.17
N VAL C 313 0.47 -2.52 34.34
CA VAL C 313 -0.67 -3.30 33.87
C VAL C 313 -0.23 -4.39 32.91
N LYS C 314 0.66 -4.04 31.96
CA LYS C 314 1.14 -5.01 30.98
C LYS C 314 1.96 -6.12 31.65
N GLU C 315 2.81 -5.73 32.60
CA GLU C 315 3.59 -6.70 33.40
C GLU C 315 2.62 -7.65 34.13
N LEU C 316 1.63 -7.08 34.82
CA LEU C 316 0.70 -7.86 35.63
C LEU C 316 -0.09 -8.85 34.77
N VAL C 317 -0.60 -8.40 33.62
CA VAL C 317 -1.38 -9.31 32.79
C VAL C 317 -0.48 -10.31 32.08
N SER C 318 0.79 -9.95 31.83
CA SER C 318 1.72 -10.90 31.24
C SER C 318 2.08 -12.01 32.23
N PHE C 319 2.27 -11.65 33.50
CA PHE C 319 2.49 -12.66 34.53
C PHE C 319 1.27 -13.54 34.72
N LYS C 320 0.08 -12.93 34.82
CA LYS C 320 -1.16 -13.69 35.03
C LYS C 320 -1.55 -14.53 33.83
N TRP C 321 -1.09 -14.17 32.63
CA TRP C 321 -1.37 -14.98 31.45
C TRP C 321 -0.35 -16.07 31.24
N LYS C 322 0.95 -15.77 31.38
CA LYS C 322 1.97 -16.77 31.12
C LYS C 322 2.04 -17.81 32.23
N LYS C 323 1.73 -17.44 33.47
CA LYS C 323 1.81 -18.44 34.53
C LYS C 323 0.51 -19.25 34.66
N TYR C 324 -0.63 -18.58 34.66
CA TYR C 324 -1.91 -19.23 34.94
C TYR C 324 -2.88 -19.28 33.77
N GLY C 325 -3.02 -18.18 33.02
CA GLY C 325 -4.08 -18.10 32.03
C GLY C 325 -3.85 -19.01 30.83
N ARG C 326 -2.62 -19.06 30.32
CA ARG C 326 -2.32 -19.88 29.15
C ARG C 326 -2.46 -21.39 29.36
N PRO C 327 -1.93 -22.02 30.44
CA PRO C 327 -2.16 -23.48 30.55
C PRO C 327 -3.60 -23.86 30.85
N TYR C 328 -4.31 -23.05 31.65
CA TYR C 328 -5.72 -23.33 31.91
C TYR C 328 -6.56 -23.14 30.65
N PHE C 329 -6.23 -22.15 29.83
CA PHE C 329 -6.94 -21.94 28.58
C PHE C 329 -6.65 -23.07 27.59
N CYS C 330 -5.42 -23.57 27.56
CA CYS C 330 -5.09 -24.70 26.69
C CYS C 330 -5.77 -25.99 27.15
N VAL C 331 -5.88 -26.18 28.48
CA VAL C 331 -6.60 -27.33 29.01
C VAL C 331 -8.09 -27.26 28.67
N LEU C 332 -8.70 -26.07 28.80
CA LEU C 332 -10.10 -25.90 28.44
C LEU C 332 -10.31 -26.07 26.93
N ALA C 333 -9.36 -25.61 26.11
CA ALA C 333 -9.45 -25.80 24.68
C ALA C 333 -9.35 -27.27 24.29
N SER C 334 -8.45 -28.02 24.93
CA SER C 334 -8.34 -29.45 24.64
C SER C 334 -9.58 -30.22 25.09
N LEU C 335 -10.14 -29.86 26.26
CA LEU C 335 -11.37 -30.51 26.73
C LEU C 335 -12.55 -30.20 25.83
N TYR C 336 -12.65 -28.95 25.34
CA TYR C 336 -13.75 -28.61 24.44
C TYR C 336 -13.56 -29.26 23.07
N ILE C 337 -12.32 -29.41 22.61
CA ILE C 337 -12.07 -30.09 21.33
C ILE C 337 -12.43 -31.57 21.43
N LEU C 338 -12.09 -32.22 22.56
CA LEU C 338 -12.49 -33.61 22.76
C LEU C 338 -14.01 -33.75 22.89
N TYR C 339 -14.66 -32.78 23.55
CA TYR C 339 -16.12 -32.80 23.65
C TYR C 339 -16.78 -32.63 22.28
N MET C 340 -16.23 -31.76 21.44
CA MET C 340 -16.77 -31.60 20.10
C MET C 340 -16.49 -32.81 19.21
N ILE C 341 -15.37 -33.50 19.44
CA ILE C 341 -15.10 -34.74 18.72
C ILE C 341 -16.10 -35.82 19.13
N CYS C 342 -16.44 -35.89 20.42
CA CYS C 342 -17.47 -36.83 20.88
C CYS C 342 -18.83 -36.49 20.31
N PHE C 343 -19.16 -35.20 20.24
CA PHE C 343 -20.44 -34.76 19.65
C PHE C 343 -20.51 -35.09 18.16
N THR C 344 -19.39 -34.87 17.43
CA THR C 344 -19.35 -35.21 16.02
C THR C 344 -19.47 -36.72 15.80
N THR C 345 -18.81 -37.51 16.64
CA THR C 345 -18.91 -38.96 16.54
C THR C 345 -20.30 -39.47 16.86
N CYS C 346 -21.02 -38.81 17.77
CA CYS C 346 -22.42 -39.16 18.00
C CYS C 346 -23.30 -38.70 16.85
N CYS C 347 -22.90 -37.63 16.15
CA CYS C 347 -23.69 -37.17 15.01
C CYS C 347 -23.54 -38.08 13.80
N ILE C 348 -22.33 -38.58 13.55
CA ILE C 348 -22.09 -39.41 12.37
C ILE C 348 -22.77 -40.77 12.51
N TYR C 349 -22.73 -41.36 13.71
CA TYR C 349 -23.34 -42.66 13.96
C TYR C 349 -24.80 -42.56 14.38
N ARG C 350 -25.52 -41.53 13.91
CA ARG C 350 -26.92 -41.33 14.24
C ARG C 350 -27.75 -42.50 13.72
N PRO C 351 -28.68 -43.03 14.53
CA PRO C 351 -29.40 -44.25 14.15
C PRO C 351 -30.37 -44.01 13.00
N LEU C 352 -30.17 -44.75 11.91
CA LEU C 352 -30.98 -44.65 10.71
C LEU C 352 -31.39 -46.05 10.26
N LYS C 353 -32.61 -46.17 9.74
CA LYS C 353 -33.11 -47.42 9.21
C LYS C 353 -33.63 -47.19 7.80
N LEU C 354 -33.99 -48.30 7.14
CA LEU C 354 -34.52 -48.25 5.79
C LEU C 354 -35.90 -47.62 5.77
N ARG C 355 -36.19 -46.90 4.70
CA ARG C 355 -37.47 -46.22 4.57
C ARG C 355 -38.57 -47.23 4.28
N ASP C 356 -39.64 -47.18 5.07
CA ASP C 356 -40.74 -48.12 4.91
C ASP C 356 -41.59 -47.80 3.69
N ASP C 357 -41.83 -46.51 3.44
CA ASP C 357 -42.63 -46.09 2.30
C ASP C 357 -41.79 -46.16 1.02
N ASN C 358 -42.44 -46.58 -0.07
CA ASN C 358 -41.76 -46.69 -1.35
C ASN C 358 -41.58 -45.31 -1.99
N ARG C 359 -40.51 -45.18 -2.76
CA ARG C 359 -40.18 -43.92 -3.43
C ARG C 359 -41.08 -43.79 -4.65
N THR C 360 -42.26 -43.20 -4.44
CA THR C 360 -43.21 -43.02 -5.53
C THR C 360 -42.75 -41.92 -6.49
N ASP C 361 -42.30 -40.79 -5.95
CA ASP C 361 -41.86 -39.67 -6.77
C ASP C 361 -40.49 -39.96 -7.37
N PRO C 362 -40.29 -39.73 -8.66
CA PRO C 362 -38.97 -40.00 -9.27
C PRO C 362 -37.90 -39.00 -8.86
N ARG C 363 -38.26 -37.84 -8.33
CA ARG C 363 -37.31 -36.84 -7.90
C ARG C 363 -37.00 -36.91 -6.41
N ASP C 364 -37.41 -37.99 -5.75
CA ASP C 364 -37.17 -38.19 -4.32
C ASP C 364 -36.02 -39.16 -4.15
N ILE C 365 -35.08 -38.80 -3.26
CA ILE C 365 -33.87 -39.58 -3.05
C ILE C 365 -33.70 -40.02 -1.60
N THR C 366 -34.74 -39.88 -0.79
CA THR C 366 -34.65 -40.28 0.62
C THR C 366 -34.77 -41.80 0.70
N ILE C 367 -33.67 -42.47 1.07
CA ILE C 367 -33.65 -43.91 1.19
C ILE C 367 -33.57 -44.38 2.64
N LEU C 368 -33.26 -43.49 3.58
CA LEU C 368 -33.19 -43.84 4.98
C LEU C 368 -33.98 -42.83 5.81
N GLN C 369 -34.53 -43.30 6.92
CA GLN C 369 -35.23 -42.43 7.85
C GLN C 369 -34.71 -42.69 9.26
N GLN C 370 -35.19 -41.88 10.21
CA GLN C 370 -34.72 -41.96 11.58
C GLN C 370 -35.35 -43.14 12.30
N LYS C 371 -34.54 -43.83 13.10
CA LYS C 371 -35.06 -44.90 13.94
C LYS C 371 -35.90 -44.34 15.08
N LEU C 372 -36.85 -45.14 15.54
CA LEU C 372 -37.65 -44.76 16.70
C LEU C 372 -36.82 -44.94 17.97
N LEU C 373 -37.36 -44.41 19.07
CA LEU C 373 -36.68 -44.53 20.36
C LEU C 373 -36.67 -45.98 20.86
N GLN C 374 -37.73 -46.73 20.58
CA GLN C 374 -37.75 -48.14 20.94
C GLN C 374 -36.86 -48.97 20.02
N GLU C 375 -36.79 -48.60 18.74
CA GLU C 375 -35.96 -49.34 17.80
C GLU C 375 -34.48 -49.09 18.02
N ALA C 376 -34.11 -47.87 18.43
CA ALA C 376 -32.73 -47.56 18.73
C ALA C 376 -32.38 -48.03 20.14
N TYR C 377 -31.08 -47.90 20.46
CA TYR C 377 -30.50 -48.27 21.76
C TYR C 377 -30.73 -49.74 22.09
N VAL C 378 -30.25 -50.61 21.19
CA VAL C 378 -30.37 -52.06 21.34
C VAL C 378 -29.00 -52.73 21.40
N THR C 379 -28.16 -52.47 20.42
CA THR C 379 -26.85 -53.10 20.35
C THR C 379 -25.87 -52.42 21.29
N HIS C 380 -24.66 -53.00 21.37
CA HIS C 380 -23.63 -52.46 22.26
C HIS C 380 -23.05 -51.16 21.71
N GLN C 381 -22.94 -51.05 20.39
CA GLN C 381 -22.50 -49.80 19.77
C GLN C 381 -23.51 -48.68 20.01
N ASP C 382 -24.80 -49.01 20.04
CA ASP C 382 -25.81 -48.04 20.41
C ASP C 382 -25.70 -47.64 21.88
N ASN C 383 -25.21 -48.55 22.74
CA ASN C 383 -24.97 -48.18 24.14
C ASN C 383 -23.78 -47.25 24.27
N ILE C 384 -22.73 -47.47 23.45
CA ILE C 384 -21.59 -46.55 23.42
C ILE C 384 -22.04 -45.17 22.91
N ARG C 385 -22.91 -45.15 21.90
CA ARG C 385 -23.50 -43.91 21.42
C ARG C 385 -24.37 -43.24 22.49
N LEU C 386 -25.08 -44.03 23.29
CA LEU C 386 -25.88 -43.48 24.39
C LEU C 386 -24.99 -42.83 25.46
N VAL C 387 -23.86 -43.47 25.78
CA VAL C 387 -22.90 -42.88 26.71
C VAL C 387 -22.33 -41.57 26.16
N GLY C 388 -21.99 -41.56 24.87
CA GLY C 388 -21.50 -40.34 24.25
C GLY C 388 -22.54 -39.23 24.20
N GLU C 389 -23.80 -39.59 23.98
CA GLU C 389 -24.88 -38.60 23.96
C GLU C 389 -25.16 -38.06 25.36
N LEU C 390 -25.03 -38.89 26.39
CA LEU C 390 -25.13 -38.40 27.77
C LEU C 390 -23.99 -37.43 28.09
N VAL C 391 -22.78 -37.74 27.62
CA VAL C 391 -21.63 -36.83 27.77
C VAL C 391 -21.90 -35.51 27.05
N THR C 392 -22.47 -35.59 25.85
CA THR C 392 -22.78 -34.39 25.05
C THR C 392 -23.83 -33.52 25.74
N VAL C 393 -24.91 -34.14 26.25
CA VAL C 393 -25.97 -33.34 26.85
C VAL C 393 -25.53 -32.78 28.21
N THR C 394 -24.67 -33.49 28.95
CA THR C 394 -24.14 -32.92 30.18
C THR C 394 -23.17 -31.79 29.88
N GLY C 395 -22.41 -31.88 28.79
CA GLY C 395 -21.58 -30.76 28.37
C GLY C 395 -22.39 -29.55 27.96
N ALA C 396 -23.53 -29.78 27.30
CA ALA C 396 -24.41 -28.66 26.93
C ALA C 396 -25.03 -28.01 28.16
N VAL C 397 -25.42 -28.82 29.15
CA VAL C 397 -25.95 -28.28 30.41
C VAL C 397 -24.88 -27.49 31.16
N ILE C 398 -23.64 -27.98 31.16
CA ILE C 398 -22.53 -27.26 31.79
C ILE C 398 -22.25 -25.95 31.07
N ILE C 399 -22.34 -25.95 29.73
CA ILE C 399 -22.15 -24.75 28.92
C ILE C 399 -23.23 -23.71 29.23
N LEU C 400 -24.49 -24.15 29.34
CA LEU C 400 -25.58 -23.23 29.69
C LEU C 400 -25.42 -22.69 31.10
N LEU C 401 -25.03 -23.54 32.05
CA LEU C 401 -24.86 -23.07 33.43
C LEU C 401 -23.64 -22.17 33.59
N LEU C 402 -22.67 -22.25 32.68
CA LEU C 402 -21.54 -21.32 32.73
C LEU C 402 -21.79 -20.04 31.96
N GLU C 403 -22.68 -20.04 30.96
CA GLU C 403 -22.88 -18.85 30.15
C GLU C 403 -24.09 -18.01 30.54
N ILE C 404 -25.17 -18.62 31.06
CA ILE C 404 -26.38 -17.90 31.42
C ILE C 404 -26.22 -16.88 32.55
N PRO C 405 -25.63 -17.18 33.73
CA PRO C 405 -25.62 -16.14 34.80
C PRO C 405 -24.71 -14.95 34.53
N ASP C 406 -23.77 -15.05 33.60
CA ASP C 406 -22.95 -13.88 33.24
C ASP C 406 -23.77 -12.82 32.52
N ILE C 407 -24.80 -13.23 31.79
CA ILE C 407 -25.71 -12.29 31.15
C ILE C 407 -26.48 -11.49 32.18
N PHE C 408 -26.96 -12.15 33.24
CA PHE C 408 -27.67 -11.44 34.29
C PHE C 408 -26.72 -10.64 35.17
N ARG C 409 -25.45 -11.05 35.25
CA ARG C 409 -24.48 -10.33 36.06
C ARG C 409 -24.04 -9.03 35.37
N VAL C 410 -23.45 -9.14 34.18
CA VAL C 410 -22.83 -7.98 33.54
C VAL C 410 -23.78 -7.24 32.60
N GLY C 411 -24.93 -7.80 32.28
CA GLY C 411 -25.87 -7.15 31.39
C GLY C 411 -25.85 -7.74 29.99
N ALA C 412 -27.03 -7.81 29.35
CA ALA C 412 -27.12 -8.45 28.04
C ALA C 412 -26.53 -7.57 26.94
N SER C 413 -26.55 -6.24 27.13
CA SER C 413 -26.02 -5.34 26.11
C SER C 413 -24.50 -5.35 26.06
N ARG C 414 -23.84 -5.62 27.19
CA ARG C 414 -22.38 -5.62 27.24
C ARG C 414 -21.78 -7.01 27.06
N TYR C 415 -22.51 -8.07 27.44
CA TYR C 415 -21.97 -9.41 27.29
C TYR C 415 -21.95 -9.85 25.84
N PHE C 416 -23.03 -9.59 25.11
CA PHE C 416 -23.12 -9.97 23.70
C PHE C 416 -22.63 -8.88 22.75
N GLY C 417 -22.24 -7.72 23.28
CA GLY C 417 -21.91 -6.59 22.43
C GLY C 417 -20.43 -6.42 22.12
N GLN C 418 -19.58 -6.66 23.12
CA GLN C 418 -18.16 -6.40 22.97
C GLN C 418 -17.50 -7.49 22.11
N THR C 419 -16.74 -7.05 21.11
CA THR C 419 -16.01 -7.97 20.25
C THR C 419 -14.83 -8.62 20.97
N ILE C 420 -14.16 -7.88 21.84
CA ILE C 420 -12.98 -8.40 22.53
C ILE C 420 -13.38 -9.45 23.56
N LEU C 421 -14.50 -9.23 24.26
CA LEU C 421 -14.94 -10.14 25.31
C LEU C 421 -15.43 -11.47 24.74
N GLY C 422 -15.85 -11.49 23.49
CA GLY C 422 -16.30 -12.72 22.86
C GLY C 422 -17.80 -12.86 22.86
N GLY C 423 -18.49 -11.76 22.56
CA GLY C 423 -19.94 -11.72 22.51
C GLY C 423 -20.61 -12.63 21.49
N PRO C 424 -20.20 -12.53 20.21
CA PRO C 424 -20.70 -13.50 19.22
C PRO C 424 -20.37 -14.95 19.54
N PHE C 425 -19.21 -15.23 20.15
CA PHE C 425 -18.90 -16.58 20.56
C PHE C 425 -19.82 -17.06 21.68
N HIS C 426 -20.20 -16.16 22.58
CA HIS C 426 -21.15 -16.53 23.63
C HIS C 426 -22.54 -16.77 23.05
N VAL C 427 -22.95 -15.97 22.06
CA VAL C 427 -24.22 -16.20 21.36
C VAL C 427 -24.22 -17.54 20.65
N ILE C 428 -23.11 -17.86 19.98
CA ILE C 428 -22.96 -19.12 19.25
C ILE C 428 -22.98 -20.31 20.20
N ILE C 429 -22.28 -20.22 21.33
CA ILE C 429 -22.22 -21.38 22.22
C ILE C 429 -23.54 -21.56 22.99
N ILE C 430 -24.27 -20.47 23.28
CA ILE C 430 -25.58 -20.59 23.90
C ILE C 430 -26.58 -21.20 22.92
N THR C 431 -26.51 -20.78 21.65
CA THR C 431 -27.34 -21.36 20.61
C THR C 431 -27.03 -22.84 20.40
N TYR C 432 -25.74 -23.20 20.48
CA TYR C 432 -25.32 -24.59 20.33
C TYR C 432 -25.86 -25.45 21.47
N ALA C 433 -25.77 -24.95 22.70
CA ALA C 433 -26.32 -25.70 23.84
C ALA C 433 -27.83 -25.84 23.75
N SER C 434 -28.52 -24.78 23.33
CA SER C 434 -29.97 -24.85 23.16
C SER C 434 -30.36 -25.80 22.04
N LEU C 435 -29.57 -25.87 20.97
CA LEU C 435 -29.86 -26.80 19.88
C LEU C 435 -29.58 -28.24 20.27
N VAL C 436 -28.57 -28.49 21.10
CA VAL C 436 -28.35 -29.84 21.63
C VAL C 436 -29.50 -30.26 22.54
N LEU C 437 -29.99 -29.34 23.38
CA LEU C 437 -31.14 -29.65 24.23
C LEU C 437 -32.41 -29.87 23.40
N LEU C 438 -32.58 -29.08 22.33
CA LEU C 438 -33.72 -29.27 21.42
C LEU C 438 -33.64 -30.61 20.70
N THR C 439 -32.43 -31.02 20.31
CA THR C 439 -32.24 -32.34 19.70
C THR C 439 -32.54 -33.46 20.69
N MET C 440 -32.19 -33.27 21.97
CA MET C 440 -32.54 -34.25 22.99
C MET C 440 -34.04 -34.36 23.18
N VAL C 441 -34.74 -33.21 23.17
CA VAL C 441 -36.20 -33.20 23.29
C VAL C 441 -36.85 -33.88 22.10
N MET C 442 -36.36 -33.62 20.89
CA MET C 442 -36.91 -34.24 19.70
C MET C 442 -36.58 -35.73 19.61
N ARG C 443 -35.43 -36.14 20.17
CA ARG C 443 -35.09 -37.56 20.21
C ARG C 443 -35.96 -38.31 21.20
N LEU C 444 -36.25 -37.70 22.35
CA LEU C 444 -37.04 -38.38 23.37
C LEU C 444 -38.52 -38.45 22.99
N THR C 445 -38.99 -37.54 22.15
CA THR C 445 -40.40 -37.48 21.77
C THR C 445 -40.69 -38.12 20.42
N ASN C 446 -39.69 -38.76 19.80
CA ASN C 446 -39.80 -39.43 18.50
C ASN C 446 -40.29 -38.48 17.40
N MET C 447 -39.64 -37.34 17.30
CA MET C 447 -39.98 -36.32 16.31
C MET C 447 -38.99 -36.37 15.15
N ASN C 448 -39.51 -36.49 13.94
CA ASN C 448 -38.65 -36.51 12.76
C ASN C 448 -38.10 -35.12 12.48
N GLY C 449 -36.92 -35.10 11.87
CA GLY C 449 -36.32 -33.84 11.47
C GLY C 449 -35.20 -33.36 12.38
N GLU C 450 -34.47 -34.30 12.97
CA GLU C 450 -33.31 -33.97 13.80
C GLU C 450 -32.11 -33.51 12.99
N VAL C 451 -32.16 -33.65 11.66
CA VAL C 451 -31.05 -33.25 10.80
C VAL C 451 -30.83 -31.75 10.84
N VAL C 452 -31.91 -30.97 10.90
CA VAL C 452 -31.83 -29.51 10.96
C VAL C 452 -31.17 -29.02 12.26
N PRO C 453 -31.60 -29.40 13.48
CA PRO C 453 -30.86 -28.92 14.66
C PRO C 453 -29.51 -29.58 14.82
N LEU C 454 -29.32 -30.81 14.31
CA LEU C 454 -28.00 -31.43 14.40
C LEU C 454 -26.99 -30.74 13.49
N SER C 455 -27.41 -30.32 12.30
CA SER C 455 -26.52 -29.59 11.40
C SER C 455 -26.23 -28.19 11.94
N PHE C 456 -27.26 -27.52 12.49
CA PHE C 456 -27.08 -26.22 13.13
C PHE C 456 -26.09 -26.32 14.29
N ALA C 457 -26.27 -27.33 15.14
CA ALA C 457 -25.41 -27.51 16.31
C ALA C 457 -24.00 -27.90 15.91
N LEU C 458 -23.84 -28.72 14.87
CA LEU C 458 -22.52 -29.11 14.41
C LEU C 458 -21.73 -27.91 13.88
N VAL C 459 -22.38 -27.11 13.03
CA VAL C 459 -21.70 -25.94 12.45
C VAL C 459 -21.36 -24.92 13.52
N LEU C 460 -22.31 -24.61 14.41
CA LEU C 460 -22.06 -23.61 15.44
C LEU C 460 -21.06 -24.10 16.49
N GLY C 461 -21.16 -25.36 16.89
CA GLY C 461 -20.23 -25.90 17.88
C GLY C 461 -18.81 -26.01 17.35
N TRP C 462 -18.66 -26.35 16.07
CA TRP C 462 -17.30 -26.38 15.54
C TRP C 462 -16.77 -24.98 15.25
N CYS C 463 -17.62 -24.03 14.84
CA CYS C 463 -17.15 -22.66 14.67
C CYS C 463 -16.87 -21.96 15.99
N SER C 464 -17.38 -22.49 17.10
CA SER C 464 -17.03 -21.95 18.42
C SER C 464 -15.69 -22.46 18.94
N VAL C 465 -15.02 -23.36 18.23
CA VAL C 465 -13.65 -23.74 18.58
C VAL C 465 -12.70 -22.58 18.32
N MET C 466 -13.03 -21.73 17.36
CA MET C 466 -12.22 -20.54 17.06
C MET C 466 -12.24 -19.49 18.16
N TYR C 467 -13.13 -19.63 19.16
CA TYR C 467 -13.05 -18.79 20.36
C TYR C 467 -11.75 -19.06 21.12
N PHE C 468 -11.26 -20.29 21.09
CA PHE C 468 -10.03 -20.65 21.79
C PHE C 468 -8.77 -20.30 20.99
N ALA C 469 -8.90 -19.61 19.86
CA ALA C 469 -7.76 -19.14 19.10
C ALA C 469 -7.25 -17.79 19.59
N ARG C 470 -7.93 -17.17 20.57
CA ARG C 470 -7.46 -15.89 21.09
C ARG C 470 -6.29 -16.06 22.05
N GLY C 471 -6.04 -17.29 22.51
CA GLY C 471 -4.96 -17.54 23.44
C GLY C 471 -3.59 -17.63 22.81
N PHE C 472 -3.49 -17.53 21.49
CA PHE C 472 -2.23 -17.62 20.77
C PHE C 472 -2.05 -16.38 19.91
N GLN C 473 -0.84 -15.81 19.92
CA GLN C 473 -0.56 -14.62 19.15
C GLN C 473 -0.58 -14.87 17.66
N MET C 474 -0.27 -16.09 17.23
CA MET C 474 -0.31 -16.46 15.82
C MET C 474 -1.73 -16.71 15.31
N LEU C 475 -2.72 -16.82 16.21
CA LEU C 475 -4.10 -17.05 15.81
C LEU C 475 -5.08 -16.06 16.45
N GLY C 476 -4.59 -15.10 17.22
CA GLY C 476 -5.43 -14.16 17.93
C GLY C 476 -6.20 -13.19 17.06
N PRO C 477 -5.51 -12.28 16.37
CA PRO C 477 -6.21 -11.28 15.55
C PRO C 477 -6.92 -11.83 14.32
N PHE C 478 -6.73 -13.10 13.96
CA PHE C 478 -7.44 -13.66 12.81
C PHE C 478 -8.94 -13.75 13.07
N THR C 479 -9.32 -14.10 14.29
CA THR C 479 -10.75 -14.14 14.64
C THR C 479 -11.36 -12.74 14.63
N ILE C 480 -10.58 -11.73 15.04
CA ILE C 480 -11.04 -10.35 14.95
C ILE C 480 -11.14 -9.91 13.50
N MET C 481 -10.24 -10.40 12.63
CA MET C 481 -10.33 -10.12 11.20
C MET C 481 -11.61 -10.68 10.60
N ILE C 482 -11.95 -11.93 10.95
CA ILE C 482 -13.17 -12.54 10.44
C ILE C 482 -14.40 -11.85 11.03
N GLN C 483 -14.32 -11.43 12.30
CA GLN C 483 -15.44 -10.73 12.93
C GLN C 483 -15.69 -9.36 12.28
N LYS C 484 -14.63 -8.62 12.00
CA LYS C 484 -14.79 -7.32 11.35
C LYS C 484 -15.07 -7.47 9.85
N MET C 485 -14.84 -8.65 9.27
CA MET C 485 -15.27 -8.85 7.89
C MET C 485 -16.70 -9.38 7.81
N ILE C 486 -17.24 -9.89 8.90
CA ILE C 486 -18.62 -10.39 8.90
C ILE C 486 -19.60 -9.33 9.39
N PHE C 487 -19.35 -8.74 10.56
CA PHE C 487 -20.20 -7.68 11.07
C PHE C 487 -19.83 -6.32 10.51
N GLY C 488 -18.82 -6.26 9.64
CA GLY C 488 -18.42 -5.04 8.98
C GLY C 488 -18.82 -5.03 7.51
N ASP C 489 -17.88 -5.41 6.64
CA ASP C 489 -18.06 -5.28 5.20
C ASP C 489 -19.17 -6.18 4.65
N LEU C 490 -19.39 -7.35 5.28
CA LEU C 490 -20.44 -8.25 4.80
C LEU C 490 -21.82 -7.66 5.02
N MET C 491 -22.07 -7.06 6.19
CA MET C 491 -23.36 -6.42 6.43
C MET C 491 -23.49 -5.09 5.70
N ARG C 492 -22.39 -4.50 5.24
CA ARG C 492 -22.41 -3.28 4.44
C ARG C 492 -22.42 -3.55 2.96
N PHE C 493 -22.30 -4.81 2.53
CA PHE C 493 -22.33 -5.15 1.12
C PHE C 493 -23.38 -6.18 0.76
N CYS C 494 -23.99 -6.85 1.74
CA CYS C 494 -24.99 -7.87 1.47
C CYS C 494 -26.29 -7.29 0.92
N TRP C 495 -26.57 -6.01 1.16
CA TRP C 495 -27.76 -5.39 0.59
C TRP C 495 -27.61 -5.21 -0.92
N LEU C 496 -26.45 -4.72 -1.36
CA LEU C 496 -26.16 -4.63 -2.79
C LEU C 496 -26.09 -6.00 -3.44
N MET C 497 -25.46 -6.97 -2.74
CA MET C 497 -25.39 -8.34 -3.26
C MET C 497 -26.76 -8.97 -3.39
N ALA C 498 -27.62 -8.80 -2.39
CA ALA C 498 -28.97 -9.35 -2.45
C ALA C 498 -29.83 -8.66 -3.49
N VAL C 499 -29.62 -7.36 -3.70
CA VAL C 499 -30.33 -6.63 -4.75
C VAL C 499 -29.97 -7.18 -6.13
N VAL C 500 -28.67 -7.41 -6.39
CA VAL C 500 -28.25 -7.95 -7.68
C VAL C 500 -28.71 -9.39 -7.84
N ILE C 501 -28.68 -10.16 -6.75
CA ILE C 501 -29.12 -11.56 -6.77
C ILE C 501 -30.60 -11.65 -7.08
N LEU C 502 -31.42 -10.78 -6.45
CA LEU C 502 -32.85 -10.78 -6.69
C LEU C 502 -33.19 -10.38 -8.13
N GLY C 503 -32.51 -9.34 -8.64
CA GLY C 503 -32.79 -8.91 -10.01
C GLY C 503 -32.41 -9.94 -11.06
N PHE C 504 -31.20 -10.49 -10.95
CA PHE C 504 -30.78 -11.46 -11.95
C PHE C 504 -31.44 -12.82 -11.76
N ALA C 505 -31.86 -13.16 -10.54
CA ALA C 505 -32.63 -14.38 -10.35
C ALA C 505 -34.03 -14.26 -10.94
N SER C 506 -34.65 -13.09 -10.81
CA SER C 506 -35.94 -12.87 -11.45
C SER C 506 -35.82 -12.91 -12.97
N ALA C 507 -34.75 -12.31 -13.51
CA ALA C 507 -34.53 -12.35 -14.96
C ALA C 507 -34.26 -13.77 -15.45
N PHE C 508 -33.45 -14.53 -14.72
CA PHE C 508 -33.12 -15.89 -15.14
C PHE C 508 -34.31 -16.83 -14.95
N HIS C 509 -35.19 -16.53 -14.00
CA HIS C 509 -36.40 -17.34 -13.85
C HIS C 509 -37.39 -17.06 -14.97
N ILE C 510 -37.59 -15.79 -15.33
CA ILE C 510 -38.57 -15.51 -16.38
C ILE C 510 -38.04 -15.81 -17.78
N THR C 511 -36.71 -15.91 -17.96
CA THR C 511 -36.23 -16.36 -19.27
C THR C 511 -36.40 -17.85 -19.44
N PHE C 512 -36.30 -18.62 -18.35
CA PHE C 512 -36.44 -20.07 -18.40
C PHE C 512 -37.79 -20.56 -17.89
N GLN C 513 -38.77 -19.67 -17.79
CA GLN C 513 -40.13 -20.10 -17.45
C GLN C 513 -40.79 -20.83 -18.63
N THR C 514 -40.40 -20.51 -19.85
CA THR C 514 -40.97 -21.09 -21.05
C THR C 514 -40.10 -22.21 -21.62
N GLU C 515 -39.19 -22.74 -20.83
CA GLU C 515 -38.24 -23.76 -21.31
C GLU C 515 -38.42 -25.04 -20.52
N ASP C 516 -37.88 -26.12 -21.08
CA ASP C 516 -37.96 -27.43 -20.44
C ASP C 516 -37.03 -27.48 -19.24
N PRO C 517 -37.53 -27.81 -18.04
CA PRO C 517 -36.64 -27.90 -16.87
C PRO C 517 -35.68 -29.09 -16.89
N ASN C 518 -35.88 -30.07 -17.78
CA ASN C 518 -34.98 -31.21 -17.81
C ASN C 518 -33.63 -30.84 -18.42
N ASN C 519 -33.64 -30.00 -19.47
CA ASN C 519 -32.40 -29.68 -20.16
C ASN C 519 -31.56 -28.67 -19.39
N LEU C 520 -32.19 -27.73 -18.69
CA LEU C 520 -31.46 -26.75 -17.88
C LEU C 520 -32.35 -26.41 -16.69
N GLY C 521 -32.13 -27.10 -15.57
CA GLY C 521 -32.97 -26.94 -14.39
C GLY C 521 -32.36 -26.05 -13.32
N GLU C 522 -31.38 -25.25 -13.68
CA GLU C 522 -30.79 -24.33 -12.71
C GLU C 522 -31.74 -23.19 -12.38
N PHE C 523 -32.58 -22.78 -13.32
CA PHE C 523 -33.61 -21.77 -13.08
C PHE C 523 -34.95 -22.37 -13.49
N SER C 524 -35.55 -23.13 -12.58
CA SER C 524 -36.88 -23.70 -12.78
C SER C 524 -37.89 -23.20 -11.76
N ASP C 525 -37.50 -23.13 -10.49
CA ASP C 525 -38.30 -22.51 -9.45
C ASP C 525 -37.57 -21.28 -8.94
N TYR C 526 -38.33 -20.29 -8.47
CA TYR C 526 -37.74 -19.05 -7.99
C TYR C 526 -36.82 -19.21 -6.77
N PRO C 527 -37.10 -20.04 -5.74
CA PRO C 527 -36.04 -20.32 -4.75
C PRO C 527 -34.81 -20.99 -5.33
N THR C 528 -34.99 -21.93 -6.28
CA THR C 528 -33.85 -22.56 -6.91
C THR C 528 -33.11 -21.59 -7.82
N ALA C 529 -33.83 -20.66 -8.45
CA ALA C 529 -33.19 -19.61 -9.25
C ALA C 529 -32.37 -18.67 -8.36
N LEU C 530 -32.92 -18.33 -7.19
CA LEU C 530 -32.19 -17.49 -6.23
C LEU C 530 -30.93 -18.19 -5.74
N PHE C 531 -31.02 -19.49 -5.43
CA PHE C 531 -29.85 -20.21 -4.96
C PHE C 531 -28.81 -20.40 -6.07
N SER C 532 -29.27 -20.65 -7.30
CA SER C 532 -28.34 -20.81 -8.41
C SER C 532 -27.64 -19.50 -8.75
N THR C 533 -28.35 -18.37 -8.69
CA THR C 533 -27.70 -17.08 -8.92
C THR C 533 -26.77 -16.71 -7.78
N PHE C 534 -27.11 -17.07 -6.54
CA PHE C 534 -26.20 -16.83 -5.42
C PHE C 534 -24.94 -17.67 -5.55
N GLU C 535 -25.07 -18.90 -6.06
CA GLU C 535 -23.88 -19.70 -6.37
C GLU C 535 -23.07 -19.09 -7.51
N LEU C 536 -23.75 -18.57 -8.54
CA LEU C 536 -23.04 -17.99 -9.68
C LEU C 536 -22.40 -16.65 -9.34
N PHE C 537 -22.86 -16.00 -8.26
CA PHE C 537 -22.23 -14.75 -7.82
C PHE C 537 -20.82 -15.01 -7.31
N LEU C 538 -20.64 -16.08 -6.55
CA LEU C 538 -19.35 -16.38 -5.92
C LEU C 538 -18.49 -17.32 -6.76
N THR C 539 -18.94 -17.65 -7.98
CA THR C 539 -18.23 -18.52 -8.94
C THR C 539 -17.91 -19.88 -8.36
N ILE C 540 -18.85 -20.44 -7.59
CA ILE C 540 -18.67 -21.77 -7.01
C ILE C 540 -19.30 -22.86 -7.86
N ILE C 541 -20.21 -22.51 -8.78
CA ILE C 541 -20.72 -23.45 -9.77
C ILE C 541 -20.44 -22.88 -11.15
N ASP C 542 -20.50 -23.76 -12.15
CA ASP C 542 -20.35 -23.31 -13.53
C ASP C 542 -21.60 -22.60 -14.00
N GLY C 543 -21.43 -21.80 -15.05
CA GLY C 543 -22.55 -21.22 -15.76
C GLY C 543 -23.37 -22.31 -16.43
N PRO C 544 -24.70 -22.20 -16.35
CA PRO C 544 -25.56 -23.23 -16.95
C PRO C 544 -25.49 -23.19 -18.47
N ALA C 545 -25.02 -24.30 -19.05
CA ALA C 545 -24.86 -24.35 -20.50
C ALA C 545 -25.16 -25.77 -20.97
N ASN C 546 -26.06 -25.89 -21.95
CA ASN C 546 -26.39 -27.16 -22.58
C ASN C 546 -26.25 -26.93 -24.08
N TYR C 547 -25.14 -27.39 -24.65
CA TYR C 547 -24.79 -27.09 -26.02
C TYR C 547 -25.45 -28.02 -27.03
N SER C 548 -26.23 -28.99 -26.56
CA SER C 548 -27.00 -29.85 -27.44
C SER C 548 -28.41 -29.32 -27.72
N VAL C 549 -28.82 -28.24 -27.05
CA VAL C 549 -30.13 -27.63 -27.25
C VAL C 549 -29.94 -26.12 -27.41
N ASP C 550 -30.98 -25.48 -27.94
CA ASP C 550 -30.95 -24.04 -28.20
C ASP C 550 -31.48 -23.30 -26.97
N LEU C 551 -30.57 -22.72 -26.21
CA LEU C 551 -30.96 -21.84 -25.12
C LEU C 551 -31.45 -20.51 -25.68
N PRO C 552 -32.35 -19.81 -24.97
CA PRO C 552 -32.76 -18.47 -25.42
C PRO C 552 -31.62 -17.47 -25.35
N PHE C 553 -31.64 -16.52 -26.27
CA PHE C 553 -30.56 -15.54 -26.38
C PHE C 553 -30.57 -14.54 -25.23
N MET C 554 -31.75 -14.30 -24.65
CA MET C 554 -31.84 -13.38 -23.52
C MET C 554 -31.11 -13.91 -22.30
N TYR C 555 -31.05 -15.23 -22.13
CA TYR C 555 -30.18 -15.81 -21.12
C TYR C 555 -28.72 -15.48 -21.40
N CYS C 556 -28.31 -15.52 -22.68
CA CYS C 556 -26.92 -15.25 -23.03
C CYS C 556 -26.55 -13.80 -22.73
N ILE C 557 -27.41 -12.85 -23.10
CA ILE C 557 -27.10 -11.45 -22.83
C ILE C 557 -27.18 -11.14 -21.35
N THR C 558 -28.18 -11.69 -20.65
CA THR C 558 -28.32 -11.46 -19.21
C THR C 558 -27.19 -12.11 -18.42
N TYR C 559 -26.70 -13.27 -18.85
CA TYR C 559 -25.59 -13.90 -18.16
C TYR C 559 -24.27 -13.23 -18.49
N ALA C 560 -24.13 -12.63 -19.68
CA ALA C 560 -22.97 -11.79 -19.95
C ALA C 560 -22.97 -10.56 -19.03
N ALA C 561 -24.15 -9.96 -18.83
CA ALA C 561 -24.28 -8.84 -17.90
C ALA C 561 -24.00 -9.26 -16.46
N PHE C 562 -24.46 -10.45 -16.07
CA PHE C 562 -24.19 -10.96 -14.72
C PHE C 562 -22.72 -11.30 -14.54
N ALA C 563 -22.05 -11.77 -15.60
CA ALA C 563 -20.63 -12.06 -15.51
C ALA C 563 -19.79 -10.80 -15.44
N ILE C 564 -20.23 -9.73 -16.12
CA ILE C 564 -19.51 -8.47 -16.05
C ILE C 564 -19.74 -7.79 -14.70
N ILE C 565 -21.01 -7.50 -14.38
CA ILE C 565 -21.33 -6.63 -13.27
C ILE C 565 -21.15 -7.34 -11.94
N ALA C 566 -21.68 -8.56 -11.82
CA ALA C 566 -21.73 -9.23 -10.52
C ALA C 566 -20.52 -10.10 -10.25
N THR C 567 -20.12 -10.92 -11.23
CA THR C 567 -18.99 -11.82 -11.03
C THR C 567 -17.66 -11.06 -10.99
N LEU C 568 -17.45 -10.16 -11.94
CA LEU C 568 -16.16 -9.52 -12.10
C LEU C 568 -16.02 -8.24 -11.27
N LEU C 569 -17.00 -7.34 -11.34
CA LEU C 569 -16.86 -6.01 -10.76
C LEU C 569 -17.21 -5.98 -9.27
N MET C 570 -18.43 -6.41 -8.92
CA MET C 570 -18.90 -6.24 -7.55
C MET C 570 -18.29 -7.25 -6.57
N LEU C 571 -17.91 -8.43 -7.05
CA LEU C 571 -17.30 -9.42 -6.15
C LEU C 571 -15.89 -8.99 -5.75
N ASN C 572 -15.08 -8.57 -6.72
CA ASN C 572 -13.72 -8.16 -6.45
C ASN C 572 -13.64 -6.80 -5.77
N LEU C 573 -14.73 -6.05 -5.74
CA LEU C 573 -14.85 -4.92 -4.82
C LEU C 573 -14.93 -5.40 -3.37
N PHE C 574 -15.68 -6.48 -3.12
CA PHE C 574 -15.78 -7.04 -1.79
C PHE C 574 -14.47 -7.70 -1.37
N ILE C 575 -13.73 -8.28 -2.33
CA ILE C 575 -12.40 -8.81 -2.04
C ILE C 575 -11.46 -7.70 -1.60
N ALA C 576 -11.52 -6.55 -2.26
CA ALA C 576 -10.67 -5.41 -1.91
C ALA C 576 -11.08 -4.81 -0.57
N MET C 577 -12.38 -4.78 -0.28
CA MET C 577 -12.86 -4.31 1.02
C MET C 577 -12.38 -5.22 2.15
N MET C 578 -12.42 -6.54 1.92
CA MET C 578 -11.89 -7.47 2.91
C MET C 578 -10.38 -7.35 3.06
N GLY C 579 -9.66 -7.06 1.97
CA GLY C 579 -8.23 -6.81 2.07
C GLY C 579 -7.91 -5.56 2.87
N ASP C 580 -8.71 -4.49 2.69
CA ASP C 580 -8.52 -3.29 3.48
C ASP C 580 -8.84 -3.52 4.95
N THR C 581 -9.87 -4.32 5.25
CA THR C 581 -10.19 -4.66 6.63
C THR C 581 -9.08 -5.49 7.26
N HIS C 582 -8.52 -6.45 6.50
CA HIS C 582 -7.40 -7.25 6.98
C HIS C 582 -6.17 -6.40 7.24
N TRP C 583 -5.90 -5.42 6.37
CA TRP C 583 -4.79 -4.50 6.60
C TRP C 583 -5.02 -3.62 7.82
N ARG C 584 -6.26 -3.17 8.03
CA ARG C 584 -6.60 -2.34 9.19
C ARG C 584 -6.39 -3.10 10.49
N VAL C 585 -6.82 -4.36 10.54
CA VAL C 585 -6.58 -5.14 11.76
C VAL C 585 -5.10 -5.49 11.90
N ALA C 586 -4.40 -5.79 10.80
CA ALA C 586 -3.00 -6.17 10.88
C ALA C 586 -2.08 -5.00 11.24
N GLN C 587 -2.55 -3.77 11.10
CA GLN C 587 -1.77 -2.64 11.61
C GLN C 587 -1.71 -2.64 13.13
N GLU C 588 -2.80 -3.05 13.79
CA GLU C 588 -2.90 -3.02 15.24
C GLU C 588 -3.17 -4.42 15.80
N ARG C 589 -2.42 -5.41 15.33
CA ARG C 589 -2.67 -6.79 15.73
C ARG C 589 -2.22 -7.05 17.17
N ASP C 590 -1.13 -6.43 17.60
CA ASP C 590 -0.58 -6.71 18.93
C ASP C 590 -1.44 -6.11 20.03
N GLU C 591 -1.98 -4.91 19.81
CA GLU C 591 -2.88 -4.28 20.78
C GLU C 591 -4.17 -5.08 20.94
N LEU C 592 -4.74 -5.55 19.83
CA LEU C 592 -5.97 -6.33 19.88
C LEU C 592 -5.75 -7.69 20.52
N TRP C 593 -4.60 -8.33 20.24
CA TRP C 593 -4.31 -9.60 20.87
C TRP C 593 -4.03 -9.43 22.37
N ARG C 594 -3.40 -8.32 22.75
CA ARG C 594 -3.19 -8.04 24.17
C ARG C 594 -4.51 -7.79 24.89
N ALA C 595 -5.45 -7.09 24.24
CA ALA C 595 -6.77 -6.88 24.82
C ALA C 595 -7.54 -8.19 24.98
N GLN C 596 -7.42 -9.08 23.98
CA GLN C 596 -8.01 -10.41 24.10
C GLN C 596 -7.39 -11.22 25.23
N VAL C 597 -6.08 -11.09 25.42
CA VAL C 597 -5.37 -11.78 26.50
C VAL C 597 -5.86 -11.28 27.86
N VAL C 598 -6.00 -9.96 28.02
CA VAL C 598 -6.48 -9.42 29.31
C VAL C 598 -7.93 -9.81 29.56
N ALA C 599 -8.77 -9.80 28.52
CA ALA C 599 -10.16 -10.22 28.68
C ALA C 599 -10.28 -11.69 29.06
N THR C 600 -9.49 -12.55 28.42
CA THR C 600 -9.48 -13.97 28.74
C THR C 600 -8.94 -14.22 30.14
N THR C 601 -7.90 -13.48 30.54
CA THR C 601 -7.34 -13.64 31.88
C THR C 601 -8.32 -13.19 32.96
N VAL C 602 -9.05 -12.10 32.71
CA VAL C 602 -10.07 -11.64 33.65
C VAL C 602 -11.22 -12.65 33.75
N MET C 603 -11.65 -13.20 32.61
CA MET C 603 -12.71 -14.21 32.61
C MET C 603 -12.28 -15.48 33.35
N LEU C 604 -11.05 -15.93 33.13
CA LEU C 604 -10.58 -17.14 33.80
C LEU C 604 -10.29 -16.90 35.28
N GLU C 605 -9.94 -15.66 35.66
CA GLU C 605 -9.78 -15.38 37.08
C GLU C 605 -11.12 -15.28 37.79
N ARG C 606 -12.15 -14.77 37.09
CA ARG C 606 -13.46 -14.65 37.70
C ARG C 606 -14.18 -15.99 37.80
N LYS C 607 -14.12 -16.82 36.76
CA LYS C 607 -14.96 -18.01 36.73
C LYS C 607 -14.34 -19.22 37.43
N MET C 608 -13.03 -19.45 37.26
CA MET C 608 -12.37 -20.57 37.87
C MET C 608 -12.25 -20.37 39.39
N PRO C 609 -12.16 -21.44 40.17
CA PRO C 609 -12.06 -21.30 41.63
C PRO C 609 -10.74 -20.66 42.07
N ARG C 610 -10.74 -20.21 43.33
CA ARG C 610 -9.65 -19.40 43.84
C ARG C 610 -8.39 -20.21 44.09
N PHE C 611 -8.52 -21.51 44.36
CA PHE C 611 -7.34 -22.32 44.66
C PHE C 611 -6.50 -22.60 43.42
N LEU C 612 -7.07 -22.46 42.21
CA LEU C 612 -6.29 -22.54 41.00
C LEU C 612 -5.67 -21.21 40.61
N TRP C 613 -6.13 -20.11 41.20
CA TRP C 613 -5.66 -18.76 40.88
C TRP C 613 -5.22 -18.06 42.16
N PRO C 614 -3.97 -18.22 42.58
CA PRO C 614 -3.45 -17.43 43.70
C PRO C 614 -3.34 -15.95 43.34
N ARG C 615 -3.33 -15.13 44.39
CA ARG C 615 -3.27 -13.69 44.19
C ARG C 615 -1.91 -13.28 43.63
N SER C 616 -1.92 -12.61 42.49
CA SER C 616 -0.70 -12.29 41.77
C SER C 616 0.02 -11.11 42.42
N GLY C 617 1.34 -11.20 42.49
CA GLY C 617 2.17 -10.17 43.08
C GLY C 617 2.89 -10.68 44.32
N ILE C 618 3.82 -9.84 44.79
CA ILE C 618 4.55 -10.14 46.01
C ILE C 618 3.64 -9.96 47.21
N CYS C 619 3.91 -10.74 48.27
CA CYS C 619 3.00 -10.80 49.41
C CYS C 619 2.98 -9.49 50.19
N GLY C 620 4.13 -8.88 50.39
CA GLY C 620 4.18 -7.61 51.11
C GLY C 620 4.15 -7.66 52.63
N TYR C 621 3.22 -8.44 53.20
CA TYR C 621 3.13 -8.56 54.65
C TYR C 621 4.29 -9.36 55.22
N GLU C 622 4.85 -10.29 54.44
CA GLU C 622 5.95 -11.10 54.93
C GLU C 622 7.26 -10.32 55.00
N TYR C 623 7.39 -9.27 54.18
CA TYR C 623 8.63 -8.54 54.06
C TYR C 623 8.64 -7.23 54.86
N GLY C 624 7.79 -7.12 55.87
CA GLY C 624 7.78 -5.97 56.75
C GLY C 624 6.95 -4.81 56.27
N LEU C 625 6.37 -4.87 55.07
CA LEU C 625 5.52 -3.82 54.57
C LEU C 625 4.09 -4.03 55.06
N GLY C 626 3.15 -3.27 54.50
CA GLY C 626 1.76 -3.35 54.91
C GLY C 626 1.03 -4.51 54.27
N ASP C 627 -0.30 -4.39 54.25
CA ASP C 627 -1.15 -5.44 53.69
C ASP C 627 -1.28 -5.36 52.17
N ARG C 628 -0.67 -4.36 51.54
CA ARG C 628 -0.74 -4.22 50.09
C ARG C 628 0.11 -5.29 49.41
N TRP C 629 -0.27 -5.63 48.18
CA TRP C 629 0.45 -6.58 47.36
C TRP C 629 1.14 -5.84 46.23
N PHE C 630 2.45 -6.03 46.10
CA PHE C 630 3.28 -5.24 45.20
C PHE C 630 3.71 -6.08 44.00
N LEU C 631 4.25 -5.38 43.00
CA LEU C 631 4.82 -6.00 41.81
C LEU C 631 6.13 -5.33 41.48
N ARG C 632 7.20 -6.11 41.36
CA ARG C 632 8.52 -5.58 41.11
C ARG C 632 8.79 -5.56 39.60
N VAL C 633 9.19 -4.41 39.08
CA VAL C 633 9.51 -4.23 37.67
C VAL C 633 10.94 -3.71 37.59
N GLU C 634 11.80 -4.46 36.88
CA GLU C 634 13.18 -4.04 36.66
C GLU C 634 13.30 -3.55 35.23
N ASN C 635 13.67 -2.27 35.07
CA ASN C 635 13.70 -1.63 33.76
C ASN C 635 15.11 -1.14 33.46
N HIS C 636 15.43 -1.13 32.15
CA HIS C 636 16.75 -0.74 31.67
C HIS C 636 16.65 0.66 31.07
N HIS C 637 16.80 1.67 31.95
CA HIS C 637 16.82 3.05 31.49
C HIS C 637 18.23 3.43 31.06
N ASP C 638 18.32 4.52 30.29
CA ASP C 638 19.57 5.10 29.77
C ASP C 638 20.42 4.11 28.97
N TRP D 29 -6.85 29.18 -30.81
CA TRP D 29 -6.03 28.61 -31.87
C TRP D 29 -4.59 29.09 -31.73
N GLU D 30 -3.69 28.14 -31.44
CA GLU D 30 -2.30 28.47 -31.17
C GLU D 30 -1.54 28.89 -32.41
N GLN D 31 -1.87 28.32 -33.58
CA GLN D 31 -1.14 28.64 -34.80
C GLN D 31 -1.45 30.03 -35.32
N TYR D 32 -2.58 30.61 -34.91
CA TYR D 32 -2.87 32.00 -35.23
C TYR D 32 -2.21 32.96 -34.25
N ARG D 33 -2.16 32.57 -32.96
CA ARG D 33 -1.55 33.43 -31.95
C ARG D 33 -0.04 33.50 -32.12
N ASP D 34 0.59 32.39 -32.50
CA ASP D 34 2.03 32.40 -32.79
C ASP D 34 2.33 33.28 -34.00
N ARG D 35 1.49 33.21 -35.04
CA ARG D 35 1.66 34.07 -36.20
C ARG D 35 1.48 35.55 -35.85
N VAL D 36 0.50 35.85 -34.99
CA VAL D 36 0.27 37.21 -34.53
C VAL D 36 1.46 37.74 -33.74
N ASN D 37 2.00 36.92 -32.83
CA ASN D 37 3.17 37.35 -32.04
C ASN D 37 4.40 37.52 -32.90
N MET D 38 4.63 36.62 -33.87
CA MET D 38 5.79 36.76 -34.74
C MET D 38 5.68 37.96 -35.67
N LEU D 39 4.46 38.23 -36.17
CA LEU D 39 4.26 39.44 -36.98
C LEU D 39 4.41 40.70 -36.15
N GLN D 40 3.97 40.66 -34.88
CA GLN D 40 4.16 41.80 -33.99
C GLN D 40 5.63 42.07 -33.72
N GLN D 41 6.42 41.02 -33.48
CA GLN D 41 7.86 41.21 -33.29
C GLN D 41 8.55 41.66 -34.56
N GLU D 42 8.10 41.18 -35.73
CA GLU D 42 8.66 41.64 -37.00
C GLU D 42 8.36 43.11 -37.25
N ARG D 43 7.13 43.54 -36.94
CA ARG D 43 6.78 44.95 -37.12
C ARG D 43 7.47 45.84 -36.09
N ILE D 44 7.77 45.30 -34.90
CA ILE D 44 8.54 46.06 -33.93
C ILE D 44 9.98 46.23 -34.41
N ARG D 45 10.60 45.14 -34.88
CA ARG D 45 12.00 45.21 -35.31
C ARG D 45 12.17 45.88 -36.66
N ASP D 46 11.11 46.07 -37.44
CA ASP D 46 11.24 46.74 -38.73
C ASP D 46 11.25 48.26 -38.56
N SER D 47 10.31 48.80 -37.80
CA SER D 47 10.25 50.24 -37.59
C SER D 47 11.34 50.67 -36.62
N PRO D 48 12.00 51.82 -36.87
CA PRO D 48 13.06 52.26 -35.97
C PRO D 48 12.54 52.83 -34.66
N LEU D 49 11.32 53.40 -34.70
CA LEU D 49 10.72 53.97 -33.50
C LEU D 49 10.31 52.88 -32.51
N LEU D 50 9.71 51.79 -33.02
CA LEU D 50 9.32 50.68 -32.15
C LEU D 50 10.54 49.94 -31.61
N GLN D 51 11.59 49.83 -32.42
CA GLN D 51 12.83 49.22 -31.94
C GLN D 51 13.52 50.08 -30.91
N ALA D 52 13.49 51.41 -31.07
CA ALA D 52 14.05 52.30 -30.06
C ALA D 52 13.24 52.29 -28.77
N ALA D 53 11.92 52.15 -28.88
CA ALA D 53 11.09 52.06 -27.67
C ALA D 53 11.25 50.70 -26.99
N LYS D 54 11.55 49.65 -27.75
CA LYS D 54 11.68 48.32 -27.17
C LYS D 54 12.97 48.19 -26.35
N GLU D 55 14.09 48.67 -26.91
CA GLU D 55 15.40 48.50 -26.28
C GLU D 55 15.74 49.62 -25.31
N ASN D 56 14.80 50.56 -25.07
CA ASN D 56 15.01 51.77 -24.27
C ASN D 56 16.19 52.59 -24.79
N ASP D 57 16.29 52.69 -26.11
CA ASP D 57 17.35 53.44 -26.77
C ASP D 57 16.93 54.90 -26.77
N LEU D 58 17.55 55.70 -25.90
CA LEU D 58 17.15 57.09 -25.74
C LEU D 58 17.63 57.95 -26.90
N ARG D 59 18.80 57.65 -27.45
CA ARG D 59 19.40 58.50 -28.49
C ARG D 59 18.62 58.43 -29.79
N LEU D 60 18.30 57.21 -30.25
CA LEU D 60 17.53 57.06 -31.49
C LEU D 60 16.10 57.57 -31.32
N LEU D 61 15.52 57.39 -30.13
CA LEU D 61 14.20 57.91 -29.85
C LEU D 61 14.17 59.44 -29.88
N LYS D 62 15.20 60.08 -29.29
CA LYS D 62 15.27 61.54 -29.32
C LYS D 62 15.52 62.07 -30.72
N ILE D 63 16.33 61.36 -31.51
CA ILE D 63 16.58 61.75 -32.90
C ILE D 63 15.30 61.63 -33.73
N LEU D 64 14.54 60.55 -33.55
CA LEU D 64 13.31 60.37 -34.31
C LEU D 64 12.19 61.30 -33.85
N LEU D 65 12.18 61.68 -32.57
CA LEU D 65 11.15 62.57 -32.07
C LEU D 65 11.51 64.04 -32.17
N LEU D 66 12.76 64.38 -32.51
CA LEU D 66 13.09 65.77 -32.78
C LEU D 66 12.44 66.26 -34.06
N ASN D 67 12.57 65.48 -35.14
CA ASN D 67 11.97 65.81 -36.43
C ASN D 67 11.67 64.53 -37.17
N GLN D 68 10.78 64.63 -38.16
CA GLN D 68 10.40 63.48 -38.98
C GLN D 68 11.51 63.14 -39.97
N ASP D 71 6.49 58.83 -38.28
CA ASP D 71 5.13 59.13 -37.85
C ASP D 71 4.93 58.80 -36.37
N PHE D 72 4.20 59.67 -35.67
CA PHE D 72 3.90 59.44 -34.27
C PHE D 72 2.76 58.45 -34.06
N GLN D 73 1.99 58.17 -35.11
CA GLN D 73 0.81 57.30 -35.02
C GLN D 73 0.97 56.01 -35.83
N GLN D 74 2.20 55.60 -36.10
CA GLN D 74 2.41 54.34 -36.80
C GLN D 74 2.09 53.17 -35.86
N ARG D 75 1.56 52.10 -36.44
CA ARG D 75 1.07 50.96 -35.65
C ARG D 75 1.71 49.67 -36.17
N GLY D 76 1.81 48.70 -35.27
CA GLY D 76 2.41 47.41 -35.58
C GLY D 76 1.42 46.46 -36.23
N ALA D 77 1.71 45.16 -36.10
CA ALA D 77 0.85 44.14 -36.69
C ALA D 77 -0.47 44.01 -35.93
N VAL D 78 -0.47 44.33 -34.64
CA VAL D 78 -1.68 44.25 -33.84
C VAL D 78 -2.31 45.63 -33.63
N GLY D 79 -1.86 46.63 -34.37
CA GLY D 79 -2.39 47.97 -34.22
C GLY D 79 -1.89 48.73 -33.01
N GLU D 80 -0.90 48.21 -32.30
CA GLU D 80 -0.39 48.87 -31.11
C GLU D 80 0.53 50.02 -31.50
N THR D 81 0.47 51.11 -30.74
CA THR D 81 1.29 52.28 -31.00
C THR D 81 2.67 52.11 -30.36
N ALA D 82 3.48 53.16 -30.45
CA ALA D 82 4.82 53.12 -29.86
C ALA D 82 4.77 53.16 -28.34
N LEU D 83 3.73 53.77 -27.78
CA LEU D 83 3.58 53.81 -26.32
C LEU D 83 3.25 52.43 -25.77
N HIS D 84 2.52 51.61 -26.53
CA HIS D 84 2.26 50.23 -26.12
C HIS D 84 3.54 49.41 -26.11
N VAL D 85 4.44 49.66 -27.07
CA VAL D 85 5.73 48.98 -27.10
C VAL D 85 6.60 49.45 -25.93
N ALA D 86 6.53 50.74 -25.61
CA ALA D 86 7.32 51.27 -24.49
C ALA D 86 6.80 50.76 -23.16
N ALA D 87 5.48 50.57 -23.04
CA ALA D 87 4.90 50.04 -21.81
C ALA D 87 5.02 48.53 -21.71
N LEU D 88 5.19 47.83 -22.83
CA LEU D 88 5.26 46.37 -22.79
C LEU D 88 6.59 45.89 -22.22
N TYR D 89 7.66 46.63 -22.49
CA TYR D 89 9.00 46.25 -22.05
C TYR D 89 9.45 47.00 -20.81
N ASP D 90 8.51 47.67 -20.11
CA ASP D 90 8.73 48.37 -18.84
C ASP D 90 9.79 49.47 -18.94
N ASN D 91 9.83 50.16 -20.08
CA ASN D 91 10.76 51.27 -20.28
C ASN D 91 10.04 52.55 -19.91
N LEU D 92 10.34 53.07 -18.70
CA LEU D 92 9.65 54.26 -18.21
C LEU D 92 10.15 55.52 -18.92
N GLU D 93 11.48 55.62 -19.14
CA GLU D 93 12.06 56.82 -19.73
C GLU D 93 11.66 56.98 -21.18
N ALA D 94 11.65 55.88 -21.93
CA ALA D 94 11.20 55.92 -23.32
C ALA D 94 9.71 56.22 -23.41
N ALA D 95 8.92 55.74 -22.45
CA ALA D 95 7.49 56.07 -22.43
C ALA D 95 7.25 57.54 -22.13
N THR D 96 8.04 58.12 -21.22
CA THR D 96 7.92 59.55 -20.95
C THR D 96 8.36 60.39 -22.14
N LEU D 97 9.41 59.94 -22.86
CA LEU D 97 9.83 60.63 -24.06
C LEU D 97 8.77 60.54 -25.17
N LEU D 98 8.13 59.38 -25.30
CA LEU D 98 7.05 59.23 -26.27
C LEU D 98 5.77 59.95 -25.87
N MET D 99 5.59 60.24 -24.57
CA MET D 99 4.44 61.01 -24.12
C MET D 99 4.71 62.51 -24.06
N GLU D 100 5.97 62.93 -24.18
CA GLU D 100 6.26 64.37 -24.25
C GLU D 100 5.72 64.99 -25.53
N ALA D 101 5.85 64.29 -26.65
CA ALA D 101 5.30 64.73 -27.93
C ALA D 101 4.14 63.84 -28.32
N ALA D 102 3.04 64.45 -28.79
CA ALA D 102 1.77 63.84 -29.15
C ALA D 102 1.21 62.97 -28.01
N PRO D 103 0.66 63.58 -26.94
CA PRO D 103 0.18 62.79 -25.80
C PRO D 103 -1.07 61.97 -26.08
N GLU D 104 -1.71 62.14 -27.25
CA GLU D 104 -2.92 61.38 -27.61
C GLU D 104 -2.67 59.89 -27.75
N LEU D 105 -1.41 59.46 -27.86
CA LEU D 105 -1.06 58.04 -27.80
C LEU D 105 -1.43 57.40 -26.46
N ALA D 106 -1.61 58.21 -25.40
CA ALA D 106 -2.14 57.66 -24.16
C ALA D 106 -3.58 57.20 -24.30
N LYS D 107 -4.32 57.75 -25.27
CA LYS D 107 -5.72 57.38 -25.50
C LYS D 107 -5.91 56.55 -26.76
N GLU D 108 -4.83 56.06 -27.37
CA GLU D 108 -4.95 55.28 -28.60
C GLU D 108 -5.02 53.80 -28.27
N PRO D 109 -6.10 53.11 -28.63
CA PRO D 109 -6.16 51.66 -28.42
C PRO D 109 -5.70 50.88 -29.64
N ALA D 110 -5.46 49.59 -29.42
CA ALA D 110 -5.10 48.71 -30.52
C ALA D 110 -6.32 48.38 -31.37
N LEU D 111 -6.09 48.12 -32.66
CA LEU D 111 -7.16 47.97 -33.64
C LEU D 111 -7.00 46.66 -34.40
N CYS D 112 -6.81 45.56 -33.68
CA CYS D 112 -6.73 44.24 -34.31
C CYS D 112 -7.47 43.24 -33.44
N GLU D 113 -7.77 42.08 -34.04
CA GLU D 113 -8.66 41.09 -33.41
C GLU D 113 -8.13 40.47 -32.11
N PRO D 114 -6.87 39.98 -31.99
CA PRO D 114 -6.49 39.36 -30.70
C PRO D 114 -6.31 40.35 -29.56
N PHE D 115 -6.17 41.65 -29.85
CA PHE D 115 -6.06 42.67 -28.81
C PHE D 115 -6.92 43.86 -29.24
N VAL D 116 -8.19 43.85 -28.82
CA VAL D 116 -9.13 44.94 -29.12
C VAL D 116 -9.18 45.86 -27.91
N GLY D 117 -8.87 47.14 -28.14
CA GLY D 117 -9.03 48.14 -27.10
C GLY D 117 -7.97 48.12 -26.02
N GLN D 118 -6.90 47.35 -26.18
CA GLN D 118 -5.84 47.32 -25.17
C GLN D 118 -5.02 48.61 -25.26
N THR D 119 -5.24 49.51 -24.31
CA THR D 119 -4.51 50.76 -24.27
C THR D 119 -3.17 50.55 -23.55
N ALA D 120 -2.41 51.64 -23.41
CA ALA D 120 -1.15 51.56 -22.68
C ALA D 120 -1.36 51.41 -21.18
N LEU D 121 -2.54 51.78 -20.69
CA LEU D 121 -2.83 51.71 -19.27
C LEU D 121 -2.93 50.26 -18.79
N HIS D 122 -3.51 49.38 -19.61
CA HIS D 122 -3.63 47.97 -19.24
C HIS D 122 -2.26 47.30 -19.15
N ILE D 123 -1.39 47.59 -20.12
CA ILE D 123 -0.05 47.01 -20.12
C ILE D 123 0.81 47.61 -19.01
N ALA D 124 0.58 48.89 -18.69
CA ALA D 124 1.30 49.51 -17.57
C ALA D 124 0.85 48.93 -16.23
N VAL D 125 -0.43 48.63 -16.10
CA VAL D 125 -0.94 48.02 -14.86
C VAL D 125 -0.44 46.58 -14.72
N MET D 126 -0.43 45.83 -15.83
CA MET D 126 -0.01 44.42 -15.79
C MET D 126 1.47 44.29 -15.44
N ASN D 127 2.30 45.23 -15.88
CA ASN D 127 3.71 45.22 -15.51
C ASN D 127 3.96 45.74 -14.10
N GLN D 128 2.92 46.24 -13.42
CA GLN D 128 2.97 46.74 -12.04
C GLN D 128 3.97 47.87 -11.88
N ASN D 129 4.00 48.77 -12.86
CA ASN D 129 4.86 49.95 -12.84
C ASN D 129 3.99 51.14 -12.43
N LEU D 130 4.12 51.56 -11.17
CA LEU D 130 3.24 52.59 -10.62
C LEU D 130 3.51 53.96 -11.23
N ASN D 131 4.78 54.25 -11.54
CA ASN D 131 5.15 55.54 -12.12
C ASN D 131 4.58 55.70 -13.53
N LEU D 132 4.58 54.62 -14.32
CA LEU D 132 4.01 54.68 -15.66
C LEU D 132 2.50 54.84 -15.63
N VAL D 133 1.83 54.18 -14.67
CA VAL D 133 0.39 54.34 -14.50
C VAL D 133 0.04 55.76 -14.08
N ARG D 134 0.83 56.33 -13.16
CA ARG D 134 0.61 57.71 -12.74
C ARG D 134 0.86 58.70 -13.88
N ALA D 135 1.89 58.45 -14.70
CA ALA D 135 2.16 59.31 -15.86
C ALA D 135 1.06 59.21 -16.91
N LEU D 136 0.53 58.00 -17.13
CA LEU D 136 -0.55 57.82 -18.09
C LEU D 136 -1.84 58.46 -17.61
N LEU D 137 -2.12 58.40 -16.31
CA LEU D 137 -3.30 59.06 -15.77
C LEU D 137 -3.13 60.58 -15.74
N ALA D 138 -1.89 61.07 -15.59
CA ALA D 138 -1.63 62.50 -15.72
C ALA D 138 -1.80 62.97 -17.15
N ARG D 139 -1.43 62.14 -18.13
CA ARG D 139 -1.60 62.49 -19.53
C ARG D 139 -3.05 62.41 -20.00
N GLY D 140 -3.92 61.77 -19.23
CA GLY D 140 -5.32 61.69 -19.57
C GLY D 140 -5.77 60.42 -20.23
N ALA D 141 -5.21 59.27 -19.86
CA ALA D 141 -5.61 58.01 -20.46
C ALA D 141 -7.01 57.61 -20.00
N SER D 142 -7.68 56.81 -20.85
CA SER D 142 -9.04 56.38 -20.55
C SER D 142 -9.03 55.33 -19.46
N VAL D 143 -9.69 55.64 -18.33
CA VAL D 143 -9.76 54.71 -17.22
C VAL D 143 -10.87 53.69 -17.38
N SER D 144 -11.78 53.91 -18.34
CA SER D 144 -12.89 53.01 -18.59
C SER D 144 -12.77 52.29 -19.94
N ALA D 145 -11.56 52.24 -20.50
CA ALA D 145 -11.36 51.56 -21.77
C ALA D 145 -11.42 50.05 -21.60
N ARG D 146 -12.18 49.40 -22.47
CA ARG D 146 -12.42 47.96 -22.39
C ARG D 146 -11.43 47.23 -23.29
N ALA D 147 -10.80 46.19 -22.75
CA ALA D 147 -9.87 45.34 -23.52
C ALA D 147 -10.65 44.12 -23.98
N THR D 148 -11.42 44.30 -25.06
CA THR D 148 -12.35 43.30 -25.55
C THR D 148 -11.73 42.35 -26.57
N GLY D 149 -10.43 42.13 -26.52
CA GLY D 149 -9.78 41.23 -27.44
C GLY D 149 -10.01 39.77 -27.09
N ALA D 150 -9.57 38.90 -28.00
CA ALA D 150 -9.71 37.46 -27.77
C ALA D 150 -8.74 36.95 -26.74
N ALA D 151 -7.62 37.66 -26.54
CA ALA D 151 -6.64 37.24 -25.54
C ALA D 151 -7.09 37.55 -24.11
N PHE D 152 -8.02 38.49 -23.93
CA PHE D 152 -8.47 38.86 -22.61
C PHE D 152 -9.73 38.13 -22.17
N ARG D 153 -10.33 37.31 -23.03
CA ARG D 153 -11.51 36.56 -22.66
C ARG D 153 -11.13 35.37 -21.77
N ARG D 154 -12.13 34.80 -21.11
CA ARG D 154 -11.93 33.62 -20.28
C ARG D 154 -12.05 32.39 -21.17
N SER D 155 -10.92 31.70 -21.35
CA SER D 155 -10.85 30.54 -22.24
C SER D 155 -9.69 29.67 -21.78
N PRO D 156 -9.72 28.36 -22.09
CA PRO D 156 -8.54 27.52 -21.82
C PRO D 156 -7.32 27.89 -22.65
N HIS D 157 -7.49 28.60 -23.78
CA HIS D 157 -6.34 29.08 -24.54
C HIS D 157 -5.58 30.14 -23.77
N ASN D 158 -6.28 31.04 -23.09
CA ASN D 158 -5.63 32.11 -22.34
C ASN D 158 -5.22 31.58 -20.96
N LEU D 159 -3.98 31.88 -20.57
CA LEU D 159 -3.49 31.41 -19.28
C LEU D 159 -4.06 32.22 -18.12
N ILE D 160 -4.43 33.48 -18.35
CA ILE D 160 -4.94 34.35 -17.30
C ILE D 160 -6.24 34.99 -17.76
N TYR D 161 -7.17 35.14 -16.83
CA TYR D 161 -8.40 35.89 -17.05
C TYR D 161 -8.38 37.05 -16.06
N TYR D 162 -7.89 38.20 -16.52
CA TYR D 162 -7.79 39.39 -15.68
C TYR D 162 -8.89 40.41 -15.97
N GLY D 163 -9.85 40.07 -16.81
CA GLY D 163 -10.91 40.99 -17.16
C GLY D 163 -10.53 41.94 -18.27
N GLU D 164 -11.31 43.02 -18.36
CA GLU D 164 -11.13 44.00 -19.42
C GLU D 164 -10.83 45.41 -18.92
N HIS D 165 -11.53 45.87 -17.88
CA HIS D 165 -11.30 47.20 -17.35
C HIS D 165 -9.99 47.23 -16.55
N PRO D 166 -9.28 48.36 -16.56
CA PRO D 166 -7.98 48.43 -15.84
C PRO D 166 -8.08 48.25 -14.34
N LEU D 167 -9.23 48.54 -13.74
CA LEU D 167 -9.44 48.26 -12.33
C LEU D 167 -9.43 46.75 -12.05
N SER D 168 -9.97 45.95 -12.97
CA SER D 168 -9.92 44.50 -12.84
C SER D 168 -8.49 43.99 -12.92
N PHE D 169 -7.68 44.55 -13.83
CA PHE D 169 -6.27 44.20 -13.92
C PHE D 169 -5.52 44.58 -12.65
N ALA D 170 -5.82 45.77 -12.11
CA ALA D 170 -5.13 46.23 -10.91
C ALA D 170 -5.52 45.42 -9.68
N ALA D 171 -6.78 44.96 -9.62
CA ALA D 171 -7.19 44.10 -8.52
C ALA D 171 -6.60 42.70 -8.65
N CYS D 172 -6.51 42.18 -9.87
CA CYS D 172 -6.03 40.82 -10.05
C CYS D 172 -4.52 40.70 -9.93
N VAL D 173 -3.76 41.74 -10.30
CA VAL D 173 -2.31 41.69 -10.19
C VAL D 173 -1.88 41.69 -8.73
N GLY D 174 -2.44 42.60 -7.93
CA GLY D 174 -2.17 42.60 -6.51
C GLY D 174 -1.42 43.81 -6.01
N SER D 175 -1.62 44.96 -6.64
CA SER D 175 -1.00 46.21 -6.22
C SER D 175 -2.10 47.15 -5.73
N GLU D 176 -2.11 47.42 -4.43
CA GLU D 176 -3.17 48.25 -3.84
C GLU D 176 -3.02 49.70 -4.24
N GLU D 177 -1.78 50.17 -4.46
CA GLU D 177 -1.54 51.55 -4.83
C GLU D 177 -2.13 51.87 -6.20
N ILE D 178 -2.02 50.94 -7.15
CA ILE D 178 -2.60 51.13 -8.47
C ILE D 178 -4.12 51.13 -8.39
N VAL D 179 -4.69 50.30 -7.50
CA VAL D 179 -6.15 50.28 -7.30
C VAL D 179 -6.64 51.61 -6.76
N ARG D 180 -5.95 52.14 -5.74
CA ARG D 180 -6.32 53.43 -5.18
C ARG D 180 -6.14 54.57 -6.18
N LEU D 181 -5.08 54.50 -6.98
CA LEU D 181 -4.84 55.54 -7.99
C LEU D 181 -5.89 55.50 -9.10
N LEU D 182 -6.33 54.30 -9.49
CA LEU D 182 -7.36 54.20 -10.52
C LEU D 182 -8.73 54.62 -9.98
N ILE D 183 -9.05 54.25 -8.73
CA ILE D 183 -10.34 54.61 -8.15
C ILE D 183 -10.42 56.12 -7.90
N GLU D 184 -9.33 56.72 -7.44
CA GLU D 184 -9.31 58.17 -7.19
C GLU D 184 -9.36 58.96 -8.50
N HIS D 185 -8.96 58.37 -9.62
CA HIS D 185 -9.02 59.03 -10.91
C HIS D 185 -10.33 58.77 -11.65
N GLY D 186 -11.23 57.97 -11.10
CA GLY D 186 -12.55 57.81 -11.66
C GLY D 186 -12.88 56.46 -12.29
N ALA D 187 -12.22 55.38 -11.89
CA ALA D 187 -12.59 54.06 -12.39
C ALA D 187 -13.90 53.60 -11.77
N ASP D 188 -14.73 52.95 -12.59
CA ASP D 188 -16.02 52.45 -12.13
C ASP D 188 -15.85 51.04 -11.59
N ILE D 189 -16.20 50.84 -10.32
CA ILE D 189 -16.09 49.52 -9.70
C ILE D 189 -17.23 48.60 -10.15
N ARG D 190 -18.33 49.17 -10.64
CA ARG D 190 -19.50 48.39 -11.04
C ARG D 190 -19.45 47.97 -12.50
N ALA D 191 -18.36 48.25 -13.20
CA ALA D 191 -18.27 47.93 -14.62
C ALA D 191 -18.13 46.43 -14.83
N GLN D 192 -18.73 45.93 -15.90
CA GLN D 192 -18.74 44.51 -16.22
C GLN D 192 -18.18 44.28 -17.61
N ASP D 193 -17.56 43.12 -17.81
CA ASP D 193 -16.93 42.76 -19.08
C ASP D 193 -17.96 42.02 -19.94
N SER D 194 -17.48 41.38 -21.01
CA SER D 194 -18.38 40.71 -21.97
C SER D 194 -19.09 39.50 -21.34
N LEU D 195 -18.48 38.87 -20.35
CA LEU D 195 -19.14 37.79 -19.63
C LEU D 195 -20.04 38.29 -18.51
N GLY D 196 -20.10 39.60 -18.29
CA GLY D 196 -20.89 40.16 -17.21
C GLY D 196 -20.22 40.17 -15.85
N ASN D 197 -18.98 39.72 -15.77
CA ASN D 197 -18.28 39.63 -14.49
C ASN D 197 -17.88 41.02 -14.00
N THR D 198 -18.20 41.31 -12.74
CA THR D 198 -17.69 42.50 -12.08
C THR D 198 -16.26 42.23 -11.59
N VAL D 199 -15.68 43.22 -10.92
CA VAL D 199 -14.29 43.08 -10.47
C VAL D 199 -14.17 42.06 -9.35
N LEU D 200 -15.24 41.85 -8.57
CA LEU D 200 -15.23 40.82 -7.53
C LEU D 200 -15.23 39.43 -8.13
N HIS D 201 -15.96 39.24 -9.24
CA HIS D 201 -16.00 37.95 -9.92
C HIS D 201 -14.64 37.56 -10.47
N ILE D 202 -13.93 38.52 -11.07
CA ILE D 202 -12.59 38.24 -11.59
C ILE D 202 -11.59 38.11 -10.45
N LEU D 203 -11.87 38.75 -9.30
CA LEU D 203 -11.01 38.57 -8.13
C LEU D 203 -11.14 37.17 -7.55
N ILE D 204 -12.34 36.60 -7.58
CA ILE D 204 -12.58 35.26 -7.03
C ILE D 204 -11.87 34.20 -7.87
N LEU D 205 -11.87 34.37 -9.19
CA LEU D 205 -11.33 33.37 -10.11
C LEU D 205 -9.80 33.25 -10.07
N GLN D 206 -9.10 34.15 -9.38
CA GLN D 206 -7.65 34.12 -9.35
C GLN D 206 -7.15 32.94 -8.52
N PRO D 207 -6.00 32.34 -8.91
CA PRO D 207 -5.45 31.23 -8.13
C PRO D 207 -4.73 31.68 -6.87
N ASN D 208 -4.23 32.91 -6.87
CA ASN D 208 -3.56 33.47 -5.69
C ASN D 208 -4.63 34.01 -4.74
N LYS D 209 -5.19 33.08 -3.94
CA LYS D 209 -6.33 33.37 -3.09
C LYS D 209 -5.96 33.96 -1.75
N THR D 210 -4.67 34.18 -1.47
CA THR D 210 -4.27 34.76 -0.20
C THR D 210 -4.42 36.27 -0.20
N PHE D 211 -3.78 36.95 -1.15
CA PHE D 211 -3.89 38.40 -1.26
C PHE D 211 -5.21 38.84 -1.88
N ALA D 212 -5.92 37.92 -2.54
CA ALA D 212 -7.20 38.25 -3.17
C ALA D 212 -8.27 38.57 -2.14
N CYS D 213 -8.19 37.99 -0.94
CA CYS D 213 -9.10 38.35 0.13
C CYS D 213 -8.87 39.78 0.59
N GLN D 214 -7.61 40.20 0.71
CA GLN D 214 -7.30 41.58 1.09
C GLN D 214 -7.72 42.57 0.00
N MET D 215 -7.54 42.19 -1.27
CA MET D 215 -7.99 43.05 -2.37
C MET D 215 -9.52 43.13 -2.41
N TYR D 216 -10.19 42.02 -2.10
CA TYR D 216 -11.65 42.01 -2.00
C TYR D 216 -12.14 42.92 -0.88
N ASN D 217 -11.45 42.89 0.27
CA ASN D 217 -11.82 43.75 1.39
C ASN D 217 -11.58 45.21 1.06
N LEU D 218 -10.49 45.51 0.34
CA LEU D 218 -10.20 46.88 -0.08
C LEU D 218 -11.25 47.40 -1.05
N LEU D 219 -11.66 46.56 -2.02
CA LEU D 219 -12.67 46.99 -2.99
C LEU D 219 -14.05 47.10 -2.35
N LEU D 220 -14.35 46.27 -1.34
CA LEU D 220 -15.60 46.43 -0.62
C LEU D 220 -15.59 47.66 0.28
N SER D 221 -14.40 48.03 0.79
CA SER D 221 -14.27 49.27 1.55
C SER D 221 -14.46 50.49 0.66
N TYR D 222 -13.95 50.41 -0.58
CA TYR D 222 -14.12 51.53 -1.51
C TYR D 222 -15.51 51.60 -2.10
N ASP D 223 -16.32 50.56 -1.95
CA ASP D 223 -17.68 50.55 -2.48
C ASP D 223 -18.65 51.03 -1.41
N GLU D 224 -19.29 52.18 -1.65
CA GLU D 224 -20.29 52.70 -0.74
C GLU D 224 -21.55 53.11 -1.49
N LEU D 229 -28.20 52.38 -5.05
CA LEU D 229 -28.78 51.13 -5.51
C LEU D 229 -28.30 49.96 -4.65
N GLN D 230 -28.28 48.77 -5.23
CA GLN D 230 -27.81 47.59 -4.52
C GLN D 230 -26.29 47.61 -4.36
N SER D 231 -25.80 46.78 -3.45
CA SER D 231 -24.37 46.65 -3.24
C SER D 231 -23.73 45.87 -4.37
N LEU D 232 -22.39 45.90 -4.42
CA LEU D 232 -21.65 45.18 -5.43
C LEU D 232 -21.69 43.67 -5.22
N GLU D 233 -21.98 43.22 -3.99
CA GLU D 233 -22.08 41.81 -3.69
C GLU D 233 -23.30 41.15 -4.32
N LEU D 234 -24.33 41.93 -4.64
CA LEU D 234 -25.57 41.39 -5.18
C LEU D 234 -25.71 41.58 -6.69
N VAL D 235 -24.62 41.93 -7.38
CA VAL D 235 -24.64 42.16 -8.82
C VAL D 235 -24.27 40.85 -9.50
N PRO D 236 -25.16 40.24 -10.28
CA PRO D 236 -24.82 38.98 -10.95
C PRO D 236 -24.24 39.20 -12.34
N ASN D 237 -23.60 38.15 -12.85
CA ASN D 237 -23.04 38.14 -14.20
C ASN D 237 -24.11 37.71 -15.20
N HIS D 238 -23.69 37.41 -16.43
CA HIS D 238 -24.63 36.99 -17.46
C HIS D 238 -25.14 35.58 -17.22
N GLN D 239 -24.36 34.74 -16.53
CA GLN D 239 -24.84 33.41 -16.19
C GLN D 239 -25.86 33.43 -15.07
N GLY D 240 -25.85 34.48 -14.25
CA GLY D 240 -26.79 34.62 -13.16
C GLY D 240 -26.20 34.42 -11.78
N LEU D 241 -24.88 34.39 -11.63
CA LEU D 241 -24.25 34.04 -10.37
C LEU D 241 -23.78 35.30 -9.64
N THR D 242 -24.11 35.39 -8.36
CA THR D 242 -23.54 36.39 -7.47
C THR D 242 -22.08 36.02 -7.16
N PRO D 243 -21.29 36.97 -6.64
CA PRO D 243 -19.95 36.60 -6.15
C PRO D 243 -19.94 35.53 -5.07
N PHE D 244 -20.96 35.47 -4.21
CA PHE D 244 -21.08 34.38 -3.26
C PHE D 244 -21.31 33.05 -3.98
N LYS D 245 -22.23 33.04 -4.95
CA LYS D 245 -22.50 31.82 -5.71
C LYS D 245 -21.33 31.45 -6.63
N LEU D 246 -20.63 32.44 -7.18
CA LEU D 246 -19.46 32.12 -8.01
C LEU D 246 -18.30 31.61 -7.17
N ALA D 247 -18.14 32.11 -5.94
CA ALA D 247 -17.16 31.55 -5.03
C ALA D 247 -17.56 30.13 -4.62
N GLY D 248 -18.85 29.87 -4.50
CA GLY D 248 -19.31 28.52 -4.20
C GLY D 248 -19.10 27.55 -5.35
N VAL D 249 -19.28 28.00 -6.59
CA VAL D 249 -19.16 27.11 -7.74
C VAL D 249 -17.70 26.76 -8.00
N GLU D 250 -16.82 27.76 -8.01
CA GLU D 250 -15.46 27.60 -8.49
C GLU D 250 -14.52 26.94 -7.48
N GLY D 251 -15.02 26.50 -6.33
CA GLY D 251 -14.15 25.82 -5.38
C GLY D 251 -13.26 26.73 -4.56
N ASN D 252 -13.58 28.02 -4.50
CA ASN D 252 -12.75 28.99 -3.78
C ASN D 252 -13.17 28.97 -2.32
N THR D 253 -12.50 28.15 -1.52
CA THR D 253 -12.83 28.01 -0.11
C THR D 253 -12.34 29.18 0.73
N VAL D 254 -11.18 29.75 0.39
CA VAL D 254 -10.62 30.85 1.16
C VAL D 254 -11.46 32.11 1.00
N MET D 255 -11.89 32.39 -0.24
CA MET D 255 -12.80 33.51 -0.46
C MET D 255 -14.17 33.25 0.14
N PHE D 256 -14.58 31.98 0.21
CA PHE D 256 -15.82 31.64 0.90
C PHE D 256 -15.74 31.93 2.39
N GLN D 257 -14.61 31.62 3.01
CA GLN D 257 -14.40 31.95 4.43
C GLN D 257 -14.34 33.46 4.63
N HIS D 258 -13.70 34.18 3.71
CA HIS D 258 -13.63 35.63 3.80
C HIS D 258 -15.00 36.28 3.61
N LEU D 259 -15.86 35.69 2.79
CA LEU D 259 -17.22 36.19 2.65
C LEU D 259 -18.08 35.86 3.86
N MET D 260 -17.93 34.66 4.41
CA MET D 260 -18.75 34.27 5.56
C MET D 260 -18.30 34.93 6.86
N GLN D 261 -17.06 35.43 6.92
CA GLN D 261 -16.65 36.18 8.11
C GLN D 261 -17.24 37.59 8.15
N LYS D 262 -17.86 38.06 7.06
CA LYS D 262 -18.58 39.31 7.06
C LYS D 262 -20.08 39.13 7.32
N ARG D 263 -20.54 37.90 7.48
CA ARG D 263 -21.94 37.61 7.73
C ARG D 263 -22.22 36.94 9.07
N LYS D 264 -21.19 36.42 9.75
CA LYS D 264 -21.39 35.84 11.06
C LYS D 264 -21.62 36.92 12.10
N HIS D 265 -22.15 36.51 13.24
CA HIS D 265 -22.40 37.41 14.37
C HIS D 265 -22.21 36.61 15.64
N VAL D 266 -21.11 36.89 16.35
CA VAL D 266 -20.79 36.16 17.57
C VAL D 266 -21.72 36.63 18.68
N GLN D 267 -22.57 35.71 19.17
CA GLN D 267 -23.50 36.06 20.23
C GLN D 267 -22.78 36.17 21.57
N TRP D 268 -22.10 35.12 21.98
CA TRP D 268 -21.33 35.14 23.22
C TRP D 268 -20.16 34.18 23.11
N THR D 269 -19.03 34.58 23.69
CA THR D 269 -17.84 33.74 23.80
C THR D 269 -17.58 33.53 25.29
N CYS D 270 -17.98 32.37 25.80
CA CYS D 270 -17.82 32.02 27.20
C CYS D 270 -16.79 30.90 27.29
N GLY D 271 -15.60 31.22 27.79
CA GLY D 271 -14.53 30.27 27.93
C GLY D 271 -14.07 29.71 26.61
N PRO D 272 -14.11 28.38 26.46
CA PRO D 272 -13.83 27.74 25.18
C PRO D 272 -15.01 27.68 24.22
N LEU D 273 -16.20 28.12 24.64
CA LEU D 273 -17.40 28.02 23.82
C LEU D 273 -17.65 29.35 23.11
N THR D 274 -17.96 29.28 21.82
CA THR D 274 -18.30 30.45 21.03
C THR D 274 -19.59 30.18 20.28
N SER D 275 -20.56 31.08 20.40
CA SER D 275 -21.86 30.91 19.76
C SER D 275 -21.98 31.91 18.62
N THR D 276 -21.68 31.47 17.40
CA THR D 276 -21.77 32.29 16.21
C THR D 276 -23.15 32.14 15.57
N LEU D 277 -23.61 33.21 14.93
CA LEU D 277 -24.93 33.25 14.30
C LEU D 277 -24.75 33.55 12.82
N TYR D 278 -24.56 32.49 12.02
CA TYR D 278 -24.35 32.66 10.59
C TYR D 278 -25.66 33.00 9.89
N ASP D 279 -25.54 33.67 8.74
CA ASP D 279 -26.68 34.10 7.96
C ASP D 279 -26.89 33.15 6.79
N LEU D 280 -28.13 32.71 6.60
CA LEU D 280 -28.50 31.79 5.53
C LEU D 280 -29.25 32.48 4.41
N THR D 281 -29.02 33.79 4.22
CA THR D 281 -29.70 34.51 3.14
C THR D 281 -29.13 34.11 1.78
N GLU D 282 -27.81 34.00 1.67
CA GLU D 282 -27.16 33.67 0.42
C GLU D 282 -26.66 32.23 0.37
N ILE D 283 -27.01 31.41 1.35
CA ILE D 283 -26.63 30.00 1.41
C ILE D 283 -27.83 29.10 1.18
N ASP D 284 -28.93 29.33 1.89
CA ASP D 284 -30.11 28.51 1.71
C ASP D 284 -30.81 28.83 0.39
N SER D 285 -30.94 30.12 0.07
CA SER D 285 -31.56 30.64 -1.16
C SER D 285 -33.00 30.15 -1.30
N TRP D 286 -33.81 30.47 -0.29
CA TRP D 286 -35.21 30.05 -0.28
C TRP D 286 -36.02 30.89 -1.25
N GLY D 287 -36.92 30.23 -1.98
CA GLY D 287 -37.72 30.93 -2.98
C GLY D 287 -36.96 31.31 -4.23
N GLU D 288 -35.96 30.52 -4.62
CA GLU D 288 -35.15 30.80 -5.79
C GLU D 288 -35.24 29.62 -6.76
N GLU D 289 -34.99 29.92 -8.04
CA GLU D 289 -35.03 28.89 -9.08
C GLU D 289 -33.87 27.92 -8.91
N LEU D 290 -32.66 28.44 -8.74
CA LEU D 290 -31.47 27.62 -8.49
C LEU D 290 -30.84 28.07 -7.18
N SER D 291 -30.77 27.15 -6.22
CA SER D 291 -30.21 27.47 -4.92
C SER D 291 -28.69 27.47 -4.97
N PHE D 292 -28.07 27.86 -3.85
CA PHE D 292 -26.62 27.89 -3.76
C PHE D 292 -26.02 26.49 -3.73
N LEU D 293 -26.64 25.58 -2.98
CA LEU D 293 -26.10 24.24 -2.84
C LEU D 293 -26.23 23.43 -4.13
N GLU D 294 -27.29 23.68 -4.90
CA GLU D 294 -27.44 23.02 -6.20
C GLU D 294 -26.37 23.49 -7.18
N LEU D 295 -25.99 24.77 -7.10
CA LEU D 295 -24.89 25.26 -7.93
C LEU D 295 -23.55 24.74 -7.45
N VAL D 296 -23.40 24.52 -6.14
CA VAL D 296 -22.14 24.01 -5.60
C VAL D 296 -21.94 22.55 -6.02
N VAL D 297 -22.98 21.72 -5.85
CA VAL D 297 -22.82 20.29 -6.12
C VAL D 297 -22.74 20.01 -7.61
N SER D 298 -23.66 20.58 -8.39
CA SER D 298 -23.67 20.38 -9.84
C SER D 298 -22.72 21.37 -10.50
N SER D 299 -21.43 21.13 -10.29
CA SER D 299 -20.37 21.93 -10.85
C SER D 299 -19.29 21.03 -11.43
N LYS D 300 -18.69 21.47 -12.54
CA LYS D 300 -17.64 20.69 -13.17
C LYS D 300 -16.33 20.75 -12.39
N LYS D 301 -16.15 21.77 -11.54
CA LYS D 301 -14.95 21.88 -10.74
C LYS D 301 -14.95 20.86 -9.61
N ARG D 302 -13.80 20.24 -9.38
CA ARG D 302 -13.68 19.22 -8.34
C ARG D 302 -13.67 19.83 -6.94
N GLU D 303 -13.09 21.03 -6.79
CA GLU D 303 -12.84 21.63 -5.49
C GLU D 303 -14.11 22.13 -4.80
N ALA D 304 -15.23 22.26 -5.52
CA ALA D 304 -16.47 22.78 -4.98
C ALA D 304 -17.02 21.93 -3.84
N ARG D 305 -16.75 20.62 -3.86
CA ARG D 305 -17.15 19.75 -2.77
C ARG D 305 -16.48 20.11 -1.45
N GLN D 306 -15.31 20.75 -1.48
CA GLN D 306 -14.69 21.27 -0.27
C GLN D 306 -15.54 22.34 0.40
N ILE D 307 -16.34 23.09 -0.37
CA ILE D 307 -17.24 24.06 0.22
C ILE D 307 -18.45 23.40 0.85
N LEU D 308 -18.65 22.10 0.61
CA LEU D 308 -19.61 21.35 1.41
C LEU D 308 -19.05 20.96 2.77
N GLU D 309 -17.77 21.22 3.03
CA GLU D 309 -17.15 20.93 4.32
C GLU D 309 -16.87 22.18 5.14
N GLN D 310 -17.43 23.33 4.76
CA GLN D 310 -17.17 24.57 5.48
C GLN D 310 -18.03 24.67 6.73
N THR D 311 -17.96 25.82 7.40
CA THR D 311 -18.57 25.93 8.73
C THR D 311 -20.09 26.07 8.70
N PRO D 312 -20.73 27.01 7.90
CA PRO D 312 -22.20 27.02 7.96
C PRO D 312 -22.86 25.99 7.05
N VAL D 313 -22.21 25.63 5.95
CA VAL D 313 -22.81 24.78 4.93
C VAL D 313 -22.97 23.35 5.43
N LYS D 314 -21.92 22.82 6.08
CA LYS D 314 -21.97 21.45 6.60
C LYS D 314 -23.01 21.31 7.69
N GLU D 315 -23.07 22.31 8.58
CA GLU D 315 -24.10 22.34 9.65
C GLU D 315 -25.50 22.34 8.99
N LEU D 316 -25.72 23.23 8.03
CA LEU D 316 -27.02 23.39 7.39
C LEU D 316 -27.46 22.11 6.69
N VAL D 317 -26.56 21.46 5.95
CA VAL D 317 -26.95 20.25 5.24
C VAL D 317 -27.07 19.08 6.21
N SER D 318 -26.34 19.10 7.34
CA SER D 318 -26.50 18.06 8.34
C SER D 318 -27.84 18.17 9.04
N PHE D 319 -28.28 19.40 9.34
CA PHE D 319 -29.61 19.59 9.91
C PHE D 319 -30.70 19.20 8.92
N LYS D 320 -30.58 19.65 7.66
CA LYS D 320 -31.58 19.35 6.64
C LYS D 320 -31.61 17.88 6.25
N TRP D 321 -30.51 17.15 6.45
CA TRP D 321 -30.50 15.73 6.16
C TRP D 321 -30.97 14.89 7.35
N LYS D 322 -30.50 15.20 8.56
CA LYS D 322 -30.87 14.38 9.71
C LYS D 322 -32.31 14.62 10.14
N LYS D 323 -32.84 15.83 9.94
CA LYS D 323 -34.21 16.05 10.37
C LYS D 323 -35.22 15.66 9.28
N TYR D 324 -34.98 16.06 8.04
CA TYR D 324 -35.97 15.89 6.98
C TYR D 324 -35.54 14.92 5.88
N GLY D 325 -34.29 15.00 5.42
CA GLY D 325 -33.90 14.26 4.23
C GLY D 325 -33.83 12.75 4.45
N ARG D 326 -33.26 12.33 5.58
CA ARG D 326 -33.12 10.90 5.86
C ARG D 326 -34.44 10.15 6.05
N PRO D 327 -35.43 10.61 6.84
CA PRO D 327 -36.67 9.81 6.92
C PRO D 327 -37.50 9.81 5.65
N TYR D 328 -37.52 10.93 4.91
CA TYR D 328 -38.23 10.96 3.64
C TYR D 328 -37.55 10.08 2.60
N PHE D 329 -36.22 10.04 2.62
CA PHE D 329 -35.49 9.17 1.70
C PHE D 329 -35.69 7.70 2.06
N CYS D 330 -35.77 7.37 3.35
CA CYS D 330 -36.03 6.00 3.76
C CYS D 330 -37.46 5.57 3.41
N VAL D 331 -38.42 6.50 3.54
CA VAL D 331 -39.80 6.22 3.14
C VAL D 331 -39.90 5.98 1.64
N LEU D 332 -39.22 6.81 0.83
CA LEU D 332 -39.20 6.63 -0.61
C LEU D 332 -38.50 5.33 -1.01
N ALA D 333 -37.42 4.96 -0.29
CA ALA D 333 -36.74 3.71 -0.55
C ALA D 333 -37.62 2.51 -0.23
N SER D 334 -38.35 2.56 0.88
CA SER D 334 -39.25 1.46 1.23
C SER D 334 -40.40 1.34 0.24
N LEU D 335 -40.96 2.48 -0.20
CA LEU D 335 -42.04 2.45 -1.18
C LEU D 335 -41.55 1.92 -2.53
N TYR D 336 -40.33 2.30 -2.95
CA TYR D 336 -39.80 1.79 -4.20
C TYR D 336 -39.44 0.31 -4.11
N ILE D 337 -38.98 -0.15 -2.93
CA ILE D 337 -38.68 -1.57 -2.74
C ILE D 337 -39.96 -2.39 -2.80
N LEU D 338 -41.05 -1.90 -2.17
CA LEU D 338 -42.33 -2.60 -2.26
C LEU D 338 -42.89 -2.59 -3.68
N TYR D 339 -42.69 -1.47 -4.41
CA TYR D 339 -43.12 -1.40 -5.81
C TYR D 339 -42.34 -2.39 -6.68
N MET D 340 -41.04 -2.52 -6.43
CA MET D 340 -40.25 -3.48 -7.19
C MET D 340 -40.59 -4.93 -6.81
N ILE D 341 -40.98 -5.16 -5.56
CA ILE D 341 -41.44 -6.49 -5.15
C ILE D 341 -42.74 -6.83 -5.85
N CYS D 342 -43.65 -5.85 -5.98
CA CYS D 342 -44.89 -6.07 -6.73
C CYS D 342 -44.62 -6.32 -8.21
N PHE D 343 -43.67 -5.58 -8.79
CA PHE D 343 -43.29 -5.79 -10.19
C PHE D 343 -42.68 -7.17 -10.42
N THR D 344 -41.81 -7.61 -9.48
CA THR D 344 -41.22 -8.93 -9.58
C THR D 344 -42.27 -10.03 -9.43
N THR D 345 -43.23 -9.84 -8.52
CA THR D 345 -44.30 -10.82 -8.34
C THR D 345 -45.21 -10.88 -9.55
N CYS D 346 -45.43 -9.75 -10.24
CA CYS D 346 -46.18 -9.79 -11.50
C CYS D 346 -45.35 -10.42 -12.62
N CYS D 347 -44.02 -10.32 -12.54
CA CYS D 347 -43.18 -10.95 -13.55
C CYS D 347 -43.12 -12.46 -13.41
N ILE D 348 -43.07 -12.96 -12.17
CA ILE D 348 -42.94 -14.40 -11.95
C ILE D 348 -44.23 -15.12 -12.32
N TYR D 349 -45.39 -14.53 -12.00
CA TYR D 349 -46.68 -15.13 -12.30
C TYR D 349 -47.21 -14.74 -13.68
N ARG D 350 -46.32 -14.49 -14.64
CA ARG D 350 -46.70 -14.11 -15.99
C ARG D 350 -47.49 -15.24 -16.65
N PRO D 351 -48.60 -14.93 -17.32
CA PRO D 351 -49.49 -15.98 -17.84
C PRO D 351 -48.86 -16.74 -19.00
N LEU D 352 -48.73 -18.06 -18.81
CA LEU D 352 -48.13 -18.95 -19.79
C LEU D 352 -49.04 -20.17 -19.98
N LYS D 353 -49.12 -20.65 -21.22
CA LYS D 353 -49.89 -21.84 -21.54
C LYS D 353 -49.00 -22.82 -22.30
N LEU D 354 -49.55 -24.02 -22.52
CA LEU D 354 -48.84 -25.07 -23.24
C LEU D 354 -48.68 -24.69 -24.71
N ARG D 355 -47.55 -25.11 -25.28
CA ARG D 355 -47.27 -24.79 -26.69
C ARG D 355 -48.14 -25.65 -27.59
N ASP D 356 -48.83 -24.99 -28.52
CA ASP D 356 -49.73 -25.70 -29.43
C ASP D 356 -48.95 -26.48 -30.49
N ASP D 357 -47.88 -25.89 -31.02
CA ASP D 357 -47.08 -26.54 -32.04
C ASP D 357 -46.17 -27.59 -31.39
N ASN D 358 -46.00 -28.71 -32.10
CA ASN D 358 -45.16 -29.78 -31.61
C ASN D 358 -43.68 -29.45 -31.79
N ARG D 359 -42.86 -29.97 -30.89
CA ARG D 359 -41.42 -29.73 -30.91
C ARG D 359 -40.81 -30.63 -31.99
N THR D 360 -40.77 -30.10 -33.22
CA THR D 360 -40.21 -30.86 -34.34
C THR D 360 -38.69 -30.94 -34.24
N ASP D 361 -38.04 -29.82 -33.95
CA ASP D 361 -36.58 -29.78 -33.86
C ASP D 361 -36.11 -30.43 -32.57
N PRO D 362 -35.12 -31.31 -32.60
CA PRO D 362 -34.65 -31.95 -31.36
C PRO D 362 -33.86 -31.01 -30.45
N ARG D 363 -33.38 -29.89 -30.95
CA ARG D 363 -32.63 -28.93 -30.15
C ARG D 363 -33.50 -27.79 -29.64
N ASP D 364 -34.82 -27.93 -29.72
CA ASP D 364 -35.76 -26.93 -29.25
C ASP D 364 -36.33 -27.37 -27.91
N ILE D 365 -36.35 -26.45 -26.94
CA ILE D 365 -36.77 -26.75 -25.59
C ILE D 365 -37.93 -25.88 -25.13
N THR D 366 -38.56 -25.15 -26.04
CA THR D 366 -39.68 -24.29 -25.68
C THR D 366 -40.93 -25.15 -25.48
N ILE D 367 -41.39 -25.26 -24.24
CA ILE D 367 -42.56 -26.04 -23.91
C ILE D 367 -43.77 -25.19 -23.53
N LEU D 368 -43.57 -23.89 -23.27
CA LEU D 368 -44.65 -23.00 -22.93
C LEU D 368 -44.56 -21.73 -23.77
N GLN D 369 -45.71 -21.14 -24.05
CA GLN D 369 -45.77 -19.87 -24.76
C GLN D 369 -46.68 -18.91 -24.01
N GLN D 370 -46.73 -17.67 -24.49
CA GLN D 370 -47.50 -16.64 -23.82
C GLN D 370 -48.99 -16.79 -24.10
N LYS D 371 -49.80 -16.58 -23.06
CA LYS D 371 -51.24 -16.57 -23.23
C LYS D 371 -51.69 -15.33 -23.99
N LEU D 372 -52.80 -15.46 -24.69
CA LEU D 372 -53.40 -14.31 -25.37
C LEU D 372 -54.09 -13.41 -24.35
N LEU D 373 -54.47 -12.21 -24.81
CA LEU D 373 -55.16 -11.27 -23.94
C LEU D 373 -56.56 -11.75 -23.58
N GLN D 374 -57.23 -12.44 -24.50
CA GLN D 374 -58.54 -13.02 -24.19
C GLN D 374 -58.41 -14.25 -23.31
N GLU D 375 -57.35 -15.03 -23.49
CA GLU D 375 -57.15 -16.23 -22.68
C GLU D 375 -56.73 -15.89 -21.26
N ALA D 376 -55.95 -14.83 -21.09
CA ALA D 376 -55.55 -14.39 -19.76
C ALA D 376 -56.67 -13.57 -19.12
N TYR D 377 -56.44 -13.22 -17.84
CA TYR D 377 -57.35 -12.42 -17.01
C TYR D 377 -58.74 -13.06 -16.90
N VAL D 378 -58.76 -14.30 -16.40
CA VAL D 378 -59.98 -15.07 -16.22
C VAL D 378 -60.20 -15.43 -14.75
N THR D 379 -59.22 -16.05 -14.12
CA THR D 379 -59.34 -16.48 -12.74
C THR D 379 -59.13 -15.31 -11.78
N HIS D 380 -59.34 -15.59 -10.49
CA HIS D 380 -59.20 -14.56 -9.46
C HIS D 380 -57.73 -14.20 -9.24
N GLN D 381 -56.84 -15.17 -9.35
CA GLN D 381 -55.41 -14.90 -9.26
C GLN D 381 -54.93 -14.02 -10.41
N ASP D 382 -55.52 -14.22 -11.59
CA ASP D 382 -55.24 -13.32 -12.71
C ASP D 382 -55.78 -11.92 -12.47
N ASN D 383 -56.87 -11.79 -11.69
CA ASN D 383 -57.36 -10.46 -11.32
C ASN D 383 -56.43 -9.78 -10.33
N ILE D 384 -55.86 -10.56 -9.40
CA ILE D 384 -54.85 -10.02 -8.47
C ILE D 384 -53.61 -9.58 -9.25
N ARG D 385 -53.21 -10.37 -10.24
CA ARG D 385 -52.11 -9.99 -11.13
C ARG D 385 -52.44 -8.75 -11.94
N LEU D 386 -53.70 -8.59 -12.37
CA LEU D 386 -54.12 -7.39 -13.08
C LEU D 386 -54.04 -6.14 -12.19
N VAL D 387 -54.45 -6.28 -10.92
CA VAL D 387 -54.32 -5.18 -9.97
C VAL D 387 -52.85 -4.81 -9.75
N GLY D 388 -51.99 -5.82 -9.62
CA GLY D 388 -50.57 -5.56 -9.47
C GLY D 388 -49.94 -4.93 -10.70
N GLU D 389 -50.39 -5.33 -11.89
CA GLU D 389 -49.89 -4.74 -13.13
C GLU D 389 -50.36 -3.31 -13.30
N LEU D 390 -51.59 -2.99 -12.86
CA LEU D 390 -52.05 -1.61 -12.85
C LEU D 390 -51.22 -0.76 -11.89
N VAL D 391 -50.88 -1.32 -10.73
CA VAL D 391 -50.00 -0.63 -9.77
C VAL D 391 -48.62 -0.40 -10.39
N THR D 392 -48.11 -1.40 -11.11
CA THR D 392 -46.80 -1.30 -11.75
C THR D 392 -46.78 -0.23 -12.84
N VAL D 393 -47.82 -0.20 -13.69
CA VAL D 393 -47.83 0.76 -14.79
C VAL D 393 -48.10 2.18 -14.28
N THR D 394 -48.88 2.33 -13.19
CA THR D 394 -49.04 3.65 -12.61
C THR D 394 -47.76 4.12 -11.93
N GLY D 395 -47.00 3.19 -11.34
CA GLY D 395 -45.69 3.55 -10.81
C GLY D 395 -44.71 3.96 -11.89
N ALA D 396 -44.77 3.30 -13.05
CA ALA D 396 -43.91 3.69 -14.17
C ALA D 396 -44.29 5.06 -14.73
N VAL D 397 -45.60 5.34 -14.80
CA VAL D 397 -46.06 6.66 -15.23
C VAL D 397 -45.64 7.74 -14.25
N ILE D 398 -45.71 7.45 -12.95
CA ILE D 398 -45.26 8.39 -11.92
C ILE D 398 -43.76 8.63 -12.02
N ILE D 399 -42.99 7.56 -12.29
CA ILE D 399 -41.54 7.67 -12.46
C ILE D 399 -41.19 8.54 -13.66
N LEU D 400 -41.90 8.35 -14.78
CA LEU D 400 -41.66 9.18 -15.96
C LEU D 400 -42.05 10.63 -15.72
N LEU D 401 -43.17 10.87 -15.04
CA LEU D 401 -43.59 12.25 -14.75
C LEU D 401 -42.70 12.93 -13.72
N LEU D 402 -41.99 12.16 -12.90
CA LEU D 402 -41.03 12.77 -11.97
C LEU D 402 -39.64 12.95 -12.58
N GLU D 403 -39.27 12.15 -13.59
CA GLU D 403 -37.92 12.24 -14.13
C GLU D 403 -37.81 13.06 -15.42
N ILE D 404 -38.85 13.09 -16.26
CA ILE D 404 -38.80 13.81 -17.53
C ILE D 404 -38.65 15.33 -17.41
N PRO D 405 -39.44 16.09 -16.62
CA PRO D 405 -39.27 17.56 -16.64
C PRO D 405 -37.98 18.08 -16.03
N ASP D 406 -37.27 17.29 -15.23
CA ASP D 406 -35.97 17.72 -14.72
C ASP D 406 -34.93 17.80 -15.83
N ILE D 407 -35.06 16.96 -16.86
CA ILE D 407 -34.18 17.02 -18.01
C ILE D 407 -34.36 18.33 -18.76
N PHE D 408 -35.61 18.77 -18.94
CA PHE D 408 -35.86 20.02 -19.63
C PHE D 408 -35.54 21.21 -18.73
N ARG D 409 -35.60 21.04 -17.41
CA ARG D 409 -35.29 22.12 -16.49
C ARG D 409 -33.78 22.37 -16.41
N VAL D 410 -33.00 21.36 -16.00
CA VAL D 410 -31.59 21.57 -15.71
C VAL D 410 -30.70 21.27 -16.91
N GLY D 411 -31.22 20.67 -17.97
CA GLY D 411 -30.41 20.36 -19.13
C GLY D 411 -30.03 18.89 -19.20
N ALA D 412 -29.99 18.34 -20.43
CA ALA D 412 -29.73 16.91 -20.58
C ALA D 412 -28.25 16.59 -20.34
N SER D 413 -27.36 17.55 -20.59
CA SER D 413 -25.93 17.29 -20.40
C SER D 413 -25.54 17.25 -18.93
N ARG D 414 -26.25 17.98 -18.07
CA ARG D 414 -25.93 18.03 -16.65
C ARG D 414 -26.74 17.03 -15.82
N TYR D 415 -27.95 16.69 -16.27
CA TYR D 415 -28.77 15.75 -15.51
C TYR D 415 -28.23 14.33 -15.61
N PHE D 416 -27.86 13.91 -16.81
CA PHE D 416 -27.34 12.57 -17.04
C PHE D 416 -25.82 12.48 -16.91
N GLY D 417 -25.15 13.61 -16.68
CA GLY D 417 -23.70 13.63 -16.71
C GLY D 417 -23.03 13.49 -15.35
N GLN D 418 -23.60 14.14 -14.33
CA GLN D 418 -22.97 14.19 -13.03
C GLN D 418 -23.13 12.85 -12.30
N THR D 419 -22.01 12.32 -11.79
CA THR D 419 -22.03 11.08 -11.03
C THR D 419 -22.67 11.26 -9.66
N ILE D 420 -22.45 12.40 -9.02
CA ILE D 420 -22.98 12.64 -7.68
C ILE D 420 -24.50 12.81 -7.71
N LEU D 421 -25.01 13.50 -8.74
CA LEU D 421 -26.44 13.77 -8.83
C LEU D 421 -27.24 12.50 -9.13
N GLY D 422 -26.61 11.49 -9.72
CA GLY D 422 -27.29 10.25 -10.01
C GLY D 422 -27.77 10.16 -11.44
N GLY D 423 -26.91 10.58 -12.36
CA GLY D 423 -27.21 10.56 -13.78
C GLY D 423 -27.46 9.20 -14.40
N PRO D 424 -26.53 8.25 -14.21
CA PRO D 424 -26.80 6.87 -14.66
C PRO D 424 -28.02 6.24 -14.00
N PHE D 425 -28.32 6.56 -12.74
CA PHE D 425 -29.53 6.06 -12.11
C PHE D 425 -30.78 6.64 -12.74
N HIS D 426 -30.72 7.91 -13.16
CA HIS D 426 -31.85 8.51 -13.87
C HIS D 426 -32.03 7.89 -15.25
N VAL D 427 -30.93 7.60 -15.94
CA VAL D 427 -31.00 6.90 -17.23
C VAL D 427 -31.60 5.52 -17.07
N ILE D 428 -31.18 4.79 -16.03
CA ILE D 428 -31.68 3.45 -15.75
C ILE D 428 -33.16 3.47 -15.40
N ILE D 429 -33.59 4.42 -14.57
CA ILE D 429 -34.99 4.42 -14.15
C ILE D 429 -35.91 4.92 -15.29
N ILE D 430 -35.42 5.81 -16.17
CA ILE D 430 -36.20 6.21 -17.33
C ILE D 430 -36.33 5.06 -18.32
N THR D 431 -35.24 4.32 -18.52
CA THR D 431 -35.27 3.14 -19.36
C THR D 431 -36.20 2.07 -18.80
N TYR D 432 -36.21 1.91 -17.47
CA TYR D 432 -37.09 0.95 -16.81
C TYR D 432 -38.56 1.32 -17.00
N ALA D 433 -38.89 2.60 -16.84
CA ALA D 433 -40.27 3.04 -17.05
C ALA D 433 -40.69 2.88 -18.51
N SER D 434 -39.79 3.19 -19.44
CA SER D 434 -40.10 3.01 -20.86
C SER D 434 -40.26 1.54 -21.22
N LEU D 435 -39.48 0.65 -20.59
CA LEU D 435 -39.61 -0.78 -20.85
C LEU D 435 -40.89 -1.35 -20.25
N VAL D 436 -41.33 -0.83 -19.10
CA VAL D 436 -42.62 -1.25 -18.54
C VAL D 436 -43.76 -0.79 -19.44
N LEU D 437 -43.68 0.44 -19.97
CA LEU D 437 -44.70 0.91 -20.91
C LEU D 437 -44.69 0.12 -22.22
N LEU D 438 -43.49 -0.25 -22.69
CA LEU D 438 -43.37 -1.08 -23.89
C LEU D 438 -43.95 -2.48 -23.66
N THR D 439 -43.74 -3.03 -22.46
CA THR D 439 -44.34 -4.32 -22.11
C THR D 439 -45.86 -4.21 -22.03
N MET D 440 -46.38 -3.09 -21.54
CA MET D 440 -47.83 -2.88 -21.54
C MET D 440 -48.39 -2.81 -22.96
N VAL D 441 -47.68 -2.12 -23.86
CA VAL D 441 -48.09 -2.01 -25.26
C VAL D 441 -48.07 -3.38 -25.93
N MET D 442 -47.03 -4.17 -25.68
CA MET D 442 -46.93 -5.50 -26.27
C MET D 442 -47.94 -6.48 -25.67
N ARG D 443 -48.31 -6.28 -24.39
CA ARG D 443 -49.34 -7.12 -23.78
C ARG D 443 -50.72 -6.79 -24.33
N LEU D 444 -51.00 -5.51 -24.56
CA LEU D 444 -52.32 -5.13 -25.05
C LEU D 444 -52.51 -5.48 -26.53
N THR D 445 -51.42 -5.59 -27.28
CA THR D 445 -51.50 -5.85 -28.72
C THR D 445 -51.26 -7.32 -29.07
N ASN D 446 -51.13 -8.19 -28.07
CA ASN D 446 -50.90 -9.63 -28.23
C ASN D 446 -49.64 -9.93 -29.05
N MET D 447 -48.54 -9.30 -28.66
CA MET D 447 -47.26 -9.47 -29.33
C MET D 447 -46.37 -10.40 -28.54
N ASN D 448 -45.87 -11.45 -29.19
CA ASN D 448 -44.97 -12.39 -28.53
C ASN D 448 -43.61 -11.76 -28.30
N GLY D 449 -42.94 -12.22 -27.25
CA GLY D 449 -41.59 -11.76 -26.97
C GLY D 449 -41.50 -10.74 -25.85
N GLU D 450 -42.39 -10.85 -24.86
CA GLU D 450 -42.34 -9.99 -23.69
C GLU D 450 -41.22 -10.35 -22.73
N VAL D 451 -40.55 -11.48 -22.95
CA VAL D 451 -39.47 -11.91 -22.07
C VAL D 451 -38.28 -10.96 -22.14
N VAL D 452 -37.99 -10.44 -23.33
CA VAL D 452 -36.88 -9.50 -23.54
C VAL D 452 -37.11 -8.17 -22.79
N PRO D 453 -38.24 -7.44 -22.97
CA PRO D 453 -38.39 -6.21 -22.17
C PRO D 453 -38.66 -6.48 -20.71
N LEU D 454 -39.26 -7.63 -20.36
CA LEU D 454 -39.46 -7.94 -18.94
C LEU D 454 -38.15 -8.23 -18.23
N SER D 455 -37.22 -8.92 -18.89
CA SER D 455 -35.91 -9.18 -18.30
C SER D 455 -35.09 -7.89 -18.22
N PHE D 456 -35.15 -7.06 -19.27
CA PHE D 456 -34.49 -5.75 -19.25
C PHE D 456 -35.01 -4.89 -18.10
N ALA D 457 -36.34 -4.84 -17.96
CA ALA D 457 -36.96 -4.02 -16.92
C ALA D 457 -36.68 -4.57 -15.53
N LEU D 458 -36.65 -5.89 -15.37
CA LEU D 458 -36.36 -6.49 -14.08
C LEU D 458 -34.93 -6.18 -13.63
N VAL D 459 -33.97 -6.36 -14.53
CA VAL D 459 -32.57 -6.10 -14.19
C VAL D 459 -32.33 -4.63 -13.90
N LEU D 460 -32.86 -3.74 -14.75
CA LEU D 460 -32.64 -2.31 -14.55
C LEU D 460 -33.39 -1.78 -13.33
N GLY D 461 -34.63 -2.23 -13.12
CA GLY D 461 -35.40 -1.77 -11.97
C GLY D 461 -34.83 -2.25 -10.65
N TRP D 462 -34.29 -3.47 -10.62
CA TRP D 462 -33.66 -3.90 -9.39
C TRP D 462 -32.29 -3.28 -9.19
N CYS D 463 -31.53 -3.02 -10.26
CA CYS D 463 -30.26 -2.32 -10.09
C CYS D 463 -30.44 -0.84 -9.76
N SER D 464 -31.63 -0.29 -9.99
CA SER D 464 -31.92 1.08 -9.57
C SER D 464 -32.28 1.20 -8.10
N VAL D 465 -32.39 0.08 -7.37
CA VAL D 465 -32.57 0.13 -5.92
C VAL D 465 -31.29 0.64 -5.25
N MET D 466 -30.14 0.40 -5.88
CA MET D 466 -28.86 0.89 -5.37
C MET D 466 -28.71 2.40 -5.43
N TYR D 467 -29.62 3.11 -6.12
CA TYR D 467 -29.67 4.57 -6.03
C TYR D 467 -30.01 5.01 -4.61
N PHE D 468 -30.82 4.24 -3.90
CA PHE D 468 -31.21 4.58 -2.54
C PHE D 468 -30.17 4.17 -1.51
N ALA D 469 -29.00 3.69 -1.93
CA ALA D 469 -27.91 3.39 -1.02
C ALA D 469 -27.04 4.60 -0.73
N ARG D 470 -27.31 5.74 -1.35
CA ARG D 470 -26.53 6.94 -1.07
C ARG D 470 -26.95 7.60 0.24
N GLY D 471 -28.10 7.22 0.78
CA GLY D 471 -28.58 7.80 2.01
C GLY D 471 -27.94 7.26 3.28
N PHE D 472 -27.05 6.27 3.15
CA PHE D 472 -26.39 5.66 4.29
C PHE D 472 -24.89 5.73 4.09
N GLN D 473 -24.17 6.09 5.16
CA GLN D 473 -22.72 6.22 5.09
C GLN D 473 -22.03 4.87 4.90
N MET D 474 -22.64 3.80 5.38
CA MET D 474 -22.10 2.46 5.20
C MET D 474 -22.33 1.89 3.80
N LEU D 475 -23.19 2.53 3.00
CA LEU D 475 -23.46 2.07 1.64
C LEU D 475 -23.32 3.17 0.60
N GLY D 476 -22.92 4.37 1.00
CA GLY D 476 -22.83 5.51 0.10
C GLY D 476 -21.75 5.41 -0.96
N PRO D 477 -20.48 5.42 -0.57
CA PRO D 477 -19.39 5.38 -1.57
C PRO D 477 -19.26 4.07 -2.32
N PHE D 478 -19.98 3.01 -1.95
CA PHE D 478 -19.89 1.76 -2.69
C PHE D 478 -20.48 1.89 -4.10
N THR D 479 -21.57 2.65 -4.22
CA THR D 479 -22.15 2.89 -5.54
C THR D 479 -21.22 3.74 -6.40
N ILE D 480 -20.50 4.69 -5.79
CA ILE D 480 -19.50 5.46 -6.52
C ILE D 480 -18.32 4.58 -6.91
N MET D 481 -17.96 3.60 -6.07
CA MET D 481 -16.92 2.64 -6.43
C MET D 481 -17.31 1.81 -7.64
N ILE D 482 -18.56 1.32 -7.66
CA ILE D 482 -19.02 0.53 -8.81
C ILE D 482 -19.14 1.42 -10.05
N GLN D 483 -19.55 2.68 -9.88
CA GLN D 483 -19.66 3.61 -11.00
C GLN D 483 -18.29 3.93 -11.61
N LYS D 484 -17.29 4.17 -10.76
CA LYS D 484 -15.95 4.44 -11.27
C LYS D 484 -15.24 3.17 -11.73
N MET D 485 -15.74 1.99 -11.36
CA MET D 485 -15.19 0.77 -11.94
C MET D 485 -15.89 0.37 -13.23
N ILE D 486 -17.06 0.92 -13.50
CA ILE D 486 -17.78 0.61 -14.74
C ILE D 486 -17.50 1.65 -15.83
N PHE D 487 -17.68 2.93 -15.53
CA PHE D 487 -17.37 3.98 -16.48
C PHE D 487 -15.91 4.37 -16.48
N GLY D 488 -15.10 3.72 -15.64
CA GLY D 488 -13.67 3.95 -15.58
C GLY D 488 -12.90 2.79 -16.18
N ASP D 489 -12.44 1.88 -15.32
CA ASP D 489 -11.52 0.81 -15.74
C ASP D 489 -12.17 -0.18 -16.71
N LEU D 490 -13.49 -0.39 -16.61
CA LEU D 490 -14.14 -1.32 -17.52
C LEU D 490 -14.16 -0.80 -18.95
N MET D 491 -14.45 0.49 -19.13
CA MET D 491 -14.42 1.07 -20.47
C MET D 491 -13.00 1.30 -20.97
N ARG D 492 -12.01 1.30 -20.08
CA ARG D 492 -10.60 1.42 -20.45
C ARG D 492 -9.93 0.08 -20.63
N PHE D 493 -10.61 -1.03 -20.32
CA PHE D 493 -10.04 -2.36 -20.49
C PHE D 493 -10.87 -3.27 -21.37
N CYS D 494 -12.12 -2.91 -21.68
CA CYS D 494 -12.98 -3.75 -22.49
C CYS D 494 -12.52 -3.84 -23.95
N TRP D 495 -11.76 -2.86 -24.43
CA TRP D 495 -11.23 -2.95 -25.79
C TRP D 495 -10.17 -4.03 -25.90
N LEU D 496 -9.24 -4.07 -24.93
CA LEU D 496 -8.25 -5.14 -24.88
C LEU D 496 -8.91 -6.50 -24.64
N MET D 497 -9.91 -6.54 -23.74
CA MET D 497 -10.63 -7.78 -23.48
C MET D 497 -11.37 -8.28 -24.71
N ALA D 498 -12.04 -7.38 -25.43
CA ALA D 498 -12.76 -7.78 -26.64
C ALA D 498 -11.82 -8.18 -27.76
N VAL D 499 -10.65 -7.56 -27.82
CA VAL D 499 -9.63 -7.94 -28.81
C VAL D 499 -9.15 -9.36 -28.57
N VAL D 500 -8.86 -9.70 -27.30
CA VAL D 500 -8.40 -11.05 -26.97
C VAL D 500 -9.53 -12.06 -27.16
N ILE D 501 -10.76 -11.67 -26.82
CA ILE D 501 -11.92 -12.55 -26.98
C ILE D 501 -12.17 -12.85 -28.45
N LEU D 502 -12.08 -11.82 -29.31
CA LEU D 502 -12.28 -12.02 -30.74
C LEU D 502 -11.20 -12.92 -31.35
N GLY D 503 -9.94 -12.68 -30.97
CA GLY D 503 -8.86 -13.50 -31.53
C GLY D 503 -8.94 -14.96 -31.10
N PHE D 504 -9.12 -15.21 -29.81
CA PHE D 504 -9.18 -16.59 -29.35
C PHE D 504 -10.49 -17.27 -29.71
N ALA D 505 -11.58 -16.52 -29.88
CA ALA D 505 -12.82 -17.12 -30.35
C ALA D 505 -12.72 -17.52 -31.81
N SER D 506 -12.04 -16.70 -32.63
CA SER D 506 -11.81 -17.07 -34.02
C SER D 506 -10.90 -18.30 -34.12
N ALA D 507 -9.86 -18.36 -33.28
CA ALA D 507 -8.98 -19.53 -33.26
C ALA D 507 -9.71 -20.78 -32.80
N PHE D 508 -10.53 -20.67 -31.75
CA PHE D 508 -11.25 -21.83 -31.24
C PHE D 508 -12.37 -22.26 -32.18
N HIS D 509 -12.92 -21.33 -32.95
CA HIS D 509 -13.92 -21.71 -33.94
C HIS D 509 -13.28 -22.44 -35.13
N ILE D 510 -12.14 -21.93 -35.61
CA ILE D 510 -11.54 -22.60 -36.78
C ILE D 510 -10.82 -23.89 -36.41
N THR D 511 -10.46 -24.09 -35.12
CA THR D 511 -9.91 -25.39 -34.76
C THR D 511 -10.99 -26.45 -34.65
N PHE D 512 -12.21 -26.06 -34.26
CA PHE D 512 -13.32 -26.99 -34.11
C PHE D 512 -14.33 -26.88 -35.25
N GLN D 513 -13.95 -26.26 -36.38
CA GLN D 513 -14.81 -26.27 -37.54
C GLN D 513 -14.83 -27.64 -38.22
N THR D 514 -13.76 -28.41 -38.08
CA THR D 514 -13.63 -29.72 -38.69
C THR D 514 -13.94 -30.85 -37.71
N GLU D 515 -14.60 -30.55 -36.61
CA GLU D 515 -14.86 -31.54 -35.57
C GLU D 515 -16.36 -31.70 -35.38
N ASP D 516 -16.73 -32.80 -34.72
CA ASP D 516 -18.12 -33.10 -34.46
C ASP D 516 -18.65 -32.18 -33.36
N PRO D 517 -19.73 -31.43 -33.61
CA PRO D 517 -20.29 -30.56 -32.56
C PRO D 517 -20.95 -31.30 -31.41
N ASN D 518 -21.22 -32.60 -31.53
CA ASN D 518 -21.86 -33.32 -30.44
C ASN D 518 -20.88 -33.57 -29.30
N ASN D 519 -19.63 -33.89 -29.62
CA ASN D 519 -18.66 -34.23 -28.58
C ASN D 519 -18.15 -33.00 -27.85
N LEU D 520 -17.99 -31.87 -28.55
CA LEU D 520 -17.55 -30.63 -27.92
C LEU D 520 -18.21 -29.49 -28.67
N GLY D 521 -19.35 -29.02 -28.15
CA GLY D 521 -20.13 -28.00 -28.82
C GLY D 521 -19.94 -26.60 -28.25
N GLU D 522 -18.86 -26.39 -27.51
CA GLU D 522 -18.59 -25.06 -26.98
C GLU D 522 -18.15 -24.10 -28.07
N PHE D 523 -17.48 -24.60 -29.11
CA PHE D 523 -17.10 -23.80 -30.26
C PHE D 523 -17.64 -24.50 -31.51
N SER D 524 -18.91 -24.24 -31.81
CA SER D 524 -19.55 -24.76 -33.02
C SER D 524 -20.02 -23.65 -33.94
N ASP D 525 -20.63 -22.60 -33.40
CA ASP D 525 -20.96 -21.40 -34.15
C ASP D 525 -20.14 -20.24 -33.59
N TYR D 526 -19.85 -19.27 -34.46
CA TYR D 526 -19.04 -18.12 -34.06
C TYR D 526 -19.66 -17.26 -32.96
N PRO D 527 -20.97 -16.94 -32.93
CA PRO D 527 -21.52 -16.33 -31.70
C PRO D 527 -21.40 -17.19 -30.45
N THR D 528 -21.59 -18.52 -30.58
CA THR D 528 -21.42 -19.40 -29.44
C THR D 528 -19.96 -19.53 -29.05
N ALA D 529 -19.05 -19.46 -30.02
CA ALA D 529 -17.62 -19.44 -29.71
C ALA D 529 -17.23 -18.16 -28.98
N LEU D 530 -17.79 -17.03 -29.41
CA LEU D 530 -17.54 -15.77 -28.72
C LEU D 530 -18.06 -15.79 -27.29
N PHE D 531 -19.26 -16.34 -27.08
CA PHE D 531 -19.81 -16.40 -25.73
C PHE D 531 -19.05 -17.39 -24.85
N SER D 532 -18.62 -18.52 -25.42
CA SER D 532 -17.85 -19.49 -24.66
C SER D 532 -16.47 -18.96 -24.29
N THR D 533 -15.82 -18.23 -25.19
CA THR D 533 -14.54 -17.62 -24.84
C THR D 533 -14.70 -16.48 -23.84
N PHE D 534 -15.80 -15.72 -23.92
CA PHE D 534 -16.06 -14.69 -22.93
C PHE D 534 -16.32 -15.30 -21.56
N GLU D 535 -16.99 -16.46 -21.51
CA GLU D 535 -17.13 -17.19 -20.25
C GLU D 535 -15.79 -17.71 -19.75
N LEU D 536 -14.95 -18.21 -20.66
CA LEU D 536 -13.65 -18.75 -20.25
C LEU D 536 -12.67 -17.67 -19.85
N PHE D 537 -12.92 -16.41 -20.26
CA PHE D 537 -12.08 -15.30 -19.83
C PHE D 537 -12.23 -15.05 -18.33
N LEU D 538 -13.46 -15.10 -17.84
CA LEU D 538 -13.75 -14.78 -16.44
C LEU D 538 -13.77 -16.02 -15.54
N THR D 539 -13.40 -17.18 -16.09
CA THR D 539 -13.32 -18.47 -15.39
C THR D 539 -14.64 -18.85 -14.72
N ILE D 540 -15.75 -18.58 -15.40
CA ILE D 540 -17.07 -18.93 -14.89
C ILE D 540 -17.56 -20.27 -15.42
N ILE D 541 -16.96 -20.79 -16.49
CA ILE D 541 -17.22 -22.16 -16.95
C ILE D 541 -15.89 -22.90 -17.00
N ASP D 542 -15.99 -24.22 -17.03
CA ASP D 542 -14.79 -25.04 -17.17
C ASP D 542 -14.27 -24.99 -18.59
N GLY D 543 -12.99 -25.32 -18.73
CA GLY D 543 -12.40 -25.54 -20.03
C GLY D 543 -13.04 -26.73 -20.71
N PRO D 544 -13.32 -26.62 -22.00
CA PRO D 544 -13.96 -27.72 -22.73
C PRO D 544 -13.02 -28.90 -22.90
N ALA D 545 -13.40 -30.03 -22.32
CA ALA D 545 -12.54 -31.22 -22.35
C ALA D 545 -13.43 -32.45 -22.44
N ASN D 546 -13.16 -33.30 -23.42
CA ASN D 546 -13.83 -34.58 -23.60
C ASN D 546 -12.73 -35.62 -23.72
N TYR D 547 -12.48 -36.35 -22.63
CA TYR D 547 -11.35 -37.26 -22.56
C TYR D 547 -11.62 -38.63 -23.16
N SER D 548 -12.84 -38.85 -23.66
CA SER D 548 -13.16 -40.08 -24.37
C SER D 548 -12.93 -39.97 -25.88
N VAL D 549 -12.60 -38.79 -26.39
CA VAL D 549 -12.33 -38.58 -27.81
C VAL D 549 -11.04 -37.78 -27.94
N ASP D 550 -10.48 -37.81 -29.15
CA ASP D 550 -9.21 -37.13 -29.44
C ASP D 550 -9.50 -35.72 -29.93
N LEU D 551 -9.29 -34.75 -29.04
CA LEU D 551 -9.36 -33.35 -29.43
C LEU D 551 -8.12 -32.99 -30.26
N PRO D 552 -8.23 -32.00 -31.15
CA PRO D 552 -7.03 -31.54 -31.88
C PRO D 552 -6.04 -30.87 -30.95
N PHE D 553 -4.76 -31.02 -31.30
CA PHE D 553 -3.68 -30.50 -30.45
C PHE D 553 -3.60 -28.98 -30.50
N MET D 554 -4.05 -28.38 -31.60
CA MET D 554 -4.03 -26.92 -31.70
C MET D 554 -4.98 -26.28 -30.71
N TYR D 555 -6.09 -26.95 -30.37
CA TYR D 555 -6.92 -26.51 -29.27
C TYR D 555 -6.15 -26.52 -27.96
N CYS D 556 -5.32 -27.56 -27.74
CA CYS D 556 -4.57 -27.66 -26.49
C CYS D 556 -3.54 -26.54 -26.37
N ILE D 557 -2.80 -26.25 -27.44
CA ILE D 557 -1.80 -25.18 -27.38
C ILE D 557 -2.47 -23.81 -27.30
N THR D 558 -3.55 -23.60 -28.06
CA THR D 558 -4.26 -22.33 -28.03
C THR D 558 -4.96 -22.09 -26.70
N TYR D 559 -5.47 -23.14 -26.06
CA TYR D 559 -6.09 -22.97 -24.75
C TYR D 559 -5.06 -22.82 -23.66
N ALA D 560 -3.87 -23.40 -23.80
CA ALA D 560 -2.78 -23.09 -22.89
C ALA D 560 -2.38 -21.61 -23.00
N ALA D 561 -2.33 -21.09 -24.22
CA ALA D 561 -2.05 -19.67 -24.44
C ALA D 561 -3.16 -18.78 -23.87
N PHE D 562 -4.42 -19.21 -24.03
CA PHE D 562 -5.54 -18.45 -23.47
C PHE D 562 -5.55 -18.51 -21.95
N ALA D 563 -5.12 -19.63 -21.36
CA ALA D 563 -5.06 -19.74 -19.91
C ALA D 563 -3.92 -18.90 -19.34
N ILE D 564 -2.81 -18.79 -20.07
CA ILE D 564 -1.71 -17.96 -19.61
C ILE D 564 -2.04 -16.47 -19.77
N ILE D 565 -2.32 -16.05 -21.02
CA ILE D 565 -2.39 -14.63 -21.34
C ILE D 565 -3.68 -14.02 -20.82
N ALA D 566 -4.82 -14.67 -21.08
CA ALA D 566 -6.11 -14.05 -20.81
C ALA D 566 -6.65 -14.37 -19.42
N THR D 567 -6.60 -15.64 -19.02
CA THR D 567 -7.13 -16.03 -17.72
C THR D 567 -6.25 -15.53 -16.58
N LEU D 568 -4.94 -15.73 -16.68
CA LEU D 568 -4.04 -15.46 -15.58
C LEU D 568 -3.52 -14.02 -15.57
N LEU D 569 -3.03 -13.54 -16.71
CA LEU D 569 -2.32 -12.26 -16.75
C LEU D 569 -3.27 -11.07 -16.88
N MET D 570 -4.10 -11.05 -17.92
CA MET D 570 -4.90 -9.87 -18.22
C MET D 570 -6.10 -9.71 -17.28
N LEU D 571 -6.63 -10.81 -16.75
CA LEU D 571 -7.78 -10.70 -15.84
C LEU D 571 -7.34 -10.12 -14.50
N ASN D 572 -6.25 -10.62 -13.93
CA ASN D 572 -5.76 -10.15 -12.64
C ASN D 572 -5.11 -8.78 -12.74
N LEU D 573 -4.81 -8.30 -13.94
CA LEU D 573 -4.52 -6.89 -14.15
C LEU D 573 -5.77 -6.03 -13.92
N PHE D 574 -6.93 -6.50 -14.41
CA PHE D 574 -8.17 -5.78 -14.19
C PHE D 574 -8.61 -5.85 -12.73
N ILE D 575 -8.31 -6.96 -12.05
CA ILE D 575 -8.56 -7.05 -10.61
C ILE D 575 -7.74 -6.02 -9.85
N ALA D 576 -6.48 -5.84 -10.23
CA ALA D 576 -5.61 -4.87 -9.57
C ALA D 576 -6.04 -3.44 -9.89
N MET D 577 -6.51 -3.20 -11.12
CA MET D 577 -7.04 -1.88 -11.48
C MET D 577 -8.29 -1.55 -10.68
N MET D 578 -9.17 -2.53 -10.48
CA MET D 578 -10.35 -2.31 -9.65
C MET D 578 -9.98 -2.12 -8.19
N GLY D 579 -8.93 -2.79 -7.71
CA GLY D 579 -8.45 -2.56 -6.36
C GLY D 579 -7.89 -1.16 -6.17
N ASP D 580 -7.16 -0.65 -7.18
CA ASP D 580 -6.66 0.71 -7.11
C ASP D 580 -7.79 1.73 -7.17
N THR D 581 -8.83 1.47 -7.97
CA THR D 581 -9.99 2.35 -8.01
C THR D 581 -10.73 2.35 -6.67
N HIS D 582 -10.87 1.17 -6.06
CA HIS D 582 -11.50 1.05 -4.75
C HIS D 582 -10.71 1.80 -3.69
N TRP D 583 -9.37 1.71 -3.74
CA TRP D 583 -8.54 2.45 -2.80
C TRP D 583 -8.64 3.96 -3.02
N ARG D 584 -8.72 4.39 -4.29
CA ARG D 584 -8.86 5.81 -4.61
C ARG D 584 -10.16 6.39 -4.07
N VAL D 585 -11.26 5.65 -4.23
CA VAL D 585 -12.53 6.13 -3.67
C VAL D 585 -12.52 6.04 -2.14
N ALA D 586 -11.93 4.99 -1.57
CA ALA D 586 -11.92 4.83 -0.13
C ALA D 586 -11.02 5.83 0.59
N GLN D 587 -10.10 6.47 -0.13
CA GLN D 587 -9.35 7.56 0.48
C GLN D 587 -10.23 8.77 0.76
N GLU D 588 -11.20 9.04 -0.11
CA GLU D 588 -12.08 10.20 -0.01
C GLU D 588 -13.54 9.79 0.08
N ARG D 589 -13.84 8.81 0.94
CA ARG D 589 -15.21 8.28 1.02
C ARG D 589 -16.14 9.27 1.71
N ASP D 590 -15.66 9.99 2.72
CA ASP D 590 -16.53 10.88 3.49
C ASP D 590 -16.93 12.11 2.70
N GLU D 591 -16.01 12.67 1.91
CA GLU D 591 -16.32 13.81 1.06
C GLU D 591 -17.35 13.45 -0.01
N LEU D 592 -17.18 12.28 -0.63
CA LEU D 592 -18.11 11.83 -1.67
C LEU D 592 -19.48 11.51 -1.09
N TRP D 593 -19.52 10.90 0.10
CA TRP D 593 -20.81 10.63 0.73
C TRP D 593 -21.50 11.92 1.18
N ARG D 594 -20.72 12.90 1.63
CA ARG D 594 -21.30 14.20 1.99
C ARG D 594 -21.85 14.91 0.77
N ALA D 595 -21.16 14.82 -0.37
CA ALA D 595 -21.66 15.41 -1.62
C ALA D 595 -22.94 14.73 -2.08
N GLN D 596 -23.01 13.40 -1.94
CA GLN D 596 -24.24 12.67 -2.24
C GLN D 596 -25.38 13.08 -1.31
N VAL D 597 -25.07 13.31 -0.04
CA VAL D 597 -26.07 13.74 0.94
C VAL D 597 -26.62 15.13 0.57
N VAL D 598 -25.74 16.06 0.18
CA VAL D 598 -26.20 17.40 -0.18
C VAL D 598 -27.00 17.36 -1.48
N ALA D 599 -26.59 16.54 -2.45
CA ALA D 599 -27.34 16.41 -3.69
C ALA D 599 -28.72 15.81 -3.46
N THR D 600 -28.81 14.78 -2.62
CA THR D 600 -30.09 14.16 -2.30
C THR D 600 -30.98 15.12 -1.51
N THR D 601 -30.40 15.89 -0.60
CA THR D 601 -31.18 16.86 0.18
C THR D 601 -31.71 17.98 -0.70
N VAL D 602 -30.91 18.45 -1.66
CA VAL D 602 -31.36 19.47 -2.61
C VAL D 602 -32.47 18.92 -3.51
N MET D 603 -32.32 17.68 -3.98
CA MET D 603 -33.35 17.06 -4.81
C MET D 603 -34.66 16.87 -4.05
N LEU D 604 -34.58 16.42 -2.79
CA LEU D 604 -35.79 16.23 -2.00
C LEU D 604 -36.41 17.54 -1.56
N GLU D 605 -35.61 18.60 -1.41
CA GLU D 605 -36.19 19.90 -1.09
C GLU D 605 -36.86 20.51 -2.31
N ARG D 606 -36.31 20.27 -3.51
CA ARG D 606 -36.90 20.82 -4.72
C ARG D 606 -38.16 20.08 -5.14
N LYS D 607 -38.16 18.75 -5.07
CA LYS D 607 -39.26 17.99 -5.66
C LYS D 607 -40.45 17.80 -4.72
N MET D 608 -40.21 17.54 -3.44
CA MET D 608 -41.28 17.34 -2.48
C MET D 608 -41.99 18.66 -2.18
N PRO D 609 -43.25 18.62 -1.77
CA PRO D 609 -43.99 19.87 -1.49
C PRO D 609 -43.44 20.62 -0.28
N ARG D 610 -43.84 21.89 -0.18
CA ARG D 610 -43.26 22.79 0.80
C ARG D 610 -43.72 22.49 2.22
N PHE D 611 -44.92 21.92 2.38
CA PHE D 611 -45.43 21.66 3.72
C PHE D 611 -44.69 20.51 4.42
N LEU D 612 -44.02 19.64 3.66
CA LEU D 612 -43.17 18.63 4.26
C LEU D 612 -41.76 19.14 4.54
N TRP D 613 -41.38 20.29 3.96
CA TRP D 613 -40.04 20.86 4.12
C TRP D 613 -40.15 22.30 4.59
N PRO D 614 -40.22 22.54 5.90
CA PRO D 614 -40.16 23.91 6.41
C PRO D 614 -38.79 24.53 6.17
N ARG D 615 -38.77 25.86 6.17
CA ARG D 615 -37.53 26.58 5.92
C ARG D 615 -36.56 26.40 7.08
N SER D 616 -35.37 25.90 6.78
CA SER D 616 -34.40 25.53 7.79
C SER D 616 -33.71 26.77 8.35
N GLY D 617 -33.50 26.78 9.67
CA GLY D 617 -32.86 27.88 10.35
C GLY D 617 -33.80 28.55 11.33
N ILE D 618 -33.22 29.44 12.13
CA ILE D 618 -34.00 30.22 13.08
C ILE D 618 -34.80 31.28 12.34
N CYS D 619 -35.95 31.64 12.90
CA CYS D 619 -36.90 32.51 12.20
C CYS D 619 -36.36 33.92 12.04
N GLY D 620 -35.73 34.47 13.07
CA GLY D 620 -35.17 35.81 12.97
C GLY D 620 -36.13 36.98 13.18
N TYR D 621 -37.28 36.95 12.50
CA TYR D 621 -38.26 38.02 12.65
C TYR D 621 -38.93 37.99 14.01
N GLU D 622 -39.05 36.81 14.62
CA GLU D 622 -39.69 36.70 15.92
C GLU D 622 -38.81 37.24 17.05
N TYR D 623 -37.49 37.23 16.86
CA TYR D 623 -36.56 37.59 17.91
C TYR D 623 -36.02 39.02 17.77
N GLY D 624 -36.75 39.88 17.07
CA GLY D 624 -36.39 41.29 16.96
C GLY D 624 -35.42 41.62 15.86
N LEU D 625 -34.89 40.63 15.14
CA LEU D 625 -33.99 40.87 14.04
C LEU D 625 -34.79 41.13 12.76
N GLY D 626 -34.11 41.13 11.62
CA GLY D 626 -34.75 41.41 10.35
C GLY D 626 -35.44 40.19 9.77
N ASP D 627 -35.66 40.24 8.46
CA ASP D 627 -36.33 39.16 7.75
C ASP D 627 -35.40 38.00 7.39
N ARG D 628 -34.11 38.11 7.69
CA ARG D 628 -33.17 37.05 7.39
C ARG D 628 -33.38 35.86 8.33
N TRP D 629 -33.00 34.68 7.84
CA TRP D 629 -33.06 33.45 8.61
C TRP D 629 -31.65 33.02 8.96
N PHE D 630 -31.40 32.81 10.25
CA PHE D 630 -30.07 32.57 10.78
C PHE D 630 -29.89 31.12 11.19
N LEU D 631 -28.63 30.76 11.43
CA LEU D 631 -28.26 29.43 11.93
C LEU D 631 -27.23 29.59 13.02
N ARG D 632 -27.50 29.02 14.19
CA ARG D 632 -26.62 29.15 15.34
C ARG D 632 -25.65 27.97 15.38
N VAL D 633 -24.36 28.27 15.46
CA VAL D 633 -23.31 27.26 15.53
C VAL D 633 -22.51 27.52 16.80
N GLU D 634 -22.45 26.51 17.67
CA GLU D 634 -21.67 26.59 18.90
C GLU D 634 -20.41 25.76 18.71
N ASN D 635 -19.25 26.42 18.80
CA ASN D 635 -17.97 25.78 18.52
C ASN D 635 -17.07 25.84 19.75
N HIS D 636 -16.21 24.82 19.86
CA HIS D 636 -15.30 24.68 21.00
C HIS D 636 -13.90 25.06 20.54
N HIS D 637 -13.61 26.37 20.61
CA HIS D 637 -12.27 26.85 20.30
C HIS D 637 -11.39 26.75 21.54
N ASP D 638 -10.07 26.81 21.29
CA ASP D 638 -9.01 26.76 22.32
C ASP D 638 -9.09 25.52 23.22
#